data_5BNE
#
_entry.id   5BNE
#
_cell.length_a   77.300
_cell.length_b   78.400
_cell.length_c   117.200
_cell.angle_alpha   90.00
_cell.angle_beta   90.70
_cell.angle_gamma   90.00
#
_symmetry.space_group_name_H-M   'P 1 21 1'
#
loop_
_entity.id
_entity.type
_entity.pdbx_description
1 polymer 'Anthranilate phosphoribosyltransferase'
2 non-polymer '2-[(2-carboxyphenyl)amino]-5-[(5-phosphonopentyl)oxy]benzoic acid'
3 non-polymer IMIDAZOLE
4 water water
#
_entity_poly.entity_id   1
_entity_poly.type   'polypeptide(L)'
_entity_poly.pdbx_seq_one_letter_code
;MVALSAEGSSGGSRGGSPKAEAASVPSWPQILGRLTDNRDLARGQAAWAMDQIMTGNARPAQIAAFAVAMTMKAPTADEV
GELAGVMLSHAHPLPADTVPDDAVDVVGTGGDGVNTVNLSTMAAIVVAAAGVPVVKHGNRAASSLSGGADTLEALGVRID
LGPDLVARSLAEVGIGFCFAPRFHPSYRHAAAVRREIGVPTVFNLLGPLTNPARPRAGLIGCAFADLAEVMAGVFAARRS
SVLVVHGDDGLDELTTTTTSTIWRVAAGSVDKLTFDPAGFGFARAQLDQLAGGDAQANAAAVRAVLGGARGPVRDAVVLN
AAGAIVAHAGLSSRAEWLPAWEEGLRRASAAIDTGAAEQLLARWVRFGRQILEHHHHHH
;
_entity_poly.pdbx_strand_id   A,B,C,D
#
# COMPACT_ATOMS: atom_id res chain seq x y z
N PRO A 26 -29.17 -40.31 -22.23
CA PRO A 26 -27.79 -40.07 -21.82
C PRO A 26 -27.12 -38.98 -22.63
N SER A 27 -26.70 -37.91 -21.96
CA SER A 27 -26.00 -36.81 -22.62
C SER A 27 -25.19 -36.00 -21.61
N TRP A 28 -24.34 -35.11 -22.13
CA TRP A 28 -23.48 -34.32 -21.27
C TRP A 28 -24.24 -33.28 -20.45
N PRO A 29 -25.25 -32.63 -21.06
CA PRO A 29 -26.01 -31.65 -20.27
C PRO A 29 -26.74 -32.29 -19.09
N GLN A 30 -27.16 -33.54 -19.25
CA GLN A 30 -27.87 -34.25 -18.18
C GLN A 30 -26.89 -34.65 -17.07
N ILE A 31 -25.80 -35.30 -17.46
CA ILE A 31 -24.82 -35.79 -16.51
C ILE A 31 -24.15 -34.62 -15.77
N LEU A 32 -23.70 -33.62 -16.51
CA LEU A 32 -23.06 -32.47 -15.90
C LEU A 32 -24.05 -31.65 -15.10
N GLY A 33 -25.31 -31.64 -15.54
CA GLY A 33 -26.35 -30.96 -14.81
C GLY A 33 -26.59 -31.63 -13.47
N ARG A 34 -26.64 -32.96 -13.48
CA ARG A 34 -26.84 -33.72 -12.26
C ARG A 34 -25.69 -33.50 -11.28
N LEU A 35 -24.46 -33.53 -11.80
CA LEU A 35 -23.29 -33.40 -10.95
C LEU A 35 -23.20 -32.01 -10.32
N THR A 36 -23.38 -30.97 -11.12
CA THR A 36 -23.29 -29.59 -10.62
C THR A 36 -24.41 -29.30 -9.62
N ASP A 37 -25.44 -30.14 -9.61
CA ASP A 37 -26.54 -30.05 -8.66
C ASP A 37 -26.23 -30.85 -7.41
N ASN A 38 -25.00 -31.37 -7.33
CA ASN A 38 -24.51 -32.17 -6.21
C ASN A 38 -25.31 -33.46 -6.00
N ARG A 39 -25.84 -33.99 -7.10
CA ARG A 39 -26.57 -35.25 -7.08
C ARG A 39 -25.71 -36.39 -7.64
N ASP A 40 -25.77 -37.54 -6.97
CA ASP A 40 -25.13 -38.74 -7.48
C ASP A 40 -25.71 -39.11 -8.84
N LEU A 41 -24.89 -39.71 -9.71
CA LEU A 41 -25.35 -40.10 -11.03
C LEU A 41 -26.24 -41.34 -10.97
N ALA A 42 -27.05 -41.52 -12.00
CA ALA A 42 -27.81 -42.75 -12.16
C ALA A 42 -26.88 -43.85 -12.64
N ARG A 43 -27.22 -45.10 -12.34
CA ARG A 43 -26.44 -46.24 -12.81
C ARG A 43 -26.28 -46.17 -14.33
N GLY A 44 -25.03 -46.30 -14.79
CA GLY A 44 -24.73 -46.30 -16.22
C GLY A 44 -24.21 -44.97 -16.76
N GLN A 45 -24.52 -43.87 -16.09
CA GLN A 45 -24.16 -42.55 -16.61
C GLN A 45 -22.66 -42.31 -16.56
N ALA A 46 -22.02 -42.69 -15.45
CA ALA A 46 -20.57 -42.54 -15.34
C ALA A 46 -19.87 -43.37 -16.42
N ALA A 47 -20.34 -44.60 -16.61
CA ALA A 47 -19.77 -45.48 -17.62
C ALA A 47 -19.94 -44.89 -19.02
N TRP A 48 -21.11 -44.32 -19.30
CA TRP A 48 -21.34 -43.68 -20.58
C TRP A 48 -20.36 -42.54 -20.77
N ALA A 49 -20.28 -41.67 -19.76
CA ALA A 49 -19.38 -40.52 -19.80
C ALA A 49 -17.94 -40.94 -20.08
N MET A 50 -17.47 -41.98 -19.39
CA MET A 50 -16.08 -42.40 -19.52
C MET A 50 -15.83 -42.99 -20.90
N ASP A 51 -16.78 -43.75 -21.42
CA ASP A 51 -16.60 -44.34 -22.74
C ASP A 51 -16.55 -43.27 -23.82
N GLN A 52 -17.37 -42.23 -23.68
CA GLN A 52 -17.29 -41.10 -24.60
C GLN A 52 -15.87 -40.51 -24.55
N ILE A 53 -15.31 -40.46 -23.35
CA ILE A 53 -13.95 -39.96 -23.16
C ILE A 53 -12.93 -40.91 -23.78
N MET A 54 -13.12 -42.22 -23.55
CA MET A 54 -12.19 -43.24 -24.05
C MET A 54 -12.28 -43.46 -25.56
N THR A 55 -13.25 -42.84 -26.22
CA THR A 55 -13.41 -43.02 -27.67
C THR A 55 -13.15 -41.73 -28.45
N GLY A 56 -12.70 -40.69 -27.76
CA GLY A 56 -12.42 -39.42 -28.42
C GLY A 56 -13.68 -38.69 -28.83
N ASN A 57 -14.82 -39.06 -28.24
CA ASN A 57 -16.08 -38.41 -28.53
C ASN A 57 -16.43 -37.32 -27.53
N ALA A 58 -15.57 -37.12 -26.53
CA ALA A 58 -15.77 -36.08 -25.53
C ALA A 58 -14.87 -34.88 -25.82
N ARG A 59 -15.47 -33.69 -25.91
CA ARG A 59 -14.69 -32.47 -26.07
C ARG A 59 -13.88 -32.23 -24.80
N PRO A 60 -12.68 -31.63 -24.94
CA PRO A 60 -11.87 -31.36 -23.74
C PRO A 60 -12.66 -30.65 -22.65
N ALA A 61 -13.47 -29.68 -23.05
CA ALA A 61 -14.33 -28.96 -22.11
C ALA A 61 -15.24 -29.92 -21.35
N GLN A 62 -15.76 -30.92 -22.06
CA GLN A 62 -16.66 -31.89 -21.45
C GLN A 62 -15.91 -32.83 -20.51
N ILE A 63 -14.67 -33.18 -20.87
CA ILE A 63 -13.85 -34.02 -20.01
C ILE A 63 -13.53 -33.27 -18.72
N ALA A 64 -13.05 -32.04 -18.86
CA ALA A 64 -12.69 -31.23 -17.71
C ALA A 64 -13.91 -30.95 -16.83
N ALA A 65 -15.03 -30.59 -17.45
CA ALA A 65 -16.26 -30.32 -16.71
C ALA A 65 -16.68 -31.55 -15.90
N PHE A 66 -16.57 -32.73 -16.52
CA PHE A 66 -16.97 -33.98 -15.87
C PHE A 66 -16.10 -34.30 -14.67
N ALA A 67 -14.79 -34.22 -14.88
CA ALA A 67 -13.82 -34.56 -13.84
C ALA A 67 -13.96 -33.63 -12.64
N VAL A 68 -14.04 -32.33 -12.91
CA VAL A 68 -14.14 -31.33 -11.85
C VAL A 68 -15.46 -31.48 -11.11
N ALA A 69 -16.55 -31.56 -11.85
CA ALA A 69 -17.88 -31.61 -11.28
C ALA A 69 -18.04 -32.81 -10.34
N MET A 70 -17.57 -33.97 -10.76
CA MET A 70 -17.71 -35.18 -9.94
C MET A 70 -16.80 -35.10 -8.72
N THR A 71 -15.63 -34.51 -8.89
CA THR A 71 -14.70 -34.31 -7.77
C THR A 71 -15.35 -33.48 -6.67
N MET A 72 -15.93 -32.34 -7.03
CA MET A 72 -16.50 -31.44 -6.05
C MET A 72 -17.81 -31.98 -5.48
N LYS A 73 -18.55 -32.74 -6.30
CA LYS A 73 -19.74 -33.42 -5.84
C LYS A 73 -19.38 -34.47 -4.77
N ALA A 74 -18.20 -35.07 -4.91
CA ALA A 74 -17.70 -36.19 -4.13
C ALA A 74 -18.14 -37.51 -4.76
N PRO A 75 -17.22 -38.22 -5.43
CA PRO A 75 -17.57 -39.45 -6.14
C PRO A 75 -17.97 -40.60 -5.22
N THR A 76 -18.76 -41.53 -5.76
CA THR A 76 -19.12 -42.74 -5.05
C THR A 76 -18.33 -43.91 -5.59
N ALA A 77 -18.32 -45.01 -4.85
CA ALA A 77 -17.65 -46.23 -5.29
C ALA A 77 -18.27 -46.74 -6.58
N ASP A 78 -19.60 -46.65 -6.67
CA ASP A 78 -20.30 -47.08 -7.87
C ASP A 78 -19.87 -46.28 -9.09
N GLU A 79 -19.76 -44.96 -8.93
CA GLU A 79 -19.34 -44.11 -10.03
C GLU A 79 -17.90 -44.40 -10.45
N VAL A 80 -16.97 -44.41 -9.50
CA VAL A 80 -15.57 -44.68 -9.79
C VAL A 80 -15.43 -46.08 -10.38
N GLY A 81 -16.16 -47.05 -9.83
CA GLY A 81 -16.16 -48.39 -10.35
C GLY A 81 -16.57 -48.44 -11.82
N GLU A 82 -17.51 -47.59 -12.21
CA GLU A 82 -17.94 -47.56 -13.60
C GLU A 82 -16.87 -46.92 -14.47
N LEU A 83 -16.25 -45.87 -13.96
CA LEU A 83 -15.14 -45.24 -14.67
C LEU A 83 -14.00 -46.24 -14.89
N ALA A 84 -13.57 -46.88 -13.79
CA ALA A 84 -12.46 -47.83 -13.84
C ALA A 84 -12.77 -49.03 -14.74
N GLY A 85 -14.02 -49.49 -14.71
CA GLY A 85 -14.42 -50.63 -15.50
C GLY A 85 -14.31 -50.36 -16.99
N VAL A 86 -14.75 -49.17 -17.40
CA VAL A 86 -14.66 -48.76 -18.79
C VAL A 86 -13.19 -48.62 -19.21
N MET A 87 -12.43 -47.86 -18.44
CA MET A 87 -11.03 -47.61 -18.75
C MET A 87 -10.24 -48.91 -18.84
N LEU A 88 -10.50 -49.81 -17.91
CA LEU A 88 -9.82 -51.10 -17.91
C LEU A 88 -10.20 -51.94 -19.13
N SER A 89 -11.44 -51.85 -19.59
CA SER A 89 -11.87 -52.64 -20.74
C SER A 89 -11.24 -52.09 -22.01
N HIS A 90 -10.83 -50.82 -21.99
CA HIS A 90 -10.16 -50.19 -23.12
C HIS A 90 -8.67 -50.49 -23.17
N ALA A 91 -8.14 -51.01 -22.08
CA ALA A 91 -6.69 -51.20 -21.96
C ALA A 91 -6.19 -52.45 -22.69
N HIS A 92 -4.93 -52.43 -23.07
CA HIS A 92 -4.27 -53.63 -23.61
C HIS A 92 -4.06 -54.63 -22.48
N PRO A 93 -4.45 -55.90 -22.68
CA PRO A 93 -4.19 -56.89 -21.64
C PRO A 93 -2.80 -57.49 -21.76
N LEU A 94 -2.37 -58.23 -20.74
CA LEU A 94 -1.20 -59.08 -20.87
C LEU A 94 -1.65 -60.36 -21.56
N PRO A 95 -0.69 -61.13 -22.10
CA PRO A 95 -1.07 -62.40 -22.70
C PRO A 95 -1.73 -63.33 -21.69
N ALA A 96 -2.54 -64.27 -22.16
CA ALA A 96 -3.24 -65.20 -21.28
C ALA A 96 -2.25 -66.09 -20.52
N ASP A 97 -2.51 -66.27 -19.23
CA ASP A 97 -1.70 -67.13 -18.37
C ASP A 97 -0.26 -66.65 -18.28
N THR A 98 -0.09 -65.37 -18.00
CA THR A 98 1.23 -64.78 -17.78
C THR A 98 1.27 -64.07 -16.43
N VAL A 99 0.10 -63.66 -15.95
CA VAL A 99 -0.01 -63.02 -14.66
C VAL A 99 -0.45 -64.05 -13.62
N PRO A 100 0.41 -64.34 -12.63
CA PRO A 100 0.00 -65.30 -11.59
C PRO A 100 -1.28 -64.86 -10.89
N ASP A 101 -2.03 -65.82 -10.35
CA ASP A 101 -3.26 -65.52 -9.63
C ASP A 101 -3.00 -64.63 -8.42
N ASP A 102 -1.81 -64.76 -7.84
CA ASP A 102 -1.51 -64.10 -6.58
C ASP A 102 -0.61 -62.86 -6.74
N ALA A 103 -0.60 -62.29 -7.94
CA ALA A 103 0.14 -61.06 -8.19
C ALA A 103 -0.44 -59.89 -7.39
N VAL A 104 0.42 -58.98 -6.94
CA VAL A 104 -0.03 -57.83 -6.17
C VAL A 104 0.45 -56.51 -6.77
N ASP A 105 -0.19 -55.43 -6.34
CA ASP A 105 0.22 -54.08 -6.69
C ASP A 105 0.57 -53.33 -5.41
N VAL A 106 1.52 -52.41 -5.52
CA VAL A 106 1.89 -51.53 -4.41
C VAL A 106 1.99 -50.11 -4.96
N VAL A 107 1.10 -49.23 -4.50
CA VAL A 107 0.99 -47.91 -5.10
C VAL A 107 0.16 -46.97 -4.25
N GLY A 108 0.42 -45.68 -4.38
CA GLY A 108 -0.40 -44.64 -3.78
C GLY A 108 -0.92 -43.71 -4.87
N THR A 109 -2.12 -43.17 -4.65
CA THR A 109 -2.74 -42.27 -5.62
C THR A 109 -2.08 -40.90 -5.66
N GLY A 110 -1.11 -40.66 -4.77
CA GLY A 110 -0.34 -39.44 -4.76
C GLY A 110 -0.59 -38.60 -3.52
N GLY A 111 0.46 -37.96 -3.03
CA GLY A 111 0.37 -37.13 -1.85
C GLY A 111 -0.24 -35.77 -2.16
N ASP A 112 -0.32 -34.91 -1.14
CA ASP A 112 -0.87 -33.57 -1.29
C ASP A 112 0.21 -32.52 -1.07
N THR A 116 5.27 -39.99 -2.53
CA THR A 116 5.65 -41.24 -1.84
C THR A 116 6.09 -42.30 -2.83
N VAL A 117 6.45 -41.90 -4.05
CA VAL A 117 6.87 -42.83 -5.08
C VAL A 117 8.12 -43.58 -4.64
N ASN A 118 8.92 -42.94 -3.81
CA ASN A 118 10.08 -43.58 -3.21
C ASN A 118 9.67 -44.77 -2.35
N LEU A 119 8.63 -44.59 -1.53
CA LEU A 119 8.19 -45.64 -0.64
C LEU A 119 7.59 -46.81 -1.41
N SER A 120 6.64 -46.51 -2.30
CA SER A 120 5.92 -47.54 -3.03
C SER A 120 6.87 -48.33 -3.94
N THR A 121 7.78 -47.62 -4.59
CA THR A 121 8.72 -48.27 -5.50
C THR A 121 9.57 -49.26 -4.71
N MET A 122 10.10 -48.83 -3.57
CA MET A 122 10.94 -49.69 -2.76
C MET A 122 10.14 -50.86 -2.21
N ALA A 123 8.93 -50.57 -1.70
CA ALA A 123 8.08 -51.60 -1.14
C ALA A 123 7.78 -52.69 -2.17
N ALA A 124 7.58 -52.28 -3.42
CA ALA A 124 7.29 -53.23 -4.50
C ALA A 124 8.45 -54.18 -4.74
N ILE A 125 9.66 -53.64 -4.74
CA ILE A 125 10.87 -54.44 -4.94
C ILE A 125 11.04 -55.44 -3.79
N VAL A 126 10.81 -54.96 -2.57
CA VAL A 126 10.92 -55.81 -1.38
C VAL A 126 9.89 -56.94 -1.42
N VAL A 127 8.65 -56.62 -1.78
CA VAL A 127 7.60 -57.63 -1.86
C VAL A 127 7.94 -58.70 -2.89
N ALA A 128 8.44 -58.27 -4.06
CA ALA A 128 8.85 -59.21 -5.10
C ALA A 128 9.97 -60.12 -4.59
N ALA A 129 10.93 -59.54 -3.89
CA ALA A 129 12.05 -60.29 -3.35
C ALA A 129 11.62 -61.26 -2.25
N ALA A 130 10.43 -61.03 -1.70
CA ALA A 130 9.87 -61.91 -0.67
C ALA A 130 9.22 -63.15 -1.28
N GLY A 131 9.09 -63.16 -2.60
CA GLY A 131 8.54 -64.30 -3.31
C GLY A 131 7.13 -64.08 -3.80
N VAL A 132 6.64 -62.85 -3.67
CA VAL A 132 5.29 -62.49 -4.10
C VAL A 132 5.36 -61.78 -5.45
N PRO A 133 4.66 -62.30 -6.47
CA PRO A 133 4.70 -61.60 -7.76
C PRO A 133 4.15 -60.18 -7.67
N VAL A 134 4.87 -59.23 -8.25
CA VAL A 134 4.47 -57.83 -8.24
C VAL A 134 4.35 -57.32 -9.68
N VAL A 135 3.23 -56.67 -9.98
CA VAL A 135 3.12 -55.97 -11.24
C VAL A 135 2.60 -54.55 -10.98
N LYS A 136 3.45 -53.57 -11.30
CA LYS A 136 3.14 -52.18 -11.07
C LYS A 136 2.60 -51.51 -12.33
N HIS A 137 2.17 -50.27 -12.16
CA HIS A 137 1.43 -49.55 -13.18
C HIS A 137 1.58 -48.07 -12.91
N GLY A 138 2.32 -47.38 -13.78
CA GLY A 138 2.59 -45.97 -13.58
C GLY A 138 3.01 -45.23 -14.83
N ASN A 139 3.43 -43.98 -14.63
CA ASN A 139 3.73 -43.08 -15.73
C ASN A 139 4.88 -42.17 -15.36
N ARG A 140 5.41 -41.45 -16.35
CA ARG A 140 6.35 -40.36 -16.11
C ARG A 140 5.59 -39.09 -15.80
N ALA A 141 6.24 -38.16 -15.10
CA ALA A 141 5.63 -36.88 -14.77
C ALA A 141 6.60 -35.75 -15.10
N GLY A 147 6.87 -38.98 -9.79
CA GLY A 147 6.46 -39.94 -10.81
C GLY A 147 6.95 -41.33 -10.49
N GLY A 148 6.08 -42.32 -10.68
CA GLY A 148 6.40 -43.70 -10.35
C GLY A 148 7.44 -44.30 -11.28
N ALA A 149 7.23 -44.12 -12.58
CA ALA A 149 8.10 -44.67 -13.59
C ALA A 149 9.47 -43.99 -13.61
N ASP A 150 9.53 -42.73 -13.18
CA ASP A 150 10.75 -41.94 -13.30
C ASP A 150 11.85 -42.48 -12.41
N THR A 151 11.49 -42.83 -11.17
CA THR A 151 12.45 -43.36 -10.23
C THR A 151 13.05 -44.65 -10.78
N LEU A 152 12.23 -45.48 -11.40
CA LEU A 152 12.70 -46.74 -11.96
C LEU A 152 13.66 -46.51 -13.13
N GLU A 153 13.35 -45.53 -13.96
CA GLU A 153 14.25 -45.18 -15.06
C GLU A 153 15.57 -44.65 -14.54
N ALA A 154 15.52 -43.88 -13.46
CA ALA A 154 16.74 -43.38 -12.84
C ALA A 154 17.58 -44.55 -12.33
N LEU A 155 16.92 -45.63 -11.92
CA LEU A 155 17.61 -46.81 -11.41
C LEU A 155 18.13 -47.71 -12.54
N GLY A 156 17.75 -47.40 -13.77
CA GLY A 156 18.21 -48.13 -14.94
C GLY A 156 17.24 -49.19 -15.42
N VAL A 157 16.02 -49.17 -14.89
CA VAL A 157 15.00 -50.13 -15.30
C VAL A 157 14.34 -49.63 -16.57
N ARG A 158 14.17 -50.52 -17.54
CA ARG A 158 13.46 -50.19 -18.77
C ARG A 158 11.98 -50.28 -18.49
N ILE A 159 11.29 -49.15 -18.56
CA ILE A 159 9.90 -49.08 -18.10
C ILE A 159 8.86 -49.28 -19.21
N ASP A 160 9.18 -48.88 -20.44
CA ASP A 160 8.20 -48.88 -21.53
C ASP A 160 8.28 -50.17 -22.35
N LEU A 161 7.67 -51.23 -21.83
CA LEU A 161 7.68 -52.54 -22.49
C LEU A 161 6.27 -52.97 -22.85
N GLY A 162 6.15 -53.71 -23.94
CA GLY A 162 4.86 -54.24 -24.36
C GLY A 162 4.45 -55.43 -23.51
N PRO A 163 3.19 -55.87 -23.67
CA PRO A 163 2.59 -56.95 -22.89
C PRO A 163 3.47 -58.20 -22.76
N ASP A 164 4.00 -58.69 -23.88
CA ASP A 164 4.80 -59.91 -23.87
C ASP A 164 6.08 -59.78 -23.06
N LEU A 165 6.68 -58.59 -23.07
CA LEU A 165 7.93 -58.37 -22.35
C LEU A 165 7.64 -58.12 -20.86
N VAL A 166 6.51 -57.49 -20.55
CA VAL A 166 6.09 -57.36 -19.16
C VAL A 166 5.81 -58.77 -18.64
N ALA A 167 5.23 -59.61 -19.48
CA ALA A 167 4.95 -60.99 -19.11
C ALA A 167 6.26 -61.73 -18.83
N ARG A 168 7.25 -61.56 -19.70
CA ARG A 168 8.57 -62.15 -19.50
C ARG A 168 9.23 -61.66 -18.21
N SER A 169 9.10 -60.36 -17.95
CA SER A 169 9.71 -59.77 -16.76
C SER A 169 9.14 -60.40 -15.49
N LEU A 170 7.82 -60.61 -15.47
CA LEU A 170 7.18 -61.24 -14.32
C LEU A 170 7.73 -62.64 -14.07
N ALA A 171 7.84 -63.41 -15.14
CA ALA A 171 8.26 -64.80 -15.04
C ALA A 171 9.76 -64.93 -14.69
N GLU A 172 10.58 -64.03 -15.21
CA GLU A 172 12.04 -64.15 -15.08
C GLU A 172 12.59 -63.35 -13.90
N VAL A 173 11.96 -62.22 -13.60
CA VAL A 173 12.43 -61.33 -12.54
C VAL A 173 11.52 -61.39 -11.32
N GLY A 174 10.26 -61.74 -11.55
CA GLY A 174 9.30 -61.80 -10.46
C GLY A 174 8.60 -60.47 -10.25
N ILE A 175 8.93 -59.49 -11.10
CA ILE A 175 8.29 -58.19 -11.05
C ILE A 175 8.15 -57.62 -12.45
N GLY A 176 7.11 -56.80 -12.65
CA GLY A 176 6.84 -56.20 -13.93
C GLY A 176 6.26 -54.81 -13.78
N PHE A 177 6.43 -53.99 -14.81
CA PHE A 177 5.92 -52.63 -14.81
C PHE A 177 5.11 -52.35 -16.07
N CYS A 178 3.84 -51.95 -15.88
CA CYS A 178 3.00 -51.57 -17.01
C CYS A 178 2.99 -50.06 -17.22
N PHE A 179 3.67 -49.63 -18.28
CA PHE A 179 3.76 -48.21 -18.60
C PHE A 179 2.41 -47.70 -19.05
N ALA A 180 1.84 -46.78 -18.29
CA ALA A 180 0.44 -46.41 -18.43
C ALA A 180 0.07 -45.96 -19.85
N PRO A 181 0.87 -45.08 -20.48
CA PRO A 181 0.53 -44.67 -21.85
C PRO A 181 0.53 -45.83 -22.84
N ARG A 182 1.39 -46.82 -22.61
CA ARG A 182 1.49 -47.95 -23.51
C ARG A 182 0.24 -48.81 -23.45
N PHE A 183 -0.30 -48.99 -22.24
CA PHE A 183 -1.42 -49.89 -22.03
C PHE A 183 -2.77 -49.18 -22.09
N HIS A 184 -2.77 -47.86 -21.91
CA HIS A 184 -4.01 -47.07 -21.94
C HIS A 184 -3.97 -46.00 -23.03
N PRO A 185 -3.79 -46.42 -24.30
CA PRO A 185 -3.66 -45.45 -25.39
C PRO A 185 -4.90 -44.58 -25.59
N SER A 186 -6.07 -45.13 -25.30
CA SER A 186 -7.34 -44.43 -25.51
C SER A 186 -7.61 -43.39 -24.44
N TYR A 187 -6.75 -43.37 -23.43
CA TYR A 187 -6.90 -42.45 -22.31
C TYR A 187 -6.22 -41.10 -22.63
N ARG A 188 -5.65 -40.99 -23.82
CA ARG A 188 -4.83 -39.84 -24.20
C ARG A 188 -5.59 -38.51 -24.13
N HIS A 189 -6.89 -38.54 -24.41
CA HIS A 189 -7.67 -37.31 -24.36
C HIS A 189 -7.84 -36.86 -22.92
N ALA A 190 -8.12 -37.81 -22.02
CA ALA A 190 -8.25 -37.51 -20.60
C ALA A 190 -6.90 -37.08 -20.03
N ALA A 191 -5.83 -37.75 -20.46
CA ALA A 191 -4.49 -37.46 -19.96
C ALA A 191 -4.07 -36.04 -20.29
N ALA A 192 -4.47 -35.55 -21.47
CA ALA A 192 -4.14 -34.19 -21.85
C ALA A 192 -4.87 -33.19 -20.97
N VAL A 193 -6.14 -33.49 -20.66
CA VAL A 193 -6.95 -32.62 -19.82
C VAL A 193 -6.39 -32.55 -18.40
N ARG A 194 -5.94 -33.68 -17.87
CA ARG A 194 -5.32 -33.73 -16.54
C ARG A 194 -4.23 -32.68 -16.41
N ARG A 195 -3.36 -32.63 -17.42
CA ARG A 195 -2.21 -31.73 -17.41
C ARG A 195 -2.65 -30.27 -17.46
N GLU A 196 -3.68 -29.99 -18.25
CA GLU A 196 -4.10 -28.61 -18.49
C GLU A 196 -4.74 -27.98 -17.25
N ILE A 197 -5.52 -28.77 -16.52
CA ILE A 197 -6.14 -28.28 -15.28
C ILE A 197 -5.17 -28.43 -14.11
N GLY A 198 -4.39 -29.52 -14.13
CA GLY A 198 -3.29 -29.72 -13.21
C GLY A 198 -3.68 -29.83 -11.75
N VAL A 199 -4.95 -30.11 -11.49
CA VAL A 199 -5.43 -30.31 -10.12
C VAL A 199 -5.91 -31.75 -9.95
N PRO A 200 -5.70 -32.34 -8.77
CA PRO A 200 -6.20 -33.70 -8.55
C PRO A 200 -7.71 -33.77 -8.75
N THR A 201 -8.16 -34.80 -9.45
CA THR A 201 -9.59 -35.07 -9.65
C THR A 201 -9.85 -36.54 -9.39
N VAL A 202 -11.11 -36.93 -9.57
CA VAL A 202 -11.51 -38.32 -9.43
C VAL A 202 -10.65 -39.23 -10.31
N PHE A 203 -10.18 -38.70 -11.44
CA PHE A 203 -9.35 -39.48 -12.36
C PHE A 203 -8.07 -39.98 -11.70
N ASN A 204 -7.57 -39.25 -10.71
CA ASN A 204 -6.35 -39.67 -10.00
C ASN A 204 -6.54 -40.96 -9.21
N LEU A 205 -7.79 -41.41 -9.08
CA LEU A 205 -8.10 -42.64 -8.38
C LEU A 205 -8.04 -43.87 -9.28
N LEU A 206 -7.84 -43.65 -10.58
CA LEU A 206 -8.04 -44.70 -11.56
C LEU A 206 -6.84 -45.66 -11.65
N GLY A 207 -5.64 -45.13 -11.40
CA GLY A 207 -4.42 -45.91 -11.51
C GLY A 207 -4.47 -47.27 -10.85
N PRO A 208 -4.66 -47.30 -9.52
CA PRO A 208 -4.74 -48.56 -8.78
C PRO A 208 -5.92 -49.42 -9.21
N LEU A 209 -6.92 -48.80 -9.83
CA LEU A 209 -8.13 -49.49 -10.24
C LEU A 209 -8.11 -49.91 -11.70
N THR A 210 -7.04 -49.57 -12.41
CA THR A 210 -6.94 -49.89 -13.84
C THR A 210 -5.60 -50.52 -14.20
N ASN A 211 -4.91 -51.08 -13.21
CA ASN A 211 -3.72 -51.87 -13.47
C ASN A 211 -4.04 -52.92 -14.53
N PRO A 212 -3.44 -52.80 -15.73
CA PRO A 212 -3.86 -53.68 -16.83
C PRO A 212 -3.50 -55.17 -16.63
N ALA A 213 -2.62 -55.47 -15.69
CA ALA A 213 -2.31 -56.85 -15.34
C ALA A 213 -3.38 -57.45 -14.43
N ARG A 214 -4.23 -56.59 -13.86
CA ARG A 214 -5.36 -57.00 -13.04
C ARG A 214 -4.96 -57.85 -11.84
N PRO A 215 -3.98 -57.38 -11.05
CA PRO A 215 -3.68 -58.10 -9.82
C PRO A 215 -4.90 -58.12 -8.90
N ARG A 216 -5.15 -59.24 -8.24
CA ARG A 216 -6.32 -59.37 -7.39
C ARG A 216 -6.04 -58.93 -5.96
N ALA A 217 -4.79 -58.54 -5.69
CA ALA A 217 -4.43 -58.09 -4.35
C ALA A 217 -3.45 -56.92 -4.41
N GLY A 218 -3.21 -56.31 -3.25
CA GLY A 218 -2.21 -55.25 -3.17
C GLY A 218 -2.36 -54.31 -2.00
N LEU A 219 -1.44 -53.36 -1.92
CA LEU A 219 -1.47 -52.27 -0.96
C LEU A 219 -1.69 -50.98 -1.73
N ILE A 220 -2.80 -50.31 -1.45
CA ILE A 220 -3.20 -49.10 -2.15
C ILE A 220 -3.33 -47.91 -1.20
N GLY A 221 -2.56 -46.86 -1.47
CA GLY A 221 -2.59 -45.67 -0.64
C GLY A 221 -3.39 -44.53 -1.23
N CYS A 222 -3.91 -43.68 -0.35
CA CYS A 222 -4.63 -42.48 -0.76
C CYS A 222 -4.47 -41.37 0.27
N ALA A 223 -4.31 -40.14 -0.20
CA ALA A 223 -4.02 -39.01 0.69
C ALA A 223 -5.27 -38.45 1.35
N PHE A 224 -6.44 -38.95 0.96
CA PHE A 224 -7.70 -38.48 1.53
C PHE A 224 -8.57 -39.67 1.94
N ALA A 225 -9.14 -39.58 3.13
CA ALA A 225 -9.86 -40.70 3.73
C ALA A 225 -11.12 -41.07 2.96
N ASP A 226 -11.91 -40.05 2.57
CA ASP A 226 -13.17 -40.33 1.89
C ASP A 226 -12.94 -40.95 0.53
N LEU A 227 -11.83 -40.61 -0.12
CA LEU A 227 -11.53 -41.18 -1.42
C LEU A 227 -10.95 -42.57 -1.24
N ALA A 228 -10.26 -42.79 -0.13
CA ALA A 228 -9.74 -44.11 0.20
C ALA A 228 -10.91 -45.08 0.35
N GLU A 229 -11.93 -44.63 1.07
CA GLU A 229 -13.13 -45.44 1.30
C GLU A 229 -13.83 -45.78 0.00
N VAL A 230 -13.83 -44.83 -0.94
CA VAL A 230 -14.42 -45.04 -2.25
C VAL A 230 -13.66 -46.14 -3.00
N MET A 231 -12.34 -46.06 -3.03
CA MET A 231 -11.55 -47.08 -3.72
C MET A 231 -11.71 -48.45 -3.07
N ALA A 232 -11.82 -48.47 -1.75
CA ALA A 232 -12.02 -49.71 -1.02
C ALA A 232 -13.33 -50.37 -1.47
N GLY A 233 -14.35 -49.53 -1.68
CA GLY A 233 -15.63 -50.01 -2.18
C GLY A 233 -15.53 -50.66 -3.55
N VAL A 234 -14.68 -50.12 -4.41
CA VAL A 234 -14.51 -50.68 -5.75
C VAL A 234 -13.81 -52.04 -5.68
N PHE A 235 -12.76 -52.14 -4.88
CA PHE A 235 -12.02 -53.39 -4.72
C PHE A 235 -12.92 -54.46 -4.09
N ALA A 236 -13.80 -54.03 -3.19
CA ALA A 236 -14.73 -54.94 -2.56
C ALA A 236 -15.67 -55.56 -3.60
N ALA A 237 -16.21 -54.71 -4.47
CA ALA A 237 -17.09 -55.17 -5.53
C ALA A 237 -16.39 -56.19 -6.42
N ARG A 238 -15.08 -56.04 -6.57
CA ARG A 238 -14.29 -56.96 -7.39
C ARG A 238 -13.87 -58.22 -6.64
N ARG A 239 -14.17 -58.28 -5.35
CA ARG A 239 -13.74 -59.40 -4.52
C ARG A 239 -12.22 -59.49 -4.50
N SER A 240 -11.56 -58.33 -4.48
CA SER A 240 -10.10 -58.27 -4.37
C SER A 240 -9.69 -58.42 -2.91
N SER A 241 -8.42 -58.76 -2.69
CA SER A 241 -7.85 -58.78 -1.35
C SER A 241 -6.83 -57.66 -1.23
N VAL A 242 -7.26 -56.54 -0.65
CA VAL A 242 -6.46 -55.34 -0.66
C VAL A 242 -6.51 -54.62 0.68
N LEU A 243 -5.40 -53.98 1.03
CA LEU A 243 -5.39 -53.01 2.09
C LEU A 243 -5.36 -51.62 1.47
N VAL A 244 -6.41 -50.84 1.68
CA VAL A 244 -6.41 -49.44 1.29
C VAL A 244 -5.98 -48.64 2.51
N VAL A 245 -4.92 -47.84 2.36
CA VAL A 245 -4.33 -47.15 3.51
C VAL A 245 -4.38 -45.65 3.35
N HIS A 246 -4.50 -44.98 4.49
CA HIS A 246 -4.51 -43.52 4.54
C HIS A 246 -3.80 -43.06 5.80
N GLY A 247 -2.59 -42.54 5.64
CA GLY A 247 -1.89 -41.93 6.76
C GLY A 247 -2.68 -40.74 7.26
N ASP A 248 -2.76 -40.59 8.58
CA ASP A 248 -3.53 -39.49 9.16
C ASP A 248 -2.71 -38.20 9.17
N ASP A 249 -1.76 -38.10 8.24
CA ASP A 249 -0.92 -36.92 8.09
C ASP A 249 -0.85 -36.49 6.62
N GLY A 250 -1.61 -37.17 5.77
CA GLY A 250 -1.69 -36.82 4.36
C GLY A 250 -0.90 -37.75 3.45
N LEU A 251 -0.29 -38.76 4.02
CA LEU A 251 0.55 -39.67 3.25
C LEU A 251 -0.29 -40.72 2.54
N ASP A 252 0.00 -40.95 1.26
CA ASP A 252 -0.71 -41.97 0.48
C ASP A 252 0.01 -43.31 0.62
N GLU A 253 0.37 -43.62 1.87
CA GLU A 253 1.03 -44.87 2.21
C GLU A 253 1.04 -44.97 3.73
N LEU A 254 1.27 -46.16 4.25
CA LEU A 254 1.42 -46.32 5.70
C LEU A 254 2.64 -45.52 6.15
N THR A 255 2.46 -44.73 7.21
CA THR A 255 3.51 -43.84 7.70
C THR A 255 4.01 -44.26 9.08
N THR A 256 5.15 -43.72 9.48
CA THR A 256 5.68 -43.92 10.83
C THR A 256 5.46 -42.67 11.67
N THR A 257 5.12 -41.57 11.00
CA THR A 257 4.96 -40.28 11.68
C THR A 257 3.72 -40.26 12.55
N THR A 258 2.76 -41.13 12.26
CA THR A 258 1.55 -41.23 13.06
C THR A 258 0.74 -42.48 12.70
N THR A 259 -0.49 -42.55 13.21
CA THR A 259 -1.38 -43.67 12.95
C THR A 259 -1.98 -43.58 11.55
N SER A 260 -2.53 -44.70 11.08
CA SER A 260 -3.17 -44.75 9.78
C SER A 260 -4.52 -45.43 9.88
N THR A 261 -5.40 -45.13 8.93
CA THR A 261 -6.63 -45.88 8.77
C THR A 261 -6.43 -46.89 7.65
N ILE A 262 -6.82 -48.13 7.91
CA ILE A 262 -6.73 -49.19 6.92
C ILE A 262 -8.10 -49.78 6.65
N TRP A 263 -8.50 -49.77 5.38
CA TRP A 263 -9.64 -50.54 4.92
C TRP A 263 -9.16 -51.91 4.47
N ARG A 264 -9.42 -52.93 5.30
CA ARG A 264 -9.08 -54.30 4.95
C ARG A 264 -10.17 -54.90 4.08
N VAL A 265 -9.92 -54.95 2.78
CA VAL A 265 -10.88 -55.48 1.82
C VAL A 265 -10.59 -56.96 1.57
N ALA A 266 -11.61 -57.79 1.74
CA ALA A 266 -11.48 -59.23 1.50
C ALA A 266 -12.85 -59.89 1.47
N ALA A 267 -13.03 -60.82 0.53
CA ALA A 267 -14.27 -61.57 0.41
C ALA A 267 -15.49 -60.65 0.24
N GLY A 268 -15.32 -59.58 -0.53
CA GLY A 268 -16.40 -58.64 -0.81
C GLY A 268 -16.79 -57.75 0.35
N SER A 269 -16.04 -57.82 1.46
CA SER A 269 -16.35 -57.06 2.67
C SER A 269 -15.18 -56.15 3.06
N VAL A 270 -15.47 -55.16 3.90
CA VAL A 270 -14.50 -54.13 4.24
C VAL A 270 -14.47 -53.82 5.74
N ASP A 271 -13.37 -54.17 6.38
CA ASP A 271 -13.14 -53.81 7.78
C ASP A 271 -12.36 -52.50 7.85
N LYS A 272 -12.91 -51.51 8.54
CA LYS A 272 -12.21 -50.23 8.74
C LYS A 272 -11.46 -50.22 10.06
N LEU A 273 -10.13 -50.18 9.97
CA LEU A 273 -9.26 -50.38 11.12
C LEU A 273 -8.32 -49.20 11.32
N THR A 274 -7.99 -48.92 12.58
CA THR A 274 -6.94 -47.97 12.92
C THR A 274 -5.63 -48.75 13.05
N PHE A 275 -4.54 -48.14 12.60
CA PHE A 275 -3.25 -48.81 12.56
C PHE A 275 -2.17 -47.93 13.16
N ASP A 276 -1.42 -48.49 14.12
CA ASP A 276 -0.32 -47.78 14.75
C ASP A 276 0.97 -48.59 14.64
N PRO A 277 1.96 -48.10 13.85
CA PRO A 277 3.20 -48.87 13.73
C PRO A 277 3.93 -49.05 15.05
N ALA A 278 3.67 -48.14 16.00
CA ALA A 278 4.29 -48.21 17.33
C ALA A 278 4.03 -49.57 17.96
N GLY A 279 2.85 -50.13 17.70
CA GLY A 279 2.48 -51.43 18.22
C GLY A 279 3.42 -52.54 17.77
N PHE A 280 4.16 -52.27 16.69
CA PHE A 280 5.15 -53.22 16.17
C PHE A 280 6.58 -52.75 16.46
N GLY A 281 6.72 -51.75 17.32
CA GLY A 281 8.03 -51.33 17.79
C GLY A 281 8.70 -50.30 16.89
N PHE A 282 7.97 -49.79 15.91
CA PHE A 282 8.49 -48.74 15.04
C PHE A 282 8.49 -47.40 15.75
N ALA A 283 9.61 -46.68 15.66
CA ALA A 283 9.73 -45.36 16.27
C ALA A 283 8.97 -44.32 15.46
N ARG A 284 8.44 -43.32 16.15
CA ARG A 284 7.71 -42.24 15.49
C ARG A 284 8.66 -41.30 14.76
N ALA A 285 8.59 -41.32 13.43
CA ALA A 285 9.43 -40.47 12.59
C ALA A 285 8.74 -39.13 12.32
N GLN A 286 9.37 -38.31 11.47
CA GLN A 286 8.81 -37.03 11.05
C GLN A 286 8.59 -37.02 9.54
N LEU A 287 7.59 -36.27 9.09
CA LEU A 287 7.22 -36.22 7.69
C LEU A 287 8.37 -35.74 6.81
N ASP A 288 9.12 -34.76 7.31
CA ASP A 288 10.25 -34.21 6.58
C ASP A 288 11.29 -35.28 6.27
N GLN A 289 11.31 -36.35 7.08
CA GLN A 289 12.25 -37.45 6.90
C GLN A 289 11.82 -38.37 5.76
N LEU A 290 10.68 -38.06 5.13
CA LEU A 290 10.17 -38.82 4.00
C LEU A 290 9.90 -37.89 2.82
N GLY A 293 14.18 -34.80 -3.87
CA GLY A 293 12.85 -35.11 -4.38
C GLY A 293 12.89 -35.57 -5.82
N ASP A 294 13.97 -35.23 -6.52
CA ASP A 294 14.17 -35.63 -7.90
C ASP A 294 14.21 -37.16 -8.01
N ALA A 295 14.01 -37.68 -9.22
CA ALA A 295 14.06 -39.11 -9.45
C ALA A 295 15.45 -39.66 -9.11
N GLN A 296 16.48 -38.88 -9.42
CA GLN A 296 17.85 -39.27 -9.11
C GLN A 296 18.08 -39.26 -7.60
N ALA A 297 17.42 -38.33 -6.91
CA ALA A 297 17.49 -38.26 -5.47
C ALA A 297 16.75 -39.45 -4.86
N ASN A 298 15.61 -39.80 -5.45
CA ASN A 298 14.87 -40.98 -5.03
C ASN A 298 15.64 -42.25 -5.34
N ALA A 299 16.34 -42.26 -6.47
CA ALA A 299 17.11 -43.41 -6.90
C ALA A 299 18.23 -43.72 -5.92
N ALA A 300 18.82 -42.67 -5.37
CA ALA A 300 19.85 -42.82 -4.35
C ALA A 300 19.24 -43.39 -3.08
N ALA A 301 18.04 -42.92 -2.73
CA ALA A 301 17.36 -43.37 -1.54
C ALA A 301 17.00 -44.85 -1.63
N VAL A 302 16.75 -45.33 -2.84
CA VAL A 302 16.44 -46.73 -3.06
C VAL A 302 17.67 -47.58 -2.75
N ARG A 303 18.80 -47.17 -3.31
CA ARG A 303 20.05 -47.93 -3.15
C ARG A 303 20.52 -47.97 -1.70
N ALA A 304 20.29 -46.89 -0.98
CA ALA A 304 20.64 -46.83 0.43
C ALA A 304 19.79 -47.81 1.24
N VAL A 305 18.47 -47.72 1.07
CA VAL A 305 17.54 -48.56 1.82
C VAL A 305 17.72 -50.03 1.47
N LEU A 306 17.79 -50.34 0.19
CA LEU A 306 17.97 -51.72 -0.24
C LEU A 306 19.38 -52.21 0.05
N GLY A 307 20.26 -51.28 0.39
CA GLY A 307 21.63 -51.60 0.75
C GLY A 307 21.78 -51.91 2.23
N GLY A 308 20.74 -51.61 3.00
CA GLY A 308 20.69 -51.94 4.41
C GLY A 308 20.67 -50.75 5.35
N ALA A 309 20.62 -49.54 4.79
CA ALA A 309 20.59 -48.33 5.62
C ALA A 309 19.33 -48.29 6.48
N ARG A 310 19.52 -48.03 7.77
CA ARG A 310 18.41 -47.96 8.72
C ARG A 310 17.90 -46.53 8.87
N GLY A 311 16.67 -46.39 9.35
CA GLY A 311 16.05 -45.08 9.50
C GLY A 311 14.57 -45.09 9.21
N PRO A 312 13.94 -43.90 9.21
CA PRO A 312 12.50 -43.73 8.96
C PRO A 312 12.05 -44.31 7.62
N VAL A 313 12.87 -44.17 6.58
CA VAL A 313 12.49 -44.57 5.24
C VAL A 313 12.40 -46.09 5.16
N ARG A 314 13.43 -46.78 5.66
CA ARG A 314 13.39 -48.23 5.74
C ARG A 314 12.12 -48.71 6.45
N ASP A 315 11.83 -48.11 7.60
CA ASP A 315 10.68 -48.49 8.41
C ASP A 315 9.39 -48.40 7.60
N ALA A 316 9.26 -47.32 6.85
CA ALA A 316 8.07 -47.07 6.05
C ALA A 316 7.97 -48.08 4.90
N VAL A 317 9.13 -48.42 4.33
CA VAL A 317 9.18 -49.39 3.24
C VAL A 317 8.74 -50.77 3.73
N VAL A 318 9.29 -51.18 4.86
CA VAL A 318 8.97 -52.49 5.43
C VAL A 318 7.49 -52.55 5.81
N LEU A 319 6.95 -51.46 6.35
CA LEU A 319 5.54 -51.38 6.71
C LEU A 319 4.63 -51.64 5.52
N ASN A 320 4.85 -50.89 4.44
CA ASN A 320 4.01 -50.99 3.27
C ASN A 320 4.21 -52.32 2.57
N ALA A 321 5.45 -52.80 2.56
CA ALA A 321 5.75 -54.08 1.95
C ALA A 321 5.03 -55.18 2.73
N ALA A 322 5.11 -55.10 4.05
CA ALA A 322 4.43 -56.05 4.92
C ALA A 322 2.92 -55.98 4.70
N GLY A 323 2.40 -54.77 4.50
CA GLY A 323 0.99 -54.58 4.22
C GLY A 323 0.56 -55.32 2.97
N ALA A 324 1.36 -55.19 1.91
CA ALA A 324 1.05 -55.88 0.65
C ALA A 324 1.08 -57.40 0.84
N ILE A 325 1.98 -57.88 1.68
CA ILE A 325 2.10 -59.31 1.91
C ILE A 325 0.88 -59.82 2.68
N VAL A 326 0.39 -59.01 3.63
CA VAL A 326 -0.83 -59.32 4.36
C VAL A 326 -1.99 -59.44 3.38
N ALA A 327 -2.10 -58.47 2.48
CA ALA A 327 -3.11 -58.47 1.43
C ALA A 327 -2.98 -59.73 0.58
N HIS A 328 -1.75 -60.05 0.20
CA HIS A 328 -1.47 -61.25 -0.59
C HIS A 328 -1.99 -62.49 0.11
N ALA A 329 -1.77 -62.57 1.42
CA ALA A 329 -2.25 -63.70 2.21
C ALA A 329 -3.78 -63.80 2.21
N GLY A 330 -4.45 -62.65 2.12
CA GLY A 330 -5.90 -62.60 2.14
C GLY A 330 -6.55 -63.24 0.93
N LEU A 331 -5.75 -63.57 -0.09
CA LEU A 331 -6.27 -64.22 -1.28
C LEU A 331 -6.68 -65.67 -1.00
N SER A 332 -5.97 -66.34 -0.07
CA SER A 332 -6.17 -67.77 0.15
C SER A 332 -6.49 -68.14 1.59
N SER A 333 -6.60 -67.14 2.47
CA SER A 333 -6.92 -67.41 3.87
C SER A 333 -7.33 -66.14 4.62
N ARG A 334 -8.18 -66.31 5.64
CA ARG A 334 -8.58 -65.22 6.50
C ARG A 334 -7.78 -65.28 7.80
N ALA A 335 -6.53 -64.84 7.74
CA ALA A 335 -5.64 -64.92 8.90
C ALA A 335 -5.93 -63.83 9.91
N GLU A 336 -5.53 -64.06 11.15
CA GLU A 336 -5.65 -63.06 12.19
C GLU A 336 -4.82 -61.84 11.81
N TRP A 337 -5.33 -60.67 12.16
CA TRP A 337 -4.73 -59.40 11.75
C TRP A 337 -3.26 -59.27 12.19
N LEU A 338 -3.00 -59.45 13.48
CA LEU A 338 -1.66 -59.21 14.01
C LEU A 338 -0.66 -60.29 13.59
N PRO A 339 -1.04 -61.57 13.68
CA PRO A 339 -0.13 -62.61 13.17
C PRO A 339 0.18 -62.45 11.68
N ALA A 340 -0.80 -62.02 10.89
CA ALA A 340 -0.57 -61.79 9.47
C ALA A 340 0.48 -60.70 9.28
N TRP A 341 0.33 -59.63 10.04
CA TRP A 341 1.25 -58.51 9.96
C TRP A 341 2.65 -58.89 10.43
N GLU A 342 2.71 -59.69 11.50
CA GLU A 342 3.99 -60.13 12.04
C GLU A 342 4.73 -60.96 11.00
N GLU A 343 4.00 -61.85 10.32
CA GLU A 343 4.59 -62.67 9.27
C GLU A 343 5.00 -61.81 8.08
N GLY A 344 4.17 -60.82 7.74
CA GLY A 344 4.49 -59.91 6.66
C GLY A 344 5.73 -59.08 6.92
N LEU A 345 5.86 -58.60 8.17
CA LEU A 345 7.03 -57.82 8.56
C LEU A 345 8.28 -58.69 8.55
N ARG A 346 8.12 -59.95 8.98
CA ARG A 346 9.22 -60.90 8.99
C ARG A 346 9.78 -61.09 7.58
N ARG A 347 8.90 -61.37 6.63
CA ARG A 347 9.31 -61.62 5.26
C ARG A 347 9.87 -60.37 4.60
N ALA A 348 9.21 -59.23 4.80
CA ALA A 348 9.68 -57.97 4.25
C ALA A 348 11.07 -57.62 4.76
N SER A 349 11.28 -57.73 6.06
CA SER A 349 12.60 -57.44 6.64
C SER A 349 13.64 -58.39 6.07
N ALA A 350 13.29 -59.67 5.97
CA ALA A 350 14.20 -60.68 5.46
C ALA A 350 14.58 -60.39 4.01
N ALA A 351 13.62 -59.93 3.22
CA ALA A 351 13.86 -59.65 1.80
C ALA A 351 14.96 -58.59 1.65
N ILE A 352 15.05 -57.69 2.62
CA ILE A 352 16.08 -56.66 2.60
C ILE A 352 17.39 -57.20 3.16
N ASP A 353 17.32 -57.73 4.38
CA ASP A 353 18.50 -58.18 5.13
C ASP A 353 19.35 -59.21 4.40
N THR A 354 18.71 -60.09 3.64
CA THR A 354 19.42 -61.12 2.89
C THR A 354 20.09 -60.53 1.65
N GLY A 355 19.70 -59.31 1.30
CA GLY A 355 20.16 -58.68 0.07
C GLY A 355 19.34 -59.11 -1.13
N ALA A 356 18.27 -59.87 -0.88
CA ALA A 356 17.42 -60.37 -1.95
C ALA A 356 16.77 -59.23 -2.75
N ALA A 357 16.37 -58.17 -2.05
CA ALA A 357 15.74 -57.01 -2.69
C ALA A 357 16.70 -56.29 -3.61
N GLU A 358 17.90 -56.03 -3.09
CA GLU A 358 18.96 -55.38 -3.85
C GLU A 358 19.27 -56.18 -5.11
N GLN A 359 19.37 -57.49 -4.93
CA GLN A 359 19.69 -58.39 -6.04
C GLN A 359 18.57 -58.45 -7.07
N LEU A 360 17.33 -58.34 -6.62
CA LEU A 360 16.19 -58.43 -7.52
C LEU A 360 16.18 -57.20 -8.43
N LEU A 361 16.44 -56.03 -7.84
CA LEU A 361 16.59 -54.81 -8.60
C LEU A 361 17.67 -54.98 -9.67
N ALA A 362 18.83 -55.50 -9.25
CA ALA A 362 19.93 -55.72 -10.18
C ALA A 362 19.50 -56.61 -11.33
N ARG A 363 18.76 -57.67 -11.03
CA ARG A 363 18.26 -58.57 -12.06
C ARG A 363 17.23 -57.86 -12.94
N TRP A 364 16.46 -56.98 -12.33
CA TRP A 364 15.46 -56.20 -13.04
C TRP A 364 16.16 -55.30 -14.07
N VAL A 365 17.17 -54.57 -13.62
CA VAL A 365 17.97 -53.73 -14.51
C VAL A 365 18.60 -54.56 -15.63
N ARG A 366 19.28 -55.64 -15.25
CA ARG A 366 19.96 -56.49 -16.21
C ARG A 366 18.99 -57.04 -17.25
N PHE A 367 17.79 -57.38 -16.79
CA PHE A 367 16.76 -57.93 -17.68
C PHE A 367 16.47 -56.98 -18.84
N GLY A 368 16.39 -55.69 -18.54
CA GLY A 368 16.08 -54.69 -19.54
C GLY A 368 17.24 -54.41 -20.47
N ARG A 369 18.46 -54.49 -19.94
CA ARG A 369 19.67 -54.29 -20.74
C ARG A 369 19.79 -55.37 -21.80
N GLN A 370 19.48 -56.60 -21.43
CA GLN A 370 19.52 -57.72 -22.36
C GLN A 370 18.48 -57.54 -23.45
N PRO B 26 0.25 -16.71 -9.91
CA PRO B 26 -1.03 -17.00 -10.57
C PRO B 26 -0.91 -18.11 -11.61
N SER B 27 -1.69 -19.17 -11.44
CA SER B 27 -1.67 -20.28 -12.36
C SER B 27 -3.02 -21.00 -12.36
N TRP B 28 -3.24 -21.85 -13.36
CA TRP B 28 -4.50 -22.60 -13.43
C TRP B 28 -4.59 -23.65 -12.33
N PRO B 29 -3.48 -24.37 -12.05
CA PRO B 29 -3.50 -25.30 -10.92
C PRO B 29 -3.85 -24.60 -9.60
N GLN B 30 -3.22 -23.46 -9.36
CA GLN B 30 -3.46 -22.71 -8.14
C GLN B 30 -4.92 -22.28 -8.01
N ILE B 31 -5.43 -21.64 -9.06
CA ILE B 31 -6.79 -21.11 -9.05
C ILE B 31 -7.84 -22.23 -9.02
N LEU B 32 -7.68 -23.23 -9.87
CA LEU B 32 -8.63 -24.34 -9.92
C LEU B 32 -8.56 -25.19 -8.66
N GLY B 33 -7.35 -25.38 -8.14
CA GLY B 33 -7.19 -26.11 -6.89
C GLY B 33 -7.94 -25.42 -5.78
N ARG B 34 -7.88 -24.10 -5.77
CA ARG B 34 -8.55 -23.31 -4.76
C ARG B 34 -10.08 -23.47 -4.85
N LEU B 35 -10.61 -23.42 -6.07
CA LEU B 35 -12.05 -23.54 -6.28
C LEU B 35 -12.58 -24.93 -5.92
N THR B 36 -11.80 -25.97 -6.23
CA THR B 36 -12.25 -27.34 -5.98
C THR B 36 -12.15 -27.69 -4.49
N ASP B 37 -11.47 -26.83 -3.74
CA ASP B 37 -11.47 -26.93 -2.28
C ASP B 37 -12.57 -26.05 -1.68
N ASN B 38 -13.47 -25.56 -2.52
CA ASN B 38 -14.57 -24.69 -2.11
C ASN B 38 -14.09 -23.44 -1.37
N ARG B 39 -13.04 -22.82 -1.89
CA ARG B 39 -12.52 -21.58 -1.34
C ARG B 39 -12.70 -20.42 -2.32
N ASP B 40 -13.13 -19.27 -1.79
CA ASP B 40 -13.19 -18.06 -2.60
C ASP B 40 -11.79 -17.72 -3.11
N LEU B 41 -11.74 -17.11 -4.29
CA LEU B 41 -10.46 -16.76 -4.89
C LEU B 41 -9.86 -15.55 -4.20
N ALA B 42 -8.54 -15.44 -4.25
CA ALA B 42 -7.86 -14.23 -3.80
C ALA B 42 -8.05 -13.15 -4.87
N ARG B 43 -7.89 -11.90 -4.44
CA ARG B 43 -8.03 -10.76 -5.33
C ARG B 43 -7.13 -10.91 -6.54
N GLY B 44 -7.69 -10.69 -7.72
CA GLY B 44 -6.92 -10.72 -8.95
C GLY B 44 -6.92 -12.07 -9.66
N GLN B 45 -7.25 -13.13 -8.93
CA GLN B 45 -7.19 -14.48 -9.51
C GLN B 45 -8.27 -14.70 -10.55
N ALA B 46 -9.50 -14.28 -10.26
CA ALA B 46 -10.57 -14.36 -11.23
C ALA B 46 -10.21 -13.51 -12.45
N ALA B 47 -9.64 -12.33 -12.19
CA ALA B 47 -9.27 -11.42 -13.26
C ALA B 47 -8.18 -12.03 -14.13
N TRP B 48 -7.24 -12.73 -13.52
CA TRP B 48 -6.18 -13.39 -14.26
C TRP B 48 -6.76 -14.48 -15.16
N ALA B 49 -7.72 -15.23 -14.64
CA ALA B 49 -8.34 -16.29 -15.40
C ALA B 49 -9.03 -15.72 -16.63
N MET B 50 -9.80 -14.66 -16.42
CA MET B 50 -10.55 -14.06 -17.53
C MET B 50 -9.59 -13.49 -18.57
N ASP B 51 -8.48 -12.91 -18.12
CA ASP B 51 -7.47 -12.39 -19.05
C ASP B 51 -6.88 -13.50 -19.92
N GLN B 52 -6.57 -14.63 -19.31
CA GLN B 52 -6.07 -15.78 -20.06
C GLN B 52 -7.09 -16.19 -21.12
N ILE B 53 -8.38 -16.06 -20.80
CA ILE B 53 -9.43 -16.34 -21.78
C ILE B 53 -9.41 -15.29 -22.89
N MET B 54 -9.42 -14.02 -22.50
CA MET B 54 -9.53 -12.93 -23.46
C MET B 54 -8.34 -12.83 -24.39
N THR B 55 -7.19 -13.34 -23.97
CA THR B 55 -5.99 -13.31 -24.80
C THR B 55 -5.87 -14.56 -25.65
N GLY B 56 -6.72 -15.56 -25.39
CA GLY B 56 -6.72 -16.78 -26.16
C GLY B 56 -5.72 -17.81 -25.67
N ASN B 57 -5.14 -17.57 -24.50
CA ASN B 57 -4.17 -18.48 -23.94
C ASN B 57 -4.81 -19.62 -23.16
N ALA B 58 -6.00 -19.36 -22.60
CA ALA B 58 -6.73 -20.37 -21.86
C ALA B 58 -7.12 -21.54 -22.77
N ARG B 59 -6.84 -22.76 -22.31
CA ARG B 59 -7.29 -23.96 -22.99
C ARG B 59 -8.75 -24.23 -22.67
N PRO B 60 -9.50 -24.82 -23.61
CA PRO B 60 -10.91 -25.15 -23.37
C PRO B 60 -11.12 -25.89 -22.05
N ALA B 61 -10.23 -26.83 -21.74
CA ALA B 61 -10.34 -27.61 -20.52
C ALA B 61 -10.24 -26.72 -19.28
N GLN B 62 -9.41 -25.69 -19.35
CA GLN B 62 -9.22 -24.80 -18.22
C GLN B 62 -10.43 -23.87 -18.05
N ILE B 63 -11.01 -23.43 -19.16
CA ILE B 63 -12.20 -22.59 -19.11
C ILE B 63 -13.34 -23.36 -18.46
N ALA B 64 -13.54 -24.60 -18.91
CA ALA B 64 -14.62 -25.43 -18.40
C ALA B 64 -14.42 -25.75 -16.93
N ALA B 65 -13.21 -26.15 -16.57
CA ALA B 65 -12.90 -26.46 -15.17
C ALA B 65 -13.21 -25.25 -14.29
N PHE B 66 -12.83 -24.06 -14.74
CA PHE B 66 -13.03 -22.85 -13.96
C PHE B 66 -14.50 -22.51 -13.83
N ALA B 67 -15.23 -22.58 -14.95
CA ALA B 67 -16.65 -22.24 -14.95
C ALA B 67 -17.41 -23.17 -14.01
N VAL B 68 -17.11 -24.46 -14.11
CA VAL B 68 -17.82 -25.46 -13.31
C VAL B 68 -17.43 -25.36 -11.84
N ALA B 69 -16.14 -25.22 -11.57
CA ALA B 69 -15.65 -25.16 -10.21
C ALA B 69 -16.19 -23.94 -9.49
N MET B 70 -16.18 -22.80 -10.16
CA MET B 70 -16.70 -21.58 -9.56
C MET B 70 -18.20 -21.69 -9.27
N THR B 71 -18.93 -22.29 -10.20
CA THR B 71 -20.39 -22.45 -10.06
C THR B 71 -20.74 -23.30 -8.85
N MET B 72 -20.06 -24.43 -8.69
CA MET B 72 -20.35 -25.33 -7.59
C MET B 72 -19.87 -24.74 -6.27
N LYS B 73 -18.78 -23.99 -6.32
CA LYS B 73 -18.30 -23.27 -5.16
C LYS B 73 -19.30 -22.18 -4.74
N ALA B 74 -20.04 -21.66 -5.72
CA ALA B 74 -20.92 -20.48 -5.59
C ALA B 74 -20.09 -19.21 -5.68
N PRO B 75 -20.25 -18.45 -6.78
CA PRO B 75 -19.40 -17.29 -7.01
C PRO B 75 -19.74 -16.10 -6.10
N THR B 76 -18.75 -15.26 -5.83
CA THR B 76 -18.94 -14.03 -5.06
C THR B 76 -19.03 -12.83 -6.00
N ALA B 77 -19.53 -11.71 -5.49
CA ALA B 77 -19.62 -10.49 -6.30
C ALA B 77 -18.22 -10.03 -6.74
N ASP B 78 -17.24 -10.13 -5.84
CA ASP B 78 -15.87 -9.75 -6.16
C ASP B 78 -15.32 -10.57 -7.33
N GLU B 79 -15.65 -11.85 -7.36
CA GLU B 79 -15.19 -12.74 -8.43
C GLU B 79 -15.90 -12.41 -9.74
N VAL B 80 -17.22 -12.29 -9.68
CA VAL B 80 -18.00 -11.93 -10.86
C VAL B 80 -17.60 -10.54 -11.36
N GLY B 81 -17.33 -9.63 -10.42
CA GLY B 81 -16.90 -8.29 -10.75
C GLY B 81 -15.59 -8.26 -11.51
N GLU B 82 -14.67 -9.15 -11.14
CA GLU B 82 -13.39 -9.27 -11.83
C GLU B 82 -13.58 -9.92 -13.21
N LEU B 83 -14.44 -10.93 -13.29
CA LEU B 83 -14.67 -11.61 -14.57
C LEU B 83 -15.30 -10.65 -15.57
N ALA B 84 -16.36 -9.97 -15.14
CA ALA B 84 -17.08 -9.05 -16.02
C ALA B 84 -16.24 -7.83 -16.35
N GLY B 85 -15.50 -7.35 -15.36
CA GLY B 85 -14.66 -6.17 -15.52
C GLY B 85 -13.60 -6.35 -16.59
N VAL B 86 -12.84 -7.44 -16.50
CA VAL B 86 -11.80 -7.74 -17.46
C VAL B 86 -12.40 -7.94 -18.86
N MET B 87 -13.46 -8.72 -18.93
CA MET B 87 -14.12 -9.02 -20.21
C MET B 87 -14.59 -7.75 -20.90
N LEU B 88 -15.21 -6.88 -20.12
CA LEU B 88 -15.74 -5.62 -20.63
C LEU B 88 -14.64 -4.72 -21.18
N SER B 89 -13.46 -4.78 -20.58
CA SER B 89 -12.35 -3.92 -21.00
C SER B 89 -11.79 -4.35 -22.35
N HIS B 90 -12.05 -5.59 -22.73
CA HIS B 90 -11.62 -6.12 -24.02
C HIS B 90 -12.68 -5.93 -25.11
N ALA B 91 -13.86 -5.46 -24.72
CA ALA B 91 -14.97 -5.32 -25.65
C ALA B 91 -14.77 -4.11 -26.55
N HIS B 92 -15.31 -4.19 -27.76
CA HIS B 92 -15.34 -3.04 -28.65
C HIS B 92 -16.13 -1.92 -27.97
N PRO B 93 -15.47 -0.78 -27.70
CA PRO B 93 -16.25 0.31 -27.11
C PRO B 93 -17.09 1.04 -28.14
N LEU B 94 -18.08 1.79 -27.69
CA LEU B 94 -18.79 2.72 -28.56
C LEU B 94 -17.99 4.01 -28.64
N PRO B 95 -18.13 4.78 -29.73
CA PRO B 95 -17.38 6.02 -29.88
C PRO B 95 -17.60 6.99 -28.72
N ALA B 96 -16.63 7.87 -28.48
CA ALA B 96 -16.67 8.76 -27.33
C ALA B 96 -17.89 9.69 -27.36
N ASP B 97 -18.57 9.75 -26.22
CA ASP B 97 -19.68 10.69 -26.03
C ASP B 97 -20.88 10.40 -26.92
N THR B 98 -21.07 9.13 -27.28
CA THR B 98 -22.22 8.72 -28.09
C THR B 98 -23.29 8.01 -27.26
N VAL B 99 -22.96 7.67 -26.02
CA VAL B 99 -23.91 7.00 -25.13
C VAL B 99 -24.30 7.93 -23.99
N PRO B 100 -25.59 8.32 -23.93
CA PRO B 100 -26.00 9.20 -22.82
C PRO B 100 -25.69 8.59 -21.46
N ASP B 101 -25.40 9.43 -20.48
CA ASP B 101 -25.07 8.98 -19.13
C ASP B 101 -26.24 8.26 -18.47
N ASP B 102 -27.45 8.45 -19.01
CA ASP B 102 -28.66 7.87 -18.42
C ASP B 102 -29.23 6.74 -19.28
N ALA B 103 -28.40 6.17 -20.14
CA ALA B 103 -28.80 5.02 -20.95
C ALA B 103 -29.06 3.81 -20.05
N VAL B 104 -30.07 3.01 -20.38
CA VAL B 104 -30.45 1.87 -19.55
C VAL B 104 -30.41 0.57 -20.32
N ASP B 105 -30.32 -0.53 -19.57
CA ASP B 105 -30.38 -1.88 -20.13
C ASP B 105 -31.62 -2.57 -19.60
N VAL B 106 -32.17 -3.46 -20.40
CA VAL B 106 -33.25 -4.34 -19.97
C VAL B 106 -32.89 -5.74 -20.43
N VAL B 107 -32.59 -6.62 -19.48
CA VAL B 107 -32.05 -7.93 -19.83
C VAL B 107 -32.16 -8.92 -18.68
N GLY B 108 -32.20 -10.20 -19.01
CA GLY B 108 -32.16 -11.26 -18.03
C GLY B 108 -31.00 -12.20 -18.32
N THR B 109 -30.65 -13.05 -17.35
CA THR B 109 -29.58 -14.01 -17.52
C THR B 109 -30.03 -15.25 -18.29
N GLY B 110 -31.33 -15.54 -18.24
CA GLY B 110 -31.87 -16.71 -18.90
C GLY B 110 -33.12 -17.23 -18.21
N ASN B 118 -38.27 -12.73 -25.42
CA ASN B 118 -39.67 -12.48 -25.15
C ASN B 118 -39.91 -11.07 -24.60
N LEU B 119 -39.96 -10.99 -23.27
CA LEU B 119 -40.46 -9.81 -22.58
C LEU B 119 -39.41 -8.70 -22.47
N SER B 120 -38.15 -9.08 -22.32
CA SER B 120 -37.08 -8.09 -22.17
C SER B 120 -36.89 -7.31 -23.46
N THR B 121 -37.08 -8.00 -24.58
CA THR B 121 -36.97 -7.36 -25.88
C THR B 121 -38.07 -6.33 -26.06
N MET B 122 -39.30 -6.73 -25.74
CA MET B 122 -40.44 -5.83 -25.82
C MET B 122 -40.27 -4.68 -24.83
N ALA B 123 -39.89 -5.00 -23.60
CA ALA B 123 -39.74 -4.01 -22.55
C ALA B 123 -38.70 -2.95 -22.94
N ALA B 124 -37.61 -3.41 -23.54
CA ALA B 124 -36.56 -2.51 -24.00
C ALA B 124 -37.15 -1.47 -24.96
N ILE B 125 -37.93 -1.93 -25.93
CA ILE B 125 -38.55 -1.05 -26.91
C ILE B 125 -39.48 -0.04 -26.23
N VAL B 126 -40.28 -0.51 -25.28
CA VAL B 126 -41.22 0.36 -24.57
C VAL B 126 -40.45 1.46 -23.81
N VAL B 127 -39.44 1.05 -23.04
CA VAL B 127 -38.63 2.00 -22.28
C VAL B 127 -38.05 3.06 -23.22
N ALA B 128 -37.53 2.63 -24.36
CA ALA B 128 -37.02 3.55 -25.36
C ALA B 128 -38.09 4.53 -25.82
N ALA B 129 -39.31 4.03 -26.02
CA ALA B 129 -40.41 4.88 -26.47
C ALA B 129 -40.84 5.85 -25.37
N ALA B 130 -40.54 5.52 -24.12
CA ALA B 130 -40.87 6.41 -23.00
C ALA B 130 -39.89 7.57 -22.89
N GLY B 131 -38.88 7.59 -23.75
CA GLY B 131 -37.90 8.67 -23.78
C GLY B 131 -36.62 8.36 -23.02
N VAL B 132 -36.46 7.10 -22.64
CA VAL B 132 -35.25 6.66 -21.94
C VAL B 132 -34.30 5.98 -22.95
N PRO B 133 -33.06 6.47 -23.06
CA PRO B 133 -32.14 5.77 -23.98
C PRO B 133 -31.90 4.33 -23.55
N VAL B 134 -32.09 3.39 -24.48
CA VAL B 134 -31.89 1.99 -24.19
C VAL B 134 -30.80 1.43 -25.11
N VAL B 135 -29.88 0.67 -24.52
CA VAL B 135 -28.88 -0.02 -25.32
C VAL B 135 -28.76 -1.46 -24.82
N LYS B 136 -29.16 -2.40 -25.67
CA LYS B 136 -29.19 -3.80 -25.30
C LYS B 136 -27.94 -4.53 -25.76
N HIS B 137 -27.76 -5.75 -25.24
CA HIS B 137 -26.60 -6.56 -25.51
C HIS B 137 -27.04 -8.02 -25.53
N GLY B 138 -26.97 -8.65 -26.70
CA GLY B 138 -27.49 -10.00 -26.83
C GLY B 138 -26.89 -10.82 -27.96
N ASN B 139 -27.39 -12.03 -28.11
CA ASN B 139 -26.87 -13.00 -29.06
C ASN B 139 -28.00 -13.84 -29.65
N ARG B 140 -27.71 -14.62 -30.67
CA ARG B 140 -28.67 -15.57 -31.21
C ARG B 140 -28.70 -16.84 -30.35
N ALA B 141 -29.89 -17.43 -30.20
CA ALA B 141 -30.06 -18.64 -29.40
C ALA B 141 -29.72 -19.88 -30.20
N ALA B 142 -29.53 -21.00 -29.51
CA ALA B 142 -29.24 -22.27 -30.15
C ALA B 142 -30.42 -22.75 -31.00
N ALA B 149 -32.44 -11.59 -29.84
CA ALA B 149 -31.79 -11.09 -31.06
C ALA B 149 -32.41 -11.70 -32.32
N ASP B 150 -32.76 -12.98 -32.25
CA ASP B 150 -33.41 -13.65 -33.38
C ASP B 150 -34.75 -13.00 -33.67
N THR B 151 -35.47 -12.65 -32.61
CA THR B 151 -36.77 -12.00 -32.74
C THR B 151 -36.65 -10.65 -33.42
N LEU B 152 -35.64 -9.87 -33.03
CA LEU B 152 -35.42 -8.57 -33.62
C LEU B 152 -35.15 -8.70 -35.12
N GLU B 153 -34.40 -9.72 -35.49
CA GLU B 153 -34.16 -10.01 -36.90
C GLU B 153 -35.46 -10.35 -37.61
N ALA B 154 -36.29 -11.17 -36.97
CA ALA B 154 -37.58 -11.54 -37.54
C ALA B 154 -38.46 -10.31 -37.74
N LEU B 155 -38.23 -9.30 -36.92
CA LEU B 155 -38.97 -8.03 -37.01
C LEU B 155 -38.36 -7.11 -38.06
N GLY B 156 -37.24 -7.52 -38.63
CA GLY B 156 -36.59 -6.75 -39.67
C GLY B 156 -35.51 -5.82 -39.17
N VAL B 157 -35.17 -5.92 -37.89
CA VAL B 157 -34.13 -5.10 -37.31
C VAL B 157 -32.75 -5.66 -37.66
N ARG B 158 -31.84 -4.79 -38.09
CA ARG B 158 -30.46 -5.19 -38.34
C ARG B 158 -29.69 -5.17 -37.03
N ILE B 159 -29.54 -6.36 -36.43
CA ILE B 159 -28.95 -6.47 -35.09
C ILE B 159 -27.42 -6.47 -35.10
N ASP B 160 -26.82 -6.94 -36.21
CA ASP B 160 -25.37 -7.05 -36.29
C ASP B 160 -24.77 -5.79 -36.91
N LEU B 161 -24.55 -4.78 -36.07
CA LEU B 161 -23.95 -3.52 -36.50
C LEU B 161 -22.72 -3.19 -35.65
N GLY B 162 -21.78 -2.48 -36.26
CA GLY B 162 -20.58 -2.08 -35.56
C GLY B 162 -20.86 -0.91 -34.64
N PRO B 163 -19.89 -0.56 -33.78
CA PRO B 163 -20.00 0.51 -32.78
C PRO B 163 -20.55 1.82 -33.32
N ASP B 164 -20.07 2.25 -34.48
CA ASP B 164 -20.47 3.54 -35.05
C ASP B 164 -21.95 3.58 -35.37
N LEU B 165 -22.48 2.51 -35.95
CA LEU B 165 -23.87 2.46 -36.35
C LEU B 165 -24.81 2.19 -35.16
N VAL B 166 -24.32 1.46 -34.16
CA VAL B 166 -25.09 1.29 -32.93
C VAL B 166 -25.23 2.65 -32.24
N ALA B 167 -24.16 3.44 -32.31
CA ALA B 167 -24.16 4.77 -31.73
C ALA B 167 -25.16 5.67 -32.46
N ARG B 168 -25.14 5.59 -33.80
CA ARG B 168 -26.08 6.33 -34.63
C ARG B 168 -27.51 5.89 -34.34
N SER B 169 -27.71 4.59 -34.19
CA SER B 169 -29.03 4.03 -33.89
C SER B 169 -29.57 4.60 -32.59
N LEU B 170 -28.73 4.60 -31.56
CA LEU B 170 -29.11 5.11 -30.25
C LEU B 170 -29.50 6.59 -30.36
N ALA B 171 -28.74 7.35 -31.15
CA ALA B 171 -28.96 8.79 -31.27
C ALA B 171 -30.22 9.12 -32.08
N GLU B 172 -30.49 8.34 -33.13
CA GLU B 172 -31.55 8.67 -34.08
C GLU B 172 -32.86 7.94 -33.79
N VAL B 173 -32.75 6.69 -33.32
CA VAL B 173 -33.92 5.88 -33.02
C VAL B 173 -34.23 5.89 -31.52
N GLY B 174 -33.22 6.17 -30.71
CA GLY B 174 -33.38 6.18 -29.27
C GLY B 174 -33.14 4.81 -28.65
N ILE B 175 -32.65 3.89 -29.47
CA ILE B 175 -32.34 2.53 -29.01
C ILE B 175 -31.22 1.94 -29.87
N GLY B 176 -30.39 1.12 -29.24
CA GLY B 176 -29.31 0.43 -29.94
C GLY B 176 -29.16 -0.98 -29.42
N PHE B 177 -28.64 -1.86 -30.27
CA PHE B 177 -28.40 -3.26 -29.90
C PHE B 177 -26.96 -3.65 -30.22
N CYS B 178 -26.22 -4.07 -29.21
CA CYS B 178 -24.87 -4.60 -29.39
C CYS B 178 -24.92 -6.12 -29.58
N PHE B 179 -24.62 -6.58 -30.79
CA PHE B 179 -24.53 -8.01 -31.06
C PHE B 179 -23.28 -8.57 -30.41
N ALA B 180 -23.45 -9.52 -29.49
CA ALA B 180 -22.36 -9.94 -28.61
C ALA B 180 -21.14 -10.47 -29.37
N PRO B 181 -21.34 -11.38 -30.34
CA PRO B 181 -20.18 -11.88 -31.09
C PRO B 181 -19.37 -10.75 -31.75
N ARG B 182 -20.06 -9.70 -32.18
CA ARG B 182 -19.41 -8.55 -32.81
C ARG B 182 -18.58 -7.75 -31.80
N PHE B 183 -19.05 -7.69 -30.55
CA PHE B 183 -18.41 -6.85 -29.54
C PHE B 183 -17.50 -7.63 -28.57
N HIS B 184 -17.70 -8.95 -28.47
CA HIS B 184 -16.90 -9.79 -27.58
C HIS B 184 -16.24 -10.96 -28.30
N PRO B 185 -15.50 -10.69 -29.39
CA PRO B 185 -14.91 -11.78 -30.17
C PRO B 185 -13.92 -12.62 -29.37
N SER B 186 -13.25 -12.02 -28.41
CA SER B 186 -12.26 -12.73 -27.60
C SER B 186 -12.92 -13.75 -26.66
N TYR B 187 -14.24 -13.69 -26.55
CA TYR B 187 -15.00 -14.59 -25.69
C TYR B 187 -15.40 -15.87 -26.42
N ARG B 188 -15.06 -15.98 -27.69
CA ARG B 188 -15.62 -17.03 -28.55
C ARG B 188 -15.29 -18.46 -28.10
N HIS B 189 -14.13 -18.64 -27.48
CA HIS B 189 -13.75 -19.96 -27.02
C HIS B 189 -14.55 -20.33 -25.77
N ALA B 190 -14.75 -19.35 -24.90
CA ALA B 190 -15.60 -19.53 -23.73
C ALA B 190 -17.05 -19.79 -24.15
N ALA B 191 -17.48 -19.12 -25.21
CA ALA B 191 -18.83 -19.32 -25.72
C ALA B 191 -19.00 -20.74 -26.23
N ALA B 192 -17.97 -21.25 -26.92
CA ALA B 192 -17.95 -22.62 -27.39
C ALA B 192 -17.98 -23.61 -26.22
N VAL B 193 -17.17 -23.35 -25.20
CA VAL B 193 -17.14 -24.21 -24.02
C VAL B 193 -18.51 -24.29 -23.39
N ARG B 194 -19.16 -23.13 -23.23
CA ARG B 194 -20.48 -23.05 -22.60
C ARG B 194 -21.51 -23.90 -23.35
N ARG B 195 -21.40 -23.94 -24.66
CA ARG B 195 -22.30 -24.75 -25.47
C ARG B 195 -22.01 -26.24 -25.27
N GLU B 196 -20.74 -26.59 -25.24
CA GLU B 196 -20.33 -28.00 -25.20
C GLU B 196 -20.73 -28.68 -23.89
N ILE B 197 -20.72 -27.92 -22.80
CA ILE B 197 -21.10 -28.46 -21.50
C ILE B 197 -22.60 -28.33 -21.28
N GLY B 198 -23.20 -27.31 -21.86
CA GLY B 198 -24.65 -27.17 -21.88
C GLY B 198 -25.28 -26.67 -20.58
N VAL B 199 -24.62 -26.92 -19.45
CA VAL B 199 -25.18 -26.56 -18.16
C VAL B 199 -24.95 -25.09 -17.84
N PRO B 200 -25.89 -24.46 -17.13
CA PRO B 200 -25.65 -23.07 -16.70
C PRO B 200 -24.49 -22.99 -15.71
N THR B 201 -23.66 -21.98 -15.89
CA THR B 201 -22.52 -21.74 -15.02
C THR B 201 -22.46 -20.27 -14.64
N VAL B 202 -21.43 -19.90 -13.88
CA VAL B 202 -21.20 -18.52 -13.48
C VAL B 202 -21.15 -17.57 -14.68
N PHE B 203 -20.72 -18.09 -15.82
CA PHE B 203 -20.57 -17.25 -17.02
C PHE B 203 -21.91 -16.75 -17.54
N ASN B 204 -23.00 -17.40 -17.14
CA ASN B 204 -24.34 -16.96 -17.53
C ASN B 204 -24.74 -15.63 -16.88
N LEU B 205 -23.90 -15.13 -15.98
CA LEU B 205 -24.15 -13.86 -15.31
C LEU B 205 -23.49 -12.69 -16.02
N LEU B 206 -22.66 -13.00 -17.02
CA LEU B 206 -21.79 -12.01 -17.63
C LEU B 206 -22.49 -11.13 -18.66
N GLY B 207 -23.54 -11.65 -19.30
CA GLY B 207 -24.26 -10.91 -20.31
C GLY B 207 -24.68 -9.52 -19.85
N PRO B 208 -25.50 -9.46 -18.78
CA PRO B 208 -25.97 -8.19 -18.22
C PRO B 208 -24.85 -7.31 -17.64
N LEU B 209 -23.69 -7.91 -17.38
CA LEU B 209 -22.59 -7.19 -16.74
C LEU B 209 -21.48 -6.80 -17.72
N THR B 210 -21.67 -7.14 -19.00
CA THR B 210 -20.67 -6.86 -20.02
C THR B 210 -21.29 -6.12 -21.20
N ASN B 211 -22.28 -5.29 -20.93
CA ASN B 211 -22.89 -4.46 -21.97
C ASN B 211 -21.87 -3.44 -22.45
N PRO B 212 -21.44 -3.54 -23.73
CA PRO B 212 -20.35 -2.70 -24.22
C PRO B 212 -20.60 -1.20 -24.06
N ALA B 213 -21.87 -0.80 -24.10
CA ALA B 213 -22.22 0.61 -23.97
C ALA B 213 -22.10 1.09 -22.53
N ARG B 214 -21.95 0.14 -21.60
CA ARG B 214 -21.73 0.45 -20.19
C ARG B 214 -22.84 1.34 -19.63
N PRO B 215 -24.10 0.90 -19.78
CA PRO B 215 -25.19 1.67 -19.18
C PRO B 215 -25.03 1.73 -17.67
N ARG B 216 -25.47 2.83 -17.06
CA ARG B 216 -25.36 3.01 -15.62
C ARG B 216 -26.65 2.63 -14.92
N ALA B 217 -27.66 2.24 -15.69
CA ALA B 217 -28.97 1.86 -15.15
C ALA B 217 -29.58 0.71 -15.92
N GLY B 218 -30.63 0.13 -15.36
CA GLY B 218 -31.36 -0.91 -16.06
C GLY B 218 -32.18 -1.83 -15.17
N LEU B 219 -32.94 -2.69 -15.84
CA LEU B 219 -33.66 -3.79 -15.22
C LEU B 219 -32.87 -5.06 -15.55
N ILE B 220 -32.38 -5.73 -14.51
CA ILE B 220 -31.56 -6.91 -14.68
C ILE B 220 -32.26 -8.12 -14.05
N GLY B 221 -32.51 -9.14 -14.85
CA GLY B 221 -33.21 -10.33 -14.38
C GLY B 221 -32.27 -11.50 -14.15
N CYS B 222 -32.50 -12.24 -13.06
CA CYS B 222 -31.68 -13.41 -12.74
C CYS B 222 -32.53 -14.60 -12.33
N ALA B 223 -32.24 -15.76 -12.93
CA ALA B 223 -33.06 -16.95 -12.75
C ALA B 223 -32.91 -17.58 -11.36
N PHE B 224 -31.85 -17.24 -10.64
CA PHE B 224 -31.59 -17.82 -9.33
C PHE B 224 -31.33 -16.76 -8.27
N ALA B 225 -32.00 -16.92 -7.13
CA ALA B 225 -31.95 -15.95 -6.04
C ALA B 225 -30.54 -15.79 -5.49
N ASP B 226 -29.82 -16.91 -5.42
CA ASP B 226 -28.45 -16.92 -4.93
C ASP B 226 -27.57 -15.99 -5.76
N LEU B 227 -27.69 -16.12 -7.07
CA LEU B 227 -26.85 -15.37 -8.00
C LEU B 227 -27.39 -13.96 -8.24
N ALA B 228 -28.66 -13.74 -7.93
CA ALA B 228 -29.27 -12.42 -8.10
C ALA B 228 -28.59 -11.40 -7.19
N GLU B 229 -28.45 -11.76 -5.92
CA GLU B 229 -27.81 -10.89 -4.95
C GLU B 229 -26.35 -10.63 -5.31
N VAL B 230 -25.70 -11.64 -5.89
CA VAL B 230 -24.32 -11.50 -6.34
C VAL B 230 -24.21 -10.43 -7.41
N MET B 231 -25.10 -10.48 -8.38
CA MET B 231 -25.13 -9.49 -9.45
C MET B 231 -25.36 -8.09 -8.91
N ALA B 232 -26.28 -7.98 -7.94
CA ALA B 232 -26.57 -6.70 -7.31
C ALA B 232 -25.33 -6.09 -6.69
N GLY B 233 -24.46 -6.95 -6.15
CA GLY B 233 -23.22 -6.50 -5.54
C GLY B 233 -22.26 -5.93 -6.57
N VAL B 234 -22.24 -6.53 -7.75
CA VAL B 234 -21.38 -6.06 -8.83
C VAL B 234 -21.85 -4.69 -9.32
N PHE B 235 -23.16 -4.55 -9.52
CA PHE B 235 -23.71 -3.28 -9.96
C PHE B 235 -23.49 -2.21 -8.90
N ALA B 236 -23.55 -2.61 -7.64
CA ALA B 236 -23.35 -1.69 -6.53
C ALA B 236 -21.98 -1.03 -6.61
N ALA B 237 -20.95 -1.86 -6.81
CA ALA B 237 -19.58 -1.36 -6.88
C ALA B 237 -19.39 -0.48 -8.11
N ARG B 238 -20.18 -0.73 -9.14
CA ARG B 238 -20.12 0.05 -10.38
C ARG B 238 -20.79 1.40 -10.23
N ARG B 239 -21.40 1.64 -9.07
CA ARG B 239 -22.16 2.86 -8.82
C ARG B 239 -23.35 2.95 -9.78
N SER B 240 -23.87 1.80 -10.18
CA SER B 240 -25.04 1.75 -11.05
C SER B 240 -26.33 1.92 -10.25
N SER B 241 -27.39 2.32 -10.93
CA SER B 241 -28.72 2.34 -10.35
C SER B 241 -29.60 1.33 -11.08
N VAL B 242 -29.74 0.14 -10.53
CA VAL B 242 -30.48 -0.92 -11.21
C VAL B 242 -31.43 -1.65 -10.27
N LEU B 243 -32.42 -2.31 -10.85
CA LEU B 243 -33.27 -3.23 -10.13
C LEU B 243 -32.91 -4.64 -10.58
N VAL B 244 -32.21 -5.38 -9.72
CA VAL B 244 -31.93 -6.78 -9.99
C VAL B 244 -33.13 -7.58 -9.51
N VAL B 245 -33.83 -8.20 -10.46
CA VAL B 245 -35.10 -8.85 -10.16
C VAL B 245 -35.01 -10.37 -10.26
N HIS B 246 -35.78 -11.05 -9.43
CA HIS B 246 -35.89 -12.50 -9.49
C HIS B 246 -37.32 -12.92 -9.20
N GLY B 247 -37.99 -13.42 -10.24
CA GLY B 247 -39.34 -13.94 -10.08
C GLY B 247 -39.33 -15.13 -9.15
N ASP B 248 -40.25 -15.13 -8.18
CA ASP B 248 -40.32 -16.22 -7.21
C ASP B 248 -40.84 -17.50 -7.84
N ASP B 249 -41.17 -17.44 -9.13
CA ASP B 249 -41.58 -18.62 -9.89
C ASP B 249 -40.43 -19.16 -10.73
N GLY B 250 -39.27 -18.52 -10.62
CA GLY B 250 -38.07 -18.96 -11.33
C GLY B 250 -37.82 -18.19 -12.63
N LEU B 251 -38.63 -17.16 -12.88
CA LEU B 251 -38.45 -16.34 -14.07
C LEU B 251 -37.32 -15.33 -13.88
N ASP B 252 -36.57 -15.06 -14.95
CA ASP B 252 -35.49 -14.09 -14.89
C ASP B 252 -36.00 -12.70 -15.30
N GLU B 253 -37.15 -12.33 -14.75
CA GLU B 253 -37.76 -11.03 -15.02
C GLU B 253 -39.06 -10.93 -14.23
N LEU B 254 -39.51 -9.70 -13.97
CA LEU B 254 -40.77 -9.48 -13.26
C LEU B 254 -41.95 -9.97 -14.10
N THR B 255 -42.71 -10.91 -13.53
CA THR B 255 -43.92 -11.41 -14.19
C THR B 255 -45.14 -11.21 -13.32
N THR B 256 -46.29 -11.58 -13.87
CA THR B 256 -47.55 -11.51 -13.16
C THR B 256 -47.99 -12.90 -12.71
N THR B 257 -47.05 -13.84 -12.72
CA THR B 257 -47.33 -15.22 -12.33
C THR B 257 -47.30 -15.35 -10.80
N THR B 258 -46.39 -14.62 -10.17
CA THR B 258 -46.24 -14.65 -8.73
C THR B 258 -45.47 -13.43 -8.24
N THR B 259 -45.09 -13.44 -6.96
CA THR B 259 -44.29 -12.36 -6.40
C THR B 259 -42.87 -12.39 -6.97
N SER B 260 -42.12 -11.34 -6.72
CA SER B 260 -40.73 -11.26 -7.15
C SER B 260 -39.88 -10.62 -6.05
N THR B 261 -38.62 -11.02 -5.98
CA THR B 261 -37.65 -10.37 -5.12
C THR B 261 -36.85 -9.37 -5.94
N ILE B 262 -36.80 -8.13 -5.46
CA ILE B 262 -36.04 -7.08 -6.13
C ILE B 262 -34.91 -6.58 -5.24
N TRP B 263 -33.69 -6.56 -5.79
CA TRP B 263 -32.57 -5.90 -5.15
C TRP B 263 -32.41 -4.51 -5.75
N ARG B 264 -32.78 -3.49 -4.98
CA ARG B 264 -32.69 -2.12 -5.42
C ARG B 264 -31.28 -1.59 -5.21
N VAL B 265 -30.54 -1.42 -6.30
CA VAL B 265 -29.15 -0.96 -6.23
C VAL B 265 -29.05 0.51 -6.60
N ALA B 266 -28.35 1.29 -5.78
CA ALA B 266 -28.14 2.70 -6.03
C ALA B 266 -27.11 3.26 -5.07
N ALA B 267 -26.25 4.15 -5.57
CA ALA B 267 -25.29 4.86 -4.74
C ALA B 267 -24.41 3.90 -3.94
N GLY B 268 -24.22 2.69 -4.48
CA GLY B 268 -23.33 1.73 -3.86
C GLY B 268 -24.01 0.86 -2.81
N SER B 269 -25.31 1.06 -2.60
CA SER B 269 -26.07 0.31 -1.60
C SER B 269 -27.12 -0.56 -2.25
N VAL B 270 -27.44 -1.67 -1.59
CA VAL B 270 -28.42 -2.63 -2.10
C VAL B 270 -29.56 -2.79 -1.08
N ASP B 271 -30.79 -2.62 -1.55
CA ASP B 271 -31.98 -2.85 -0.73
C ASP B 271 -32.76 -4.05 -1.25
N LYS B 272 -32.94 -5.06 -0.41
CA LYS B 272 -33.72 -6.23 -0.79
C LYS B 272 -35.19 -6.03 -0.46
N LEU B 273 -36.04 -6.13 -1.47
CA LEU B 273 -37.48 -5.93 -1.30
C LEU B 273 -38.24 -7.10 -1.92
N THR B 274 -39.52 -7.20 -1.57
CA THR B 274 -40.45 -8.11 -2.22
C THR B 274 -41.38 -7.28 -3.07
N PHE B 275 -41.76 -7.83 -4.22
CA PHE B 275 -42.60 -7.11 -5.18
C PHE B 275 -43.81 -7.96 -5.53
N ASP B 276 -44.98 -7.37 -5.37
CA ASP B 276 -46.24 -8.03 -5.69
C ASP B 276 -46.99 -7.20 -6.73
N PRO B 277 -47.07 -7.68 -7.98
CA PRO B 277 -47.78 -6.92 -9.02
C PRO B 277 -49.24 -6.68 -8.68
N ALA B 278 -49.82 -7.57 -7.88
CA ALA B 278 -51.22 -7.43 -7.46
C ALA B 278 -51.42 -6.10 -6.75
N GLY B 279 -50.38 -5.63 -6.08
CA GLY B 279 -50.43 -4.37 -5.37
C GLY B 279 -50.65 -3.18 -6.30
N PHE B 280 -50.49 -3.42 -7.60
CA PHE B 280 -50.73 -2.39 -8.61
C PHE B 280 -51.90 -2.78 -9.51
N GLY B 281 -52.78 -3.63 -9.00
CA GLY B 281 -54.00 -3.98 -9.69
C GLY B 281 -53.81 -4.86 -10.92
N PHE B 282 -52.66 -5.53 -11.00
CA PHE B 282 -52.40 -6.45 -12.10
C PHE B 282 -53.03 -7.80 -11.82
N ALA B 283 -53.68 -8.37 -12.83
CA ALA B 283 -54.27 -9.70 -12.73
C ALA B 283 -53.16 -10.75 -12.79
N ARG B 284 -53.31 -11.80 -12.00
CA ARG B 284 -52.36 -12.89 -12.00
C ARG B 284 -52.51 -13.75 -13.26
N ALA B 285 -51.42 -14.37 -13.67
CA ALA B 285 -51.41 -15.19 -14.88
C ALA B 285 -50.64 -16.49 -14.64
N GLN B 286 -50.56 -17.32 -15.68
CA GLN B 286 -49.81 -18.57 -15.61
C GLN B 286 -48.60 -18.50 -16.53
N LEU B 287 -47.59 -19.30 -16.25
CA LEU B 287 -46.35 -19.31 -17.03
C LEU B 287 -46.61 -19.75 -18.47
N ASP B 288 -47.69 -20.50 -18.68
CA ASP B 288 -48.03 -21.01 -20.01
C ASP B 288 -48.31 -19.86 -20.97
N GLN B 289 -48.83 -18.76 -20.45
CA GLN B 289 -49.19 -17.60 -21.27
C GLN B 289 -47.98 -16.73 -21.60
N LEU B 290 -46.98 -16.75 -20.73
CA LEU B 290 -45.76 -15.97 -20.94
C LEU B 290 -44.69 -16.76 -21.69
N ALA B 291 -45.08 -17.91 -22.24
CA ALA B 291 -44.14 -18.75 -22.98
C ALA B 291 -43.74 -18.11 -24.31
N GLY B 293 -42.11 -19.09 -28.14
CA GLY B 293 -41.99 -20.00 -29.27
C GLY B 293 -40.90 -19.59 -30.23
N ASP B 294 -41.09 -19.90 -31.51
CA ASP B 294 -40.11 -19.60 -32.55
C ASP B 294 -39.98 -18.10 -32.79
N ALA B 295 -39.12 -17.72 -33.73
CA ALA B 295 -38.85 -16.32 -34.01
C ALA B 295 -40.07 -15.62 -34.62
N GLN B 296 -40.71 -16.28 -35.58
CA GLN B 296 -41.89 -15.73 -36.25
C GLN B 296 -43.02 -15.55 -35.25
N ALA B 297 -43.18 -16.53 -34.37
CA ALA B 297 -44.21 -16.47 -33.33
C ALA B 297 -43.91 -15.36 -32.33
N ASN B 298 -42.65 -15.24 -31.94
CA ASN B 298 -42.23 -14.18 -31.01
C ASN B 298 -42.42 -12.80 -31.64
N ALA B 299 -42.09 -12.68 -32.91
CA ALA B 299 -42.26 -11.43 -33.65
C ALA B 299 -43.73 -11.01 -33.69
N ALA B 300 -44.61 -11.99 -33.85
CA ALA B 300 -46.05 -11.73 -33.88
C ALA B 300 -46.53 -11.27 -32.51
N ALA B 301 -45.97 -11.86 -31.46
CA ALA B 301 -46.30 -11.48 -30.10
C ALA B 301 -45.90 -10.03 -29.83
N VAL B 302 -44.74 -9.62 -30.36
CA VAL B 302 -44.27 -8.26 -30.20
C VAL B 302 -45.25 -7.26 -30.83
N ARG B 303 -45.63 -7.51 -32.08
CA ARG B 303 -46.51 -6.59 -32.80
C ARG B 303 -47.87 -6.45 -32.10
N ALA B 304 -48.36 -7.54 -31.54
CA ALA B 304 -49.64 -7.52 -30.82
C ALA B 304 -49.56 -6.64 -29.58
N VAL B 305 -48.54 -6.86 -28.75
CA VAL B 305 -48.38 -6.08 -27.53
C VAL B 305 -48.18 -4.60 -27.85
N LEU B 306 -47.29 -4.31 -28.80
CA LEU B 306 -47.04 -2.93 -29.19
C LEU B 306 -48.26 -2.35 -29.90
N GLY B 307 -49.11 -3.22 -30.42
CA GLY B 307 -50.34 -2.81 -31.07
C GLY B 307 -51.47 -2.53 -30.09
N GLY B 308 -51.20 -2.77 -28.80
CA GLY B 308 -52.14 -2.43 -27.74
C GLY B 308 -52.88 -3.62 -27.14
N ALA B 309 -52.56 -4.82 -27.60
CA ALA B 309 -53.24 -6.04 -27.15
C ALA B 309 -53.10 -6.24 -25.65
N ARG B 310 -54.23 -6.33 -24.98
CA ARG B 310 -54.28 -6.53 -23.53
C ARG B 310 -54.04 -8.00 -23.20
N GLY B 311 -53.62 -8.28 -21.97
CA GLY B 311 -53.36 -9.63 -21.55
C GLY B 311 -52.17 -9.75 -20.64
N PRO B 312 -51.82 -10.99 -20.24
CA PRO B 312 -50.71 -11.26 -19.33
C PRO B 312 -49.35 -10.85 -19.90
N VAL B 313 -49.17 -11.00 -21.21
CA VAL B 313 -47.91 -10.66 -21.85
C VAL B 313 -47.65 -9.15 -21.76
N ARG B 314 -48.64 -8.35 -22.13
CA ARG B 314 -48.54 -6.90 -22.00
C ARG B 314 -48.19 -6.49 -20.58
N ASP B 315 -48.90 -7.06 -19.62
CA ASP B 315 -48.69 -6.74 -18.21
C ASP B 315 -47.24 -6.97 -17.79
N ALA B 316 -46.69 -8.11 -18.21
CA ALA B 316 -45.31 -8.45 -17.89
C ALA B 316 -44.33 -7.46 -18.51
N VAL B 317 -44.63 -7.02 -19.73
CA VAL B 317 -43.79 -6.06 -20.44
C VAL B 317 -43.80 -4.72 -19.71
N VAL B 318 -44.99 -4.26 -19.34
CA VAL B 318 -45.16 -3.01 -18.62
C VAL B 318 -44.47 -3.03 -17.26
N LEU B 319 -44.56 -4.17 -16.56
CA LEU B 319 -43.88 -4.31 -15.28
C LEU B 319 -42.37 -4.09 -15.40
N ASN B 320 -41.75 -4.82 -16.31
CA ASN B 320 -40.30 -4.76 -16.44
C ASN B 320 -39.84 -3.42 -17.02
N ALA B 321 -40.63 -2.88 -17.94
CA ALA B 321 -40.33 -1.57 -18.51
C ALA B 321 -40.37 -0.52 -17.42
N ALA B 322 -41.40 -0.59 -16.59
CA ALA B 322 -41.57 0.32 -15.47
C ALA B 322 -40.38 0.18 -14.52
N GLY B 323 -39.96 -1.05 -14.28
CA GLY B 323 -38.81 -1.31 -13.42
C GLY B 323 -37.57 -0.63 -13.95
N ALA B 324 -37.36 -0.72 -15.26
CA ALA B 324 -36.20 -0.11 -15.88
C ALA B 324 -36.28 1.41 -15.76
N ILE B 325 -37.50 1.94 -15.81
CA ILE B 325 -37.70 3.38 -15.69
C ILE B 325 -37.46 3.83 -14.26
N VAL B 326 -37.94 3.04 -13.29
CA VAL B 326 -37.68 3.35 -11.88
C VAL B 326 -36.18 3.34 -11.64
N ALA B 327 -35.48 2.42 -12.30
CA ALA B 327 -34.03 2.35 -12.19
C ALA B 327 -33.40 3.59 -12.81
N HIS B 328 -33.94 4.03 -13.96
CA HIS B 328 -33.46 5.23 -14.63
C HIS B 328 -33.61 6.47 -13.74
N ALA B 329 -34.75 6.58 -13.06
CA ALA B 329 -35.00 7.68 -12.15
C ALA B 329 -34.01 7.68 -10.99
N GLY B 330 -33.52 6.50 -10.65
CA GLY B 330 -32.57 6.33 -9.55
C GLY B 330 -31.24 7.02 -9.77
N LEU B 331 -31.00 7.55 -10.97
CA LEU B 331 -29.77 8.28 -11.26
C LEU B 331 -29.83 9.71 -10.76
N SER B 332 -30.92 10.38 -11.07
CA SER B 332 -31.08 11.80 -10.76
C SER B 332 -31.68 12.04 -9.39
N SER B 333 -32.26 10.99 -8.80
CA SER B 333 -32.98 11.15 -7.54
C SER B 333 -33.17 9.81 -6.81
N ARG B 334 -33.63 9.90 -5.56
CA ARG B 334 -33.95 8.73 -4.76
C ARG B 334 -35.38 8.85 -4.24
N ALA B 335 -36.34 8.85 -5.17
CA ALA B 335 -37.75 9.02 -4.84
C ALA B 335 -38.29 7.82 -4.08
N GLU B 336 -39.53 7.94 -3.61
CA GLU B 336 -40.18 6.86 -2.87
C GLU B 336 -40.48 5.68 -3.78
N TRP B 337 -40.38 4.48 -3.23
CA TRP B 337 -40.54 3.24 -3.97
C TRP B 337 -41.88 3.16 -4.71
N LEU B 338 -42.97 3.31 -3.97
CA LEU B 338 -44.31 3.20 -4.54
C LEU B 338 -44.58 4.24 -5.64
N PRO B 339 -44.42 5.53 -5.34
CA PRO B 339 -44.72 6.56 -6.35
C PRO B 339 -43.78 6.55 -7.55
N ALA B 340 -42.57 6.01 -7.37
CA ALA B 340 -41.66 5.85 -8.49
C ALA B 340 -42.23 4.79 -9.45
N TRP B 341 -42.72 3.69 -8.86
CA TRP B 341 -43.33 2.63 -9.64
C TRP B 341 -44.62 3.08 -10.30
N GLU B 342 -45.38 3.92 -9.60
CA GLU B 342 -46.60 4.48 -10.17
C GLU B 342 -46.28 5.26 -11.43
N GLU B 343 -45.23 6.08 -11.34
CA GLU B 343 -44.77 6.87 -12.48
C GLU B 343 -44.23 5.99 -13.61
N GLY B 344 -43.42 5.00 -13.26
CA GLY B 344 -42.84 4.10 -14.24
C GLY B 344 -43.89 3.29 -14.96
N LEU B 345 -44.88 2.82 -14.22
CA LEU B 345 -45.98 2.07 -14.80
C LEU B 345 -46.81 2.96 -15.74
N ARG B 346 -46.99 4.22 -15.35
CA ARG B 346 -47.72 5.17 -16.17
C ARG B 346 -46.99 5.42 -17.50
N ARG B 347 -45.69 5.66 -17.42
CA ARG B 347 -44.89 5.95 -18.61
C ARG B 347 -44.80 4.74 -19.53
N ALA B 348 -44.58 3.56 -18.96
CA ALA B 348 -44.50 2.34 -19.73
C ALA B 348 -45.82 2.09 -20.47
N SER B 349 -46.93 2.27 -19.77
CA SER B 349 -48.26 2.06 -20.34
C SER B 349 -48.53 3.03 -21.47
N ALA B 350 -48.18 4.30 -21.25
CA ALA B 350 -48.41 5.32 -22.26
C ALA B 350 -47.54 5.10 -23.49
N ALA B 351 -46.33 4.60 -23.27
CA ALA B 351 -45.40 4.35 -24.36
C ALA B 351 -46.00 3.37 -25.36
N ILE B 352 -46.77 2.41 -24.87
CA ILE B 352 -47.50 1.51 -25.76
C ILE B 352 -48.74 2.21 -26.32
N ASP B 353 -49.57 2.73 -25.43
CA ASP B 353 -50.91 3.21 -25.81
C ASP B 353 -50.89 4.47 -26.67
N THR B 354 -49.76 5.17 -26.70
CA THR B 354 -49.60 6.33 -27.58
C THR B 354 -49.27 5.89 -29.00
N GLY B 355 -48.86 4.64 -29.15
CA GLY B 355 -48.30 4.17 -30.41
C GLY B 355 -46.82 4.48 -30.53
N ALA B 356 -46.25 5.08 -29.49
CA ALA B 356 -44.83 5.45 -29.51
C ALA B 356 -43.92 4.23 -29.68
N ALA B 357 -44.20 3.17 -28.93
CA ALA B 357 -43.38 1.96 -28.96
C ALA B 357 -43.48 1.27 -30.31
N GLU B 358 -44.70 1.13 -30.81
CA GLU B 358 -44.93 0.52 -32.12
C GLU B 358 -44.24 1.31 -33.21
N GLN B 359 -44.23 2.63 -33.06
CA GLN B 359 -43.65 3.51 -34.07
C GLN B 359 -42.13 3.60 -33.92
N LEU B 360 -41.62 3.45 -32.71
CA LEU B 360 -40.18 3.43 -32.53
C LEU B 360 -39.61 2.18 -33.19
N LEU B 361 -40.32 1.06 -33.08
CA LEU B 361 -39.90 -0.17 -33.74
C LEU B 361 -39.81 0.04 -35.26
N ALA B 362 -40.84 0.67 -35.83
CA ALA B 362 -40.87 0.94 -37.26
C ALA B 362 -39.68 1.80 -37.68
N ARG B 363 -39.38 2.82 -36.88
CA ARG B 363 -38.23 3.68 -37.14
C ARG B 363 -36.93 2.87 -37.04
N TRP B 364 -36.91 1.90 -36.13
CA TRP B 364 -35.72 1.07 -35.93
C TRP B 364 -35.45 0.21 -37.15
N VAL B 365 -36.52 -0.34 -37.72
CA VAL B 365 -36.42 -1.15 -38.93
C VAL B 365 -36.02 -0.29 -40.13
N ARG B 366 -36.61 0.90 -40.24
CA ARG B 366 -36.29 1.81 -41.33
C ARG B 366 -34.83 2.27 -41.25
N PHE B 367 -34.33 2.39 -40.02
CA PHE B 367 -32.94 2.80 -39.80
C PHE B 367 -31.96 1.85 -40.47
N GLY B 368 -32.15 0.55 -40.24
CA GLY B 368 -31.30 -0.47 -40.85
C GLY B 368 -31.43 -0.52 -42.35
N ARG B 369 -32.61 -0.20 -42.86
CA ARG B 369 -32.88 -0.25 -44.30
C ARG B 369 -32.17 0.89 -45.04
N GLN B 370 -31.83 1.95 -44.31
CA GLN B 370 -31.18 3.11 -44.89
C GLN B 370 -29.77 3.30 -44.34
N PRO C 26 26.77 15.70 23.41
CA PRO C 26 25.67 16.24 22.60
C PRO C 26 24.81 17.24 23.37
N SER C 27 24.49 18.37 22.75
CA SER C 27 23.66 19.37 23.39
C SER C 27 23.03 20.29 22.35
N TRP C 28 22.04 21.06 22.79
CA TRP C 28 21.35 21.98 21.89
C TRP C 28 22.23 23.17 21.49
N PRO C 29 22.96 23.75 22.46
CA PRO C 29 23.88 24.83 22.07
C PRO C 29 24.91 24.37 21.03
N GLN C 30 25.41 23.16 21.20
CA GLN C 30 26.38 22.58 20.28
C GLN C 30 25.80 22.37 18.88
N ILE C 31 24.67 21.67 18.83
CA ILE C 31 24.06 21.29 17.57
C ILE C 31 23.50 22.51 16.84
N LEU C 32 22.75 23.34 17.56
CA LEU C 32 22.21 24.56 16.97
C LEU C 32 23.33 25.51 16.57
N GLY C 33 24.39 25.55 17.37
CA GLY C 33 25.54 26.39 17.07
C GLY C 33 26.19 25.96 15.77
N ARG C 34 26.26 24.66 15.56
CA ARG C 34 26.87 24.11 14.36
C ARG C 34 26.00 24.40 13.14
N LEU C 35 24.69 24.32 13.29
CA LEU C 35 23.78 24.56 12.18
C LEU C 35 23.78 26.03 11.78
N THR C 36 23.73 26.92 12.77
CA THR C 36 23.70 28.35 12.50
C THR C 36 25.04 28.81 11.94
N ASP C 37 26.08 28.02 12.16
CA ASP C 37 27.38 28.26 11.55
C ASP C 37 27.46 27.65 10.15
N ASN C 38 26.32 27.18 9.66
CA ASN C 38 26.21 26.57 8.33
C ASN C 38 27.15 25.38 8.16
N ARG C 39 27.24 24.55 9.19
CA ARG C 39 28.04 23.33 9.12
C ARG C 39 27.16 22.10 9.24
N ASP C 40 27.44 21.09 8.41
CA ASP C 40 26.78 19.80 8.53
C ASP C 40 27.07 19.22 9.90
N LEU C 41 26.13 18.47 10.45
CA LEU C 41 26.27 17.90 11.77
C LEU C 41 27.17 16.67 11.74
N ALA C 42 27.79 16.35 12.88
CA ALA C 42 28.50 15.08 13.01
C ALA C 42 27.48 13.97 13.09
N ARG C 43 27.90 12.75 12.75
CA ARG C 43 26.98 11.61 12.78
C ARG C 43 26.42 11.43 14.18
N GLY C 44 25.10 11.21 14.26
CA GLY C 44 24.44 10.96 15.52
C GLY C 44 23.82 12.19 16.15
N GLN C 45 24.22 13.38 15.69
CA GLN C 45 23.73 14.62 16.28
C GLN C 45 22.30 14.92 15.90
N ALA C 46 21.96 14.73 14.63
CA ALA C 46 20.58 14.88 14.18
C ALA C 46 19.71 13.88 14.92
N ALA C 47 20.18 12.64 15.03
CA ALA C 47 19.43 11.57 15.69
C ALA C 47 19.19 11.91 17.16
N TRP C 48 20.20 12.51 17.80
CA TRP C 48 20.07 12.90 19.20
C TRP C 48 19.02 13.99 19.32
N ALA C 49 19.09 14.98 18.45
CA ALA C 49 18.15 16.08 18.45
C ALA C 49 16.73 15.57 18.25
N MET C 50 16.55 14.69 17.28
CA MET C 50 15.22 14.18 16.96
C MET C 50 14.68 13.36 18.13
N ASP C 51 15.54 12.56 18.75
CA ASP C 51 15.11 11.73 19.88
C ASP C 51 14.66 12.58 21.07
N GLN C 52 15.35 13.70 21.30
CA GLN C 52 14.91 14.65 22.32
C GLN C 52 13.50 15.14 22.00
N ILE C 53 13.25 15.40 20.72
CA ILE C 53 11.96 15.92 20.27
C ILE C 53 10.86 14.87 20.45
N MET C 54 11.16 13.62 20.10
CA MET C 54 10.18 12.55 20.17
C MET C 54 9.86 12.15 21.61
N THR C 55 10.85 12.28 22.50
CA THR C 55 10.66 11.87 23.90
C THR C 55 10.10 12.99 24.78
N GLY C 56 9.80 14.13 24.19
CA GLY C 56 9.22 15.25 24.94
C GLY C 56 10.21 15.98 25.82
N ASN C 57 11.50 15.74 25.62
CA ASN C 57 12.54 16.41 26.40
C ASN C 57 13.02 17.72 25.75
N ALA C 58 12.45 18.05 24.59
CA ALA C 58 12.82 19.26 23.88
C ALA C 58 11.75 20.33 24.05
N ARG C 59 12.18 21.52 24.44
CA ARG C 59 11.26 22.65 24.56
C ARG C 59 10.81 23.10 23.17
N PRO C 60 9.63 23.73 23.09
CA PRO C 60 9.14 24.25 21.81
C PRO C 60 10.16 25.10 21.06
N ALA C 61 10.84 25.99 21.78
CA ALA C 61 11.86 26.85 21.18
C ALA C 61 12.98 26.04 20.54
N GLN C 62 13.40 24.97 21.22
CA GLN C 62 14.48 24.14 20.73
C GLN C 62 14.07 23.40 19.45
N ILE C 63 12.86 22.83 19.46
CA ILE C 63 12.31 22.16 18.30
C ILE C 63 12.30 23.09 17.09
N ALA C 64 11.78 24.30 17.29
CA ALA C 64 11.64 25.28 16.23
C ALA C 64 12.99 25.80 15.76
N ALA C 65 13.90 26.00 16.70
CA ALA C 65 15.23 26.47 16.35
C ALA C 65 15.93 25.43 15.49
N PHE C 66 15.80 24.17 15.88
CA PHE C 66 16.43 23.07 15.15
C PHE C 66 15.87 22.96 13.73
N ALA C 67 14.55 22.98 13.62
CA ALA C 67 13.90 22.82 12.33
C ALA C 67 14.34 23.90 11.36
N VAL C 68 14.29 25.15 11.80
CA VAL C 68 14.66 26.28 10.95
C VAL C 68 16.14 26.24 10.57
N ALA C 69 17.02 26.04 11.55
CA ALA C 69 18.46 26.07 11.30
C ALA C 69 18.88 24.95 10.34
N MET C 70 18.34 23.75 10.56
CA MET C 70 18.55 22.63 9.65
C MET C 70 18.10 22.99 8.23
N THR C 71 16.95 23.67 8.13
CA THR C 71 16.39 24.05 6.82
C THR C 71 17.26 25.08 6.09
N MET C 72 17.68 26.11 6.80
CA MET C 72 18.46 27.17 6.19
C MET C 72 19.91 26.77 5.96
N LYS C 73 20.41 25.82 6.76
CA LYS C 73 21.74 25.28 6.53
C LYS C 73 21.74 24.44 5.24
N ALA C 74 20.61 23.77 5.01
CA ALA C 74 20.40 22.78 3.93
C ALA C 74 20.70 21.40 4.47
N PRO C 75 19.66 20.56 4.65
CA PRO C 75 19.89 19.22 5.21
C PRO C 75 20.62 18.30 4.23
N THR C 76 21.37 17.34 4.77
CA THR C 76 22.02 16.31 3.96
C THR C 76 21.24 15.01 4.08
N ALA C 77 21.60 14.04 3.24
CA ALA C 77 20.95 12.73 3.25
C ALA C 77 21.08 12.06 4.61
N ASP C 78 22.29 12.09 5.17
CA ASP C 78 22.55 11.45 6.45
C ASP C 78 21.75 12.10 7.57
N GLU C 79 21.64 13.43 7.54
CA GLU C 79 20.89 14.14 8.56
C GLU C 79 19.41 13.82 8.49
N VAL C 80 18.82 13.96 7.30
CA VAL C 80 17.41 13.65 7.10
C VAL C 80 17.14 12.19 7.47
N GLY C 81 18.07 11.31 7.10
CA GLY C 81 17.93 9.90 7.40
C GLY C 81 17.88 9.63 8.89
N GLU C 82 18.72 10.31 9.65
CA GLU C 82 18.74 10.14 11.09
C GLU C 82 17.45 10.64 11.73
N LEU C 83 16.89 11.72 11.19
CA LEU C 83 15.63 12.24 11.69
C LEU C 83 14.50 11.24 11.46
N ALA C 84 14.40 10.74 10.23
CA ALA C 84 13.35 9.79 9.88
C ALA C 84 13.50 8.49 10.70
N GLY C 85 14.73 8.00 10.81
CA GLY C 85 14.98 6.76 11.53
C GLY C 85 14.51 6.81 12.98
N VAL C 86 14.86 7.87 13.68
CA VAL C 86 14.40 8.09 15.05
C VAL C 86 12.88 8.13 15.12
N MET C 87 12.27 8.85 14.18
CA MET C 87 10.82 8.94 14.11
C MET C 87 10.21 7.54 13.94
N LEU C 88 10.83 6.73 13.08
CA LEU C 88 10.35 5.37 12.87
C LEU C 88 10.50 4.49 14.11
N SER C 89 11.55 4.73 14.89
CA SER C 89 11.80 3.89 16.07
C SER C 89 10.75 4.15 17.14
N HIS C 90 10.17 5.35 17.14
CA HIS C 90 9.14 5.71 18.12
C HIS C 90 7.72 5.43 17.62
N ALA C 91 7.61 5.00 16.37
CA ALA C 91 6.31 4.74 15.77
C ALA C 91 5.82 3.33 16.04
N HIS C 92 4.50 3.18 16.13
CA HIS C 92 3.90 1.86 16.24
C HIS C 92 4.15 1.07 14.96
N PRO C 93 4.67 -0.16 15.09
CA PRO C 93 4.85 -0.99 13.89
C PRO C 93 3.60 -1.77 13.55
N LEU C 94 3.51 -2.27 12.33
CA LEU C 94 2.51 -3.25 11.96
C LEU C 94 2.93 -4.60 12.52
N PRO C 95 1.96 -5.51 12.75
CA PRO C 95 2.34 -6.83 13.29
C PRO C 95 3.31 -7.58 12.38
N ALA C 96 4.07 -8.49 12.97
CA ALA C 96 5.08 -9.23 12.22
C ALA C 96 4.48 -10.10 11.11
N ASP C 97 5.10 -10.04 9.94
CA ASP C 97 4.69 -10.84 8.80
C ASP C 97 3.31 -10.44 8.27
N THR C 98 3.04 -9.14 8.25
CA THR C 98 1.77 -8.62 7.74
C THR C 98 1.97 -7.71 6.53
N VAL C 99 3.19 -7.25 6.32
CA VAL C 99 3.52 -6.37 5.19
C VAL C 99 4.30 -7.16 4.15
N PRO C 100 3.76 -7.28 2.92
CA PRO C 100 4.49 -8.00 1.87
C PRO C 100 5.84 -7.35 1.56
N ASP C 101 6.78 -8.14 1.07
CA ASP C 101 8.13 -7.66 0.77
C ASP C 101 8.13 -6.64 -0.35
N ASP C 102 7.11 -6.68 -1.19
CA ASP C 102 7.02 -5.80 -2.34
C ASP C 102 5.92 -4.76 -2.18
N ALA C 103 5.59 -4.44 -0.93
CA ALA C 103 4.65 -3.36 -0.63
C ALA C 103 5.26 -2.03 -1.08
N VAL C 104 4.41 -1.11 -1.51
CA VAL C 104 4.88 0.18 -2.02
C VAL C 104 4.15 1.32 -1.35
N ASP C 105 4.63 2.54 -1.61
CA ASP C 105 4.03 3.76 -1.11
C ASP C 105 3.81 4.70 -2.29
N VAL C 106 2.78 5.54 -2.18
CA VAL C 106 2.52 6.60 -3.14
C VAL C 106 2.19 7.85 -2.35
N VAL C 107 3.14 8.77 -2.28
CA VAL C 107 3.06 9.89 -1.35
C VAL C 107 3.92 11.05 -1.81
N GLY C 108 3.46 12.26 -1.48
CA GLY C 108 4.22 13.47 -1.75
C GLY C 108 4.37 14.27 -0.47
N THR C 109 5.27 15.26 -0.50
CA THR C 109 5.45 16.13 0.65
C THR C 109 4.30 17.11 0.77
N VAL C 117 -5.90 17.50 -6.65
CA VAL C 117 -7.17 16.84 -6.44
C VAL C 117 -6.97 15.47 -5.81
N ASN C 118 -5.94 15.35 -4.97
CA ASN C 118 -5.63 14.09 -4.31
C ASN C 118 -5.25 13.01 -5.33
N LEU C 119 -4.21 13.28 -6.11
CA LEU C 119 -3.78 12.38 -7.16
C LEU C 119 -3.07 11.17 -6.60
N SER C 120 -2.22 11.38 -5.60
CA SER C 120 -1.49 10.28 -4.98
C SER C 120 -2.49 9.28 -4.38
N THR C 121 -3.53 9.81 -3.75
CA THR C 121 -4.59 8.96 -3.19
C THR C 121 -5.24 8.09 -4.26
N MET C 122 -5.60 8.70 -5.38
CA MET C 122 -6.20 7.95 -6.49
C MET C 122 -5.18 6.98 -7.09
N ALA C 123 -3.95 7.45 -7.25
CA ALA C 123 -2.88 6.62 -7.78
C ALA C 123 -2.67 5.40 -6.89
N ALA C 124 -2.80 5.59 -5.58
CA ALA C 124 -2.61 4.52 -4.63
C ALA C 124 -3.64 3.39 -4.84
N ILE C 125 -4.90 3.77 -4.98
CA ILE C 125 -5.96 2.80 -5.24
C ILE C 125 -5.70 2.03 -6.53
N VAL C 126 -5.24 2.74 -7.56
CA VAL C 126 -4.94 2.15 -8.86
C VAL C 126 -3.78 1.15 -8.80
N VAL C 127 -2.72 1.54 -8.10
CA VAL C 127 -1.58 0.66 -7.89
C VAL C 127 -2.01 -0.57 -7.12
N ALA C 128 -2.81 -0.38 -6.07
CA ALA C 128 -3.32 -1.48 -5.28
C ALA C 128 -4.16 -2.41 -6.16
N ALA C 129 -5.03 -1.82 -6.98
CA ALA C 129 -5.90 -2.58 -7.85
C ALA C 129 -5.12 -3.29 -8.96
N ALA C 130 -3.91 -2.81 -9.22
CA ALA C 130 -3.04 -3.40 -10.23
C ALA C 130 -2.31 -4.62 -9.71
N GLY C 131 -2.52 -4.95 -8.43
CA GLY C 131 -1.95 -6.15 -7.85
C GLY C 131 -0.73 -5.92 -6.97
N VAL C 132 -0.33 -4.66 -6.84
CA VAL C 132 0.81 -4.29 -6.01
C VAL C 132 0.32 -3.89 -4.62
N PRO C 133 0.78 -4.58 -3.56
CA PRO C 133 0.33 -4.18 -2.23
C PRO C 133 0.71 -2.73 -1.91
N VAL C 134 -0.24 -1.95 -1.41
CA VAL C 134 0.01 -0.55 -1.08
C VAL C 134 -0.28 -0.31 0.39
N VAL C 135 0.53 0.54 1.00
CA VAL C 135 0.27 1.01 2.35
C VAL C 135 0.53 2.51 2.39
N LYS C 136 -0.55 3.29 2.47
CA LYS C 136 -0.43 4.74 2.52
C LYS C 136 -0.27 5.20 3.96
N HIS C 137 0.28 6.40 4.10
CA HIS C 137 0.58 6.97 5.40
C HIS C 137 0.54 8.47 5.28
N GLY C 138 -0.43 9.09 5.97
CA GLY C 138 -0.60 10.52 5.87
C GLY C 138 -1.49 11.14 6.93
N ASN C 139 -1.71 12.44 6.75
CA ASN C 139 -2.44 13.26 7.70
C ASN C 139 -3.67 13.89 7.04
N ARG C 140 -4.36 14.74 7.78
CA ARG C 140 -5.40 15.58 7.22
C ARG C 140 -4.77 16.85 6.65
N ALA C 141 -5.55 17.62 5.90
CA ALA C 141 -5.06 18.86 5.30
C ALA C 141 -5.16 20.00 6.29
N GLY C 147 -7.56 17.41 1.09
CA GLY C 147 -6.79 16.47 1.89
C GLY C 147 -7.04 15.03 1.48
N GLY C 148 -5.98 14.22 1.46
CA GLY C 148 -6.07 12.84 1.07
C GLY C 148 -6.88 12.00 2.04
N ALA C 149 -6.57 12.13 3.33
CA ALA C 149 -7.28 11.39 4.37
C ALA C 149 -8.74 11.83 4.43
N ASP C 150 -8.98 13.12 4.20
CA ASP C 150 -10.33 13.67 4.25
C ASP C 150 -11.18 13.15 3.10
N THR C 151 -10.57 12.95 1.94
CA THR C 151 -11.28 12.48 0.77
C THR C 151 -11.67 11.02 0.94
N LEU C 152 -10.74 10.21 1.46
CA LEU C 152 -11.02 8.81 1.69
C LEU C 152 -12.16 8.62 2.68
N GLU C 153 -12.24 9.49 3.69
CA GLU C 153 -13.34 9.44 4.66
C GLU C 153 -14.67 9.71 3.98
N ALA C 154 -14.71 10.72 3.12
CA ALA C 154 -15.93 11.08 2.40
C ALA C 154 -16.38 9.92 1.52
N LEU C 155 -15.42 9.18 1.00
CA LEU C 155 -15.72 8.01 0.19
C LEU C 155 -16.29 6.88 1.07
N GLY C 156 -16.05 6.97 2.37
CA GLY C 156 -16.57 6.00 3.32
C GLY C 156 -15.51 5.05 3.86
N VAL C 157 -14.25 5.38 3.61
CA VAL C 157 -13.14 4.57 4.11
C VAL C 157 -12.82 4.97 5.55
N ARG C 158 -12.67 3.98 6.41
CA ARG C 158 -12.22 4.20 7.78
C ARG C 158 -10.70 4.25 7.79
N ILE C 159 -10.15 5.43 8.08
CA ILE C 159 -8.72 5.66 7.99
C ILE C 159 -8.00 5.56 9.34
N ASP C 160 -8.74 5.66 10.43
CA ASP C 160 -8.16 5.70 11.77
C ASP C 160 -8.18 4.31 12.41
N LEU C 161 -7.54 3.34 11.76
CA LEU C 161 -7.50 1.97 12.26
C LEU C 161 -6.17 1.65 12.94
N GLY C 162 -6.21 0.73 13.90
CA GLY C 162 -5.02 0.28 14.57
C GLY C 162 -4.22 -0.68 13.69
N PRO C 163 -2.95 -0.94 14.07
CA PRO C 163 -2.04 -1.79 13.28
C PRO C 163 -2.64 -3.13 12.88
N ASP C 164 -3.38 -3.76 13.79
CA ASP C 164 -3.97 -5.06 13.53
C ASP C 164 -4.95 -5.00 12.37
N LEU C 165 -5.72 -3.92 12.29
CA LEU C 165 -6.74 -3.79 11.27
C LEU C 165 -6.18 -3.26 9.96
N VAL C 166 -5.13 -2.43 10.04
CA VAL C 166 -4.42 -2.00 8.84
C VAL C 166 -3.78 -3.23 8.21
N ALA C 167 -3.29 -4.13 9.04
CA ALA C 167 -2.72 -5.39 8.56
C ALA C 167 -3.77 -6.21 7.82
N ARG C 168 -4.94 -6.36 8.45
CA ARG C 168 -6.05 -7.09 7.84
C ARG C 168 -6.44 -6.45 6.52
N SER C 169 -6.59 -5.12 6.54
CA SER C 169 -7.00 -4.38 5.36
C SER C 169 -6.04 -4.66 4.22
N LEU C 170 -4.74 -4.54 4.52
CA LEU C 170 -3.69 -4.73 3.54
C LEU C 170 -3.80 -6.11 2.88
N ALA C 171 -4.21 -7.10 3.66
CA ALA C 171 -4.34 -8.47 3.16
C ALA C 171 -5.68 -8.69 2.45
N GLU C 172 -6.78 -8.28 3.10
CA GLU C 172 -8.12 -8.57 2.60
C GLU C 172 -8.55 -7.60 1.50
N VAL C 173 -8.08 -6.36 1.57
CA VAL C 173 -8.44 -5.35 0.59
C VAL C 173 -7.34 -5.18 -0.47
N GLY C 174 -6.09 -5.28 -0.04
CA GLY C 174 -4.95 -5.06 -0.92
C GLY C 174 -4.31 -3.71 -0.69
N ILE C 175 -4.94 -2.90 0.17
CA ILE C 175 -4.41 -1.59 0.53
C ILE C 175 -4.69 -1.28 2.00
N GLY C 176 -3.83 -0.48 2.62
CA GLY C 176 -4.02 -0.03 3.99
C GLY C 176 -3.57 1.41 4.18
N PHE C 177 -4.13 2.07 5.21
CA PHE C 177 -3.80 3.46 5.49
C PHE C 177 -3.37 3.64 6.93
N CYS C 178 -2.16 4.18 7.11
CA CYS C 178 -1.64 4.47 8.43
C CYS C 178 -1.89 5.93 8.77
N PHE C 179 -2.84 6.17 9.66
CA PHE C 179 -3.16 7.53 10.09
C PHE C 179 -2.04 8.04 11.01
N ALA C 180 -1.36 9.09 10.59
CA ALA C 180 -0.13 9.55 11.26
C ALA C 180 -0.29 9.84 12.76
N PRO C 181 -1.36 10.55 13.14
CA PRO C 181 -1.55 10.83 14.57
C PRO C 181 -1.65 9.55 15.42
N ARG C 182 -2.09 8.46 14.82
CA ARG C 182 -2.24 7.20 15.53
C ARG C 182 -0.94 6.41 15.60
N PHE C 183 -0.14 6.47 14.53
CA PHE C 183 1.09 5.70 14.48
C PHE C 183 2.31 6.49 14.98
N HIS C 184 2.21 7.82 15.00
CA HIS C 184 3.31 8.67 15.45
C HIS C 184 2.91 9.56 16.63
N PRO C 185 2.45 8.96 17.73
CA PRO C 185 1.99 9.73 18.87
C PRO C 185 3.07 10.64 19.46
N SER C 186 4.31 10.17 19.46
CA SER C 186 5.42 10.92 20.04
C SER C 186 5.84 12.12 19.18
N TYR C 187 5.19 12.30 18.03
CA TYR C 187 5.52 13.38 17.12
C TYR C 187 4.69 14.65 17.40
N ARG C 188 3.72 14.54 18.31
CA ARG C 188 2.75 15.62 18.53
C ARG C 188 3.41 16.96 18.87
N HIS C 189 4.52 16.90 19.60
CA HIS C 189 5.22 18.12 20.01
C HIS C 189 5.78 18.86 18.81
N ALA C 190 6.43 18.13 17.90
CA ALA C 190 6.94 18.73 16.66
C ALA C 190 5.80 19.21 15.79
N ALA C 191 4.73 18.43 15.72
CA ALA C 191 3.56 18.80 14.92
C ALA C 191 2.97 20.12 15.39
N ALA C 192 2.91 20.31 16.72
CA ALA C 192 2.42 21.56 17.28
C ALA C 192 3.33 22.73 16.89
N VAL C 193 4.64 22.52 16.92
CA VAL C 193 5.58 23.56 16.53
C VAL C 193 5.44 23.90 15.04
N ARG C 194 5.31 22.88 14.20
CA ARG C 194 5.15 23.09 12.77
C ARG C 194 3.95 23.98 12.44
N ARG C 195 2.81 23.72 13.09
CA ARG C 195 1.62 24.53 12.91
C ARG C 195 1.85 25.96 13.41
N GLU C 196 2.62 26.09 14.49
CA GLU C 196 2.85 27.41 15.10
C GLU C 196 3.70 28.33 14.22
N ILE C 197 4.74 27.79 13.58
CA ILE C 197 5.60 28.62 12.74
C ILE C 197 5.10 28.62 11.30
N GLY C 198 4.47 27.52 10.90
CA GLY C 198 3.77 27.47 9.63
C GLY C 198 4.64 27.28 8.40
N VAL C 199 5.85 27.83 8.42
CA VAL C 199 6.74 27.74 7.26
C VAL C 199 7.18 26.29 7.03
N PRO C 200 7.41 25.91 5.77
CA PRO C 200 7.97 24.58 5.50
C PRO C 200 9.39 24.46 6.06
N THR C 201 9.71 23.29 6.60
CA THR C 201 11.05 23.02 7.13
C THR C 201 11.48 21.63 6.71
N VAL C 202 12.64 21.21 7.22
CA VAL C 202 13.15 19.88 6.92
C VAL C 202 12.15 18.80 7.36
N PHE C 203 11.33 19.14 8.34
CA PHE C 203 10.33 18.19 8.86
C PHE C 203 9.26 17.83 7.83
N ASN C 204 9.08 18.68 6.83
CA ASN C 204 8.12 18.42 5.75
C ASN C 204 8.57 17.29 4.83
N LEU C 205 9.84 16.90 4.93
CA LEU C 205 10.37 15.81 4.13
C LEU C 205 10.12 14.43 4.76
N LEU C 206 9.74 14.42 6.03
CA LEU C 206 9.73 13.19 6.80
C LEU C 206 8.52 12.29 6.54
N GLY C 207 7.44 12.87 6.00
CA GLY C 207 6.23 12.12 5.71
C GLY C 207 6.52 10.85 4.91
N PRO C 208 6.98 11.02 3.66
CA PRO C 208 7.34 9.88 2.81
C PRO C 208 8.41 8.98 3.42
N LEU C 209 9.20 9.51 4.35
CA LEU C 209 10.33 8.78 4.90
C LEU C 209 10.00 8.02 6.19
N THR C 210 8.82 8.23 6.77
CA THR C 210 8.48 7.63 8.05
C THR C 210 7.20 6.79 8.00
N ASN C 211 7.02 6.09 6.89
CA ASN C 211 5.90 5.17 6.74
C ASN C 211 6.06 3.98 7.69
N PRO C 212 5.12 3.80 8.64
CA PRO C 212 5.26 2.73 9.66
C PRO C 212 5.43 1.33 9.08
N ALA C 213 4.88 1.09 7.89
CA ALA C 213 5.01 -0.22 7.25
C ALA C 213 6.39 -0.38 6.61
N ARG C 214 7.09 0.74 6.47
CA ARG C 214 8.45 0.75 5.90
C ARG C 214 8.53 0.03 4.57
N PRO C 215 7.64 0.37 3.63
CA PRO C 215 7.73 -0.25 2.31
C PRO C 215 9.07 0.04 1.64
N ARG C 216 9.60 -0.94 0.92
CA ARG C 216 10.91 -0.83 0.29
C ARG C 216 10.84 -0.17 -1.09
N ALA C 217 9.63 0.22 -1.50
CA ALA C 217 9.46 0.84 -2.79
C ALA C 217 8.33 1.85 -2.79
N GLY C 218 8.27 2.68 -3.83
CA GLY C 218 7.20 3.63 -3.97
C GLY C 218 7.48 4.75 -4.94
N LEU C 219 6.45 5.57 -5.15
CA LEU C 219 6.54 6.79 -5.92
C LEU C 219 6.51 7.95 -4.93
N ILE C 220 7.63 8.66 -4.81
CA ILE C 220 7.76 9.73 -3.82
C ILE C 220 7.83 11.10 -4.48
N GLY C 221 6.94 11.98 -4.05
CA GLY C 221 6.87 13.32 -4.61
C GLY C 221 7.52 14.35 -3.70
N CYS C 222 8.16 15.35 -4.30
CA CYS C 222 8.82 16.41 -3.56
C CYS C 222 8.64 17.74 -4.29
N ALA C 223 8.10 18.73 -3.59
CA ALA C 223 7.79 20.02 -4.19
C ALA C 223 9.04 20.87 -4.39
N PHE C 224 10.13 20.49 -3.72
CA PHE C 224 11.39 21.23 -3.76
C PHE C 224 12.50 20.45 -4.45
N ALA C 225 12.99 21.00 -5.56
CA ALA C 225 13.99 20.33 -6.39
C ALA C 225 15.28 20.04 -5.63
N ASP C 226 15.72 21.00 -4.83
CA ASP C 226 16.99 20.86 -4.11
C ASP C 226 16.93 19.70 -3.12
N LEU C 227 15.78 19.51 -2.50
CA LEU C 227 15.63 18.52 -1.44
C LEU C 227 15.20 17.16 -1.96
N ALA C 228 14.72 17.12 -3.21
CA ALA C 228 14.31 15.86 -3.81
C ALA C 228 15.50 14.92 -3.94
N GLU C 229 16.64 15.46 -4.36
CA GLU C 229 17.87 14.70 -4.46
C GLU C 229 18.29 14.18 -3.08
N VAL C 230 18.06 14.99 -2.06
CA VAL C 230 18.38 14.61 -0.67
C VAL C 230 17.49 13.47 -0.22
N MET C 231 16.20 13.54 -0.54
CA MET C 231 15.27 12.47 -0.20
C MET C 231 15.69 11.18 -0.88
N ALA C 232 16.06 11.27 -2.16
CA ALA C 232 16.50 10.12 -2.91
C ALA C 232 17.73 9.50 -2.24
N GLY C 233 18.58 10.37 -1.68
CA GLY C 233 19.76 9.92 -0.96
C GLY C 233 19.40 9.04 0.23
N VAL C 234 18.33 9.40 0.92
CA VAL C 234 17.87 8.64 2.08
C VAL C 234 17.39 7.26 1.66
N PHE C 235 16.57 7.21 0.61
CA PHE C 235 16.06 5.93 0.11
C PHE C 235 17.17 5.06 -0.45
N ALA C 236 18.22 5.72 -0.95
CA ALA C 236 19.38 4.99 -1.47
C ALA C 236 20.08 4.22 -0.35
N ALA C 237 20.20 4.87 0.80
CA ALA C 237 20.80 4.27 1.98
C ALA C 237 19.94 3.12 2.51
N ARG C 238 18.63 3.23 2.33
CA ARG C 238 17.70 2.19 2.75
C ARG C 238 17.69 1.01 1.77
N ARG C 239 18.33 1.19 0.63
CA ARG C 239 18.31 0.20 -0.45
C ARG C 239 16.88 0.01 -0.97
N SER C 240 16.11 1.10 -0.95
CA SER C 240 14.75 1.08 -1.47
C SER C 240 14.74 1.25 -2.98
N SER C 241 13.69 0.76 -3.62
CA SER C 241 13.47 0.97 -5.05
C SER C 241 12.41 2.05 -5.19
N VAL C 242 12.84 3.27 -5.51
CA VAL C 242 11.96 4.43 -5.46
C VAL C 242 12.18 5.35 -6.65
N LEU C 243 11.10 6.00 -7.08
CA LEU C 243 11.17 7.12 -8.00
C LEU C 243 10.81 8.38 -7.23
N VAL C 244 11.81 9.22 -6.96
CA VAL C 244 11.58 10.50 -6.31
C VAL C 244 11.29 11.53 -7.41
N VAL C 245 10.05 12.03 -7.43
CA VAL C 245 9.60 12.91 -8.51
C VAL C 245 9.42 14.35 -8.06
N HIS C 246 9.74 15.27 -8.95
CA HIS C 246 9.54 16.69 -8.73
C HIS C 246 9.05 17.34 -10.01
N GLY C 247 7.81 17.84 -9.99
CA GLY C 247 7.28 18.60 -11.10
C GLY C 247 7.96 19.95 -11.18
N ASP C 248 8.37 20.34 -12.38
CA ASP C 248 9.06 21.61 -12.57
C ASP C 248 8.11 22.78 -12.32
N ASP C 249 6.81 22.50 -12.29
CA ASP C 249 5.80 23.52 -11.99
C ASP C 249 5.62 23.69 -10.49
N GLY C 250 6.41 22.97 -9.71
CA GLY C 250 6.36 23.06 -8.26
C GLY C 250 5.54 21.94 -7.62
N LEU C 251 5.01 21.05 -8.45
CA LEU C 251 4.17 19.96 -7.97
C LEU C 251 4.98 18.81 -7.38
N ASP C 252 4.49 18.23 -6.29
CA ASP C 252 5.13 17.07 -5.68
C ASP C 252 4.51 15.79 -6.19
N GLU C 253 4.41 15.69 -7.51
CA GLU C 253 3.82 14.52 -8.18
C GLU C 253 3.92 14.72 -9.68
N LEU C 254 4.00 13.62 -10.43
CA LEU C 254 4.06 13.70 -11.89
C LEU C 254 2.79 14.31 -12.45
N THR C 255 2.96 15.36 -13.25
CA THR C 255 1.83 16.08 -13.83
C THR C 255 1.93 16.10 -15.35
N THR C 256 0.79 16.29 -16.01
CA THR C 256 0.75 16.50 -17.45
C THR C 256 0.85 17.98 -17.78
N THR C 257 1.11 18.79 -16.75
CA THR C 257 1.20 20.25 -16.91
C THR C 257 2.50 20.61 -17.62
N THR C 258 3.57 19.93 -17.25
CA THR C 258 4.87 20.17 -17.87
C THR C 258 5.78 18.97 -17.62
N THR C 259 7.08 19.22 -17.70
CA THR C 259 8.08 18.19 -17.51
C THR C 259 8.34 17.96 -16.02
N SER C 260 8.86 16.79 -15.68
CA SER C 260 9.20 16.46 -14.30
C SER C 260 10.60 15.87 -14.23
N THR C 261 11.25 16.07 -13.08
CA THR C 261 12.55 15.48 -12.81
C THR C 261 12.35 14.26 -11.90
N ILE C 262 12.86 13.11 -12.34
CA ILE C 262 12.73 11.88 -11.58
C ILE C 262 14.11 11.35 -11.20
N TRP C 263 14.33 11.20 -9.90
CA TRP C 263 15.51 10.51 -9.39
C TRP C 263 15.20 9.03 -9.24
N ARG C 264 15.71 8.21 -10.16
CA ARG C 264 15.51 6.77 -10.09
C ARG C 264 16.48 6.17 -9.08
N VAL C 265 15.91 5.65 -7.99
CA VAL C 265 16.69 5.05 -6.92
C VAL C 265 16.56 3.54 -6.93
N ALA C 266 17.70 2.85 -7.02
CA ALA C 266 17.72 1.39 -7.01
C ALA C 266 19.11 0.87 -6.69
N ALA C 267 19.17 -0.19 -5.90
CA ALA C 267 20.42 -0.86 -5.57
C ALA C 267 21.42 0.11 -4.95
N GLY C 268 20.91 1.08 -4.21
CA GLY C 268 21.76 2.06 -3.55
C GLY C 268 22.32 3.12 -4.49
N SER C 269 21.90 3.06 -5.76
CA SER C 269 22.36 4.02 -6.77
C SER C 269 21.22 4.95 -7.17
N VAL C 270 21.59 6.20 -7.49
CA VAL C 270 20.61 7.23 -7.83
C VAL C 270 20.87 7.76 -9.25
N ASP C 271 19.84 7.67 -10.10
CA ASP C 271 19.92 8.16 -11.47
C ASP C 271 18.94 9.30 -11.71
N LYS C 272 19.46 10.49 -11.99
CA LYS C 272 18.63 11.65 -12.30
C LYS C 272 18.18 11.60 -13.76
N LEU C 273 16.86 11.70 -13.96
CA LEU C 273 16.27 11.59 -15.29
C LEU C 273 15.24 12.69 -15.53
N THR C 274 15.06 13.04 -16.80
CA THR C 274 14.01 13.96 -17.22
C THR C 274 12.82 13.15 -17.72
N PHE C 275 11.62 13.58 -17.35
CA PHE C 275 10.40 12.88 -17.72
C PHE C 275 9.44 13.85 -18.39
N ASP C 276 8.98 13.47 -19.58
CA ASP C 276 8.01 14.26 -20.33
C ASP C 276 6.84 13.37 -20.73
N PRO C 277 5.66 13.57 -20.10
CA PRO C 277 4.48 12.79 -20.43
C PRO C 277 4.12 12.84 -21.91
N ALA C 278 4.46 13.95 -22.57
CA ALA C 278 4.16 14.11 -23.99
C ALA C 278 4.76 12.97 -24.80
N GLY C 279 5.91 12.48 -24.35
CA GLY C 279 6.59 11.39 -25.01
C GLY C 279 5.77 10.11 -25.03
N PHE C 280 4.80 10.00 -24.13
CA PHE C 280 3.93 8.84 -24.06
C PHE C 280 2.52 9.15 -24.61
N GLY C 281 2.36 10.33 -25.20
CA GLY C 281 1.12 10.70 -25.85
C GLY C 281 0.13 11.41 -24.94
N PHE C 282 0.58 11.83 -23.78
CA PHE C 282 -0.29 12.54 -22.85
C PHE C 282 -0.37 14.02 -23.23
N ALA C 283 -1.59 14.50 -23.46
CA ALA C 283 -1.82 15.89 -23.80
C ALA C 283 -1.35 16.80 -22.66
N ARG C 284 -0.85 17.98 -23.02
CA ARG C 284 -0.53 18.99 -22.02
C ARG C 284 -1.80 19.40 -21.30
N ALA C 285 -1.67 19.81 -20.05
CA ALA C 285 -2.83 20.19 -19.24
C ALA C 285 -2.56 21.48 -18.48
N GLN C 286 -3.63 22.13 -18.05
CA GLN C 286 -3.52 23.34 -17.23
C GLN C 286 -3.59 22.97 -15.75
N LEU C 287 -2.85 23.69 -14.92
CA LEU C 287 -2.76 23.37 -13.51
C LEU C 287 -4.12 23.43 -12.83
N ASP C 288 -5.00 24.29 -13.34
CA ASP C 288 -6.34 24.45 -12.78
C ASP C 288 -7.24 23.27 -13.11
N GLN C 289 -6.81 22.44 -14.05
CA GLN C 289 -7.57 21.24 -14.40
C GLN C 289 -7.35 20.13 -13.36
N LEU C 290 -6.31 20.28 -12.54
CA LEU C 290 -5.98 19.29 -11.52
C LEU C 290 -6.28 19.80 -10.11
N ALA C 291 -6.73 21.05 -10.01
CA ALA C 291 -6.99 21.67 -8.72
C ALA C 291 -8.04 20.90 -7.93
N GLY C 292 -7.78 20.73 -6.64
CA GLY C 292 -8.70 20.03 -5.75
C GLY C 292 -9.71 20.98 -5.12
N GLY C 293 -10.68 20.41 -4.40
CA GLY C 293 -11.67 21.18 -3.68
C GLY C 293 -11.86 20.66 -2.27
N ASP C 294 -13.10 20.65 -1.80
CA ASP C 294 -13.43 20.07 -0.51
C ASP C 294 -13.48 18.55 -0.62
N ALA C 295 -13.75 17.88 0.49
CA ALA C 295 -13.77 16.42 0.53
C ALA C 295 -14.85 15.86 -0.39
N GLN C 296 -16.00 16.54 -0.43
CA GLN C 296 -17.11 16.09 -1.25
C GLN C 296 -16.78 16.18 -2.73
N ALA C 297 -16.23 17.31 -3.15
CA ALA C 297 -15.85 17.52 -4.54
C ALA C 297 -14.76 16.53 -4.95
N ASN C 298 -13.74 16.38 -4.10
CA ASN C 298 -12.65 15.45 -4.36
C ASN C 298 -13.14 14.02 -4.41
N ALA C 299 -14.12 13.70 -3.57
CA ALA C 299 -14.70 12.36 -3.54
C ALA C 299 -15.37 12.04 -4.88
N ALA C 300 -16.08 13.02 -5.42
CA ALA C 300 -16.76 12.85 -6.70
C ALA C 300 -15.74 12.72 -7.83
N ALA C 301 -14.64 13.45 -7.71
CA ALA C 301 -13.58 13.37 -8.70
C ALA C 301 -12.98 11.96 -8.72
N VAL C 302 -12.80 11.37 -7.54
CA VAL C 302 -12.27 10.02 -7.44
C VAL C 302 -13.15 9.03 -8.18
N ARG C 303 -14.44 9.04 -7.85
CA ARG C 303 -15.39 8.10 -8.46
C ARG C 303 -15.43 8.27 -9.97
N ALA C 304 -15.33 9.52 -10.42
CA ALA C 304 -15.32 9.82 -11.84
C ALA C 304 -14.16 9.11 -12.53
N VAL C 305 -12.94 9.33 -12.02
CA VAL C 305 -11.75 8.72 -12.56
C VAL C 305 -11.84 7.20 -12.54
N LEU C 306 -12.23 6.65 -11.38
CA LEU C 306 -12.30 5.19 -11.23
C LEU C 306 -13.43 4.60 -12.06
N GLY C 307 -14.42 5.42 -12.39
CA GLY C 307 -15.52 4.99 -13.23
C GLY C 307 -15.16 5.02 -14.70
N GLY C 308 -13.93 5.43 -14.99
CA GLY C 308 -13.40 5.40 -16.36
C GLY C 308 -13.42 6.73 -17.08
N ALA C 309 -13.71 7.81 -16.35
CA ALA C 309 -13.77 9.14 -16.96
C ALA C 309 -12.41 9.55 -17.51
N ARG C 310 -12.40 9.97 -18.76
CA ARG C 310 -11.19 10.44 -19.42
C ARG C 310 -10.93 11.91 -19.10
N GLY C 311 -9.66 12.32 -19.17
CA GLY C 311 -9.29 13.70 -18.88
C GLY C 311 -7.92 13.82 -18.28
N PRO C 312 -7.51 15.06 -17.97
CA PRO C 312 -6.20 15.33 -17.36
C PRO C 312 -6.02 14.71 -15.97
N VAL C 313 -7.10 14.60 -15.20
CA VAL C 313 -7.01 14.02 -13.86
C VAL C 313 -6.64 12.54 -13.96
N ARG C 314 -7.37 11.80 -14.80
CA ARG C 314 -7.05 10.40 -15.05
C ARG C 314 -5.60 10.23 -15.49
N ASP C 315 -5.17 11.04 -16.46
CA ASP C 315 -3.82 10.94 -17.01
C ASP C 315 -2.77 11.10 -15.92
N ALA C 316 -3.01 12.03 -15.00
CA ALA C 316 -2.08 12.27 -13.91
C ALA C 316 -2.03 11.04 -12.98
N VAL C 317 -3.20 10.50 -12.66
CA VAL C 317 -3.29 9.33 -11.79
C VAL C 317 -2.56 8.15 -12.40
N VAL C 318 -2.79 7.91 -13.70
CA VAL C 318 -2.12 6.85 -14.43
C VAL C 318 -0.61 7.06 -14.44
N LEU C 319 -0.18 8.32 -14.61
CA LEU C 319 1.24 8.64 -14.61
C LEU C 319 1.90 8.27 -13.30
N ASN C 320 1.27 8.66 -12.20
CA ASN C 320 1.82 8.41 -10.87
C ASN C 320 1.66 6.94 -10.47
N ALA C 321 0.56 6.33 -10.89
CA ALA C 321 0.37 4.90 -10.67
C ALA C 321 1.45 4.10 -11.37
N ALA C 322 1.72 4.46 -12.62
CA ALA C 322 2.74 3.79 -13.40
C ALA C 322 4.11 3.90 -12.75
N GLY C 323 4.44 5.10 -12.27
CA GLY C 323 5.72 5.34 -11.62
C GLY C 323 5.92 4.41 -10.43
N ALA C 324 4.88 4.31 -9.60
CA ALA C 324 4.93 3.44 -8.43
C ALA C 324 5.13 1.99 -8.84
N ILE C 325 4.50 1.60 -9.95
CA ILE C 325 4.64 0.24 -10.47
C ILE C 325 6.04 0.05 -11.05
N VAL C 326 6.58 1.08 -11.68
CA VAL C 326 7.97 1.02 -12.16
C VAL C 326 8.89 0.80 -10.96
N ALA C 327 8.64 1.53 -9.89
CA ALA C 327 9.43 1.41 -8.67
C ALA C 327 9.28 0.01 -8.07
N HIS C 328 8.05 -0.51 -8.10
CA HIS C 328 7.79 -1.87 -7.63
C HIS C 328 8.63 -2.88 -8.41
N ALA C 329 8.64 -2.73 -9.73
CA ALA C 329 9.40 -3.63 -10.59
C ALA C 329 10.89 -3.56 -10.29
N GLY C 330 11.34 -2.38 -9.85
CA GLY C 330 12.73 -2.18 -9.52
C GLY C 330 13.23 -2.99 -8.34
N LEU C 331 12.30 -3.59 -7.60
CA LEU C 331 12.65 -4.39 -6.43
C LEU C 331 13.31 -5.72 -6.80
N SER C 332 12.87 -6.32 -7.89
CA SER C 332 13.30 -7.67 -8.26
C SER C 332 14.09 -7.72 -9.57
N SER C 333 14.11 -6.61 -10.31
CA SER C 333 14.83 -6.57 -11.57
C SER C 333 15.15 -5.13 -12.00
N ARG C 334 16.12 -5.00 -12.89
CA ARG C 334 16.56 -3.70 -13.38
C ARG C 334 16.15 -3.50 -14.83
N ALA C 335 14.85 -3.42 -15.07
CA ALA C 335 14.32 -3.25 -16.42
C ALA C 335 14.68 -1.88 -16.98
N GLU C 336 14.70 -1.76 -18.30
CA GLU C 336 15.01 -0.50 -18.96
C GLU C 336 13.94 0.54 -18.62
N TRP C 337 14.27 1.82 -18.82
CA TRP C 337 13.39 2.92 -18.44
C TRP C 337 12.08 2.89 -19.21
N LEU C 338 12.15 3.04 -20.52
CA LEU C 338 10.96 3.18 -21.36
C LEU C 338 10.08 1.92 -21.37
N PRO C 339 10.71 0.73 -21.48
CA PRO C 339 9.90 -0.51 -21.41
C PRO C 339 9.15 -0.66 -20.08
N ALA C 340 9.80 -0.29 -18.98
CA ALA C 340 9.18 -0.39 -17.67
C ALA C 340 7.96 0.53 -17.58
N TRP C 341 8.15 1.77 -18.03
CA TRP C 341 7.09 2.76 -17.99
C TRP C 341 5.89 2.37 -18.87
N GLU C 342 6.18 1.82 -20.05
CA GLU C 342 5.12 1.39 -20.94
C GLU C 342 4.30 0.29 -20.28
N GLU C 343 4.97 -0.58 -19.53
CA GLU C 343 4.30 -1.64 -18.79
C GLU C 343 3.51 -1.06 -17.63
N GLY C 344 4.12 -0.12 -16.91
CA GLY C 344 3.46 0.54 -15.78
C GLY C 344 2.20 1.28 -16.21
N LEU C 345 2.29 1.99 -17.33
CA LEU C 345 1.13 2.69 -17.88
C LEU C 345 0.04 1.70 -18.26
N ARG C 346 0.44 0.61 -18.90
CA ARG C 346 -0.52 -0.43 -19.30
C ARG C 346 -1.26 -1.01 -18.10
N ARG C 347 -0.52 -1.39 -17.08
CA ARG C 347 -1.11 -1.98 -15.89
C ARG C 347 -1.96 -0.98 -15.12
N ALA C 348 -1.50 0.27 -15.08
CA ALA C 348 -2.24 1.32 -14.40
C ALA C 348 -3.57 1.58 -15.10
N SER C 349 -3.52 1.71 -16.42
CA SER C 349 -4.72 1.95 -17.22
C SER C 349 -5.67 0.75 -17.13
N ALA C 350 -5.11 -0.45 -17.14
CA ALA C 350 -5.92 -1.66 -17.05
C ALA C 350 -6.61 -1.74 -15.69
N ALA C 351 -5.89 -1.36 -14.63
CA ALA C 351 -6.47 -1.38 -13.28
C ALA C 351 -7.73 -0.54 -13.23
N ILE C 352 -7.76 0.54 -14.01
CA ILE C 352 -8.94 1.40 -14.07
C ILE C 352 -9.99 0.82 -15.02
N ASP C 353 -9.54 0.48 -16.22
CA ASP C 353 -10.45 0.09 -17.30
C ASP C 353 -11.14 -1.25 -17.05
N THR C 354 -10.54 -2.10 -16.23
CA THR C 354 -11.14 -3.38 -15.87
C THR C 354 -12.10 -3.23 -14.70
N GLY C 355 -12.23 -2.00 -14.19
CA GLY C 355 -13.07 -1.73 -13.04
C GLY C 355 -12.45 -2.13 -11.71
N ALA C 356 -11.24 -2.69 -11.75
CA ALA C 356 -10.57 -3.18 -10.55
C ALA C 356 -10.36 -2.09 -9.49
N ALA C 357 -9.96 -0.89 -9.92
CA ALA C 357 -9.76 0.21 -8.99
C ALA C 357 -11.09 0.61 -8.35
N GLU C 358 -12.14 0.66 -9.16
CA GLU C 358 -13.48 0.98 -8.69
C GLU C 358 -13.98 -0.07 -7.70
N GLN C 359 -13.69 -1.33 -7.98
CA GLN C 359 -14.09 -2.43 -7.11
C GLN C 359 -13.27 -2.43 -5.81
N LEU C 360 -11.98 -2.14 -5.91
CA LEU C 360 -11.11 -2.08 -4.74
C LEU C 360 -11.61 -1.03 -3.75
N LEU C 361 -11.95 0.15 -4.25
CA LEU C 361 -12.51 1.19 -3.40
C LEU C 361 -13.76 0.69 -2.70
N ALA C 362 -14.59 -0.09 -3.41
CA ALA C 362 -15.81 -0.62 -2.83
C ALA C 362 -15.49 -1.64 -1.74
N ARG C 363 -14.52 -2.51 -2.01
CA ARG C 363 -14.08 -3.47 -1.01
C ARG C 363 -13.52 -2.78 0.23
N TRP C 364 -12.75 -1.72 -0.01
CA TRP C 364 -12.12 -0.97 1.07
C TRP C 364 -13.19 -0.43 2.02
N VAL C 365 -14.25 0.12 1.46
CA VAL C 365 -15.36 0.66 2.25
C VAL C 365 -16.11 -0.45 2.97
N ARG C 366 -16.37 -1.55 2.27
CA ARG C 366 -17.09 -2.67 2.82
C ARG C 366 -16.32 -3.23 4.02
N PHE C 367 -15.00 -3.26 3.90
CA PHE C 367 -14.12 -3.75 4.94
C PHE C 367 -14.32 -3.02 6.26
N GLY C 368 -14.39 -1.69 6.19
CA GLY C 368 -14.57 -0.87 7.38
C GLY C 368 -15.91 -1.09 8.03
N ARG C 369 -16.92 -1.41 7.22
CA ARG C 369 -18.27 -1.66 7.73
C ARG C 369 -18.33 -3.00 8.47
N GLN C 370 -17.50 -3.95 8.05
CA GLN C 370 -17.44 -5.26 8.68
C GLN C 370 -16.43 -5.29 9.81
N PRO D 26 0.28 41.05 7.81
CA PRO D 26 1.47 40.57 8.53
C PRO D 26 1.19 39.31 9.35
N SER D 27 2.04 38.30 9.17
CA SER D 27 1.87 37.02 9.87
C SER D 27 3.21 36.33 10.03
N TRP D 28 3.22 35.32 10.89
CA TRP D 28 4.45 34.56 11.14
C TRP D 28 4.88 33.73 9.92
N PRO D 29 3.93 33.04 9.27
CA PRO D 29 4.30 32.31 8.05
C PRO D 29 4.90 33.23 6.99
N GLN D 30 4.37 34.44 6.86
CA GLN D 30 4.91 35.39 5.91
C GLN D 30 6.33 35.80 6.25
N ILE D 31 6.54 36.24 7.49
CA ILE D 31 7.83 36.77 7.90
C ILE D 31 8.87 35.65 7.96
N LEU D 32 8.52 34.55 8.62
CA LEU D 32 9.44 33.43 8.76
C LEU D 32 9.76 32.84 7.39
N GLY D 33 8.75 32.80 6.52
CA GLY D 33 8.95 32.30 5.17
C GLY D 33 9.93 33.17 4.42
N ARG D 34 9.78 34.48 4.57
CA ARG D 34 10.65 35.44 3.92
C ARG D 34 12.09 35.28 4.39
N LEU D 35 12.27 35.04 5.69
CA LEU D 35 13.61 34.88 6.26
C LEU D 35 14.28 33.60 5.80
N THR D 36 13.54 32.49 5.81
CA THR D 36 14.09 31.20 5.39
C THR D 36 14.45 31.19 3.91
N ASP D 37 13.89 32.14 3.16
CA ASP D 37 14.25 32.33 1.75
C ASP D 37 15.44 33.28 1.62
N ASN D 38 16.09 33.58 2.73
CA ASN D 38 17.25 34.47 2.78
C ASN D 38 16.97 35.86 2.20
N ARG D 39 15.75 36.34 2.38
CA ARG D 39 15.36 37.68 1.97
C ARG D 39 15.28 38.63 3.17
N ASP D 40 15.75 39.86 2.97
CA ASP D 40 15.57 40.90 3.98
C ASP D 40 14.09 41.16 4.15
N LEU D 41 13.70 41.56 5.36
CA LEU D 41 12.30 41.84 5.63
C LEU D 41 11.88 43.18 5.03
N ALA D 42 10.62 43.29 4.66
CA ALA D 42 10.04 44.57 4.29
C ALA D 42 9.91 45.44 5.52
N ARG D 43 9.88 46.75 5.33
CA ARG D 43 9.75 47.69 6.44
C ARG D 43 8.52 47.38 7.28
N GLY D 44 8.68 47.37 8.60
CA GLY D 44 7.58 47.16 9.51
C GLY D 44 7.40 45.73 9.97
N GLN D 45 7.98 44.77 9.22
CA GLN D 45 7.79 43.36 9.53
C GLN D 45 8.54 42.95 10.79
N ALA D 46 9.76 43.45 10.95
CA ALA D 46 10.53 43.21 12.16
C ALA D 46 9.83 43.84 13.35
N ALA D 47 9.38 45.09 13.18
CA ALA D 47 8.63 45.80 14.21
C ALA D 47 7.43 44.98 14.68
N TRP D 48 6.65 44.47 13.73
CA TRP D 48 5.48 43.66 14.03
C TRP D 48 5.87 42.42 14.85
N ALA D 49 6.96 41.77 14.47
CA ALA D 49 7.45 40.61 15.20
C ALA D 49 7.68 40.94 16.67
N MET D 50 8.34 42.07 16.93
CA MET D 50 8.65 42.48 18.29
C MET D 50 7.38 42.89 19.03
N ASP D 51 6.45 43.52 18.32
CA ASP D 51 5.15 43.84 18.90
C ASP D 51 4.48 42.58 19.43
N GLN D 52 4.51 41.50 18.65
CA GLN D 52 3.92 40.24 19.07
C GLN D 52 4.58 39.72 20.34
N ILE D 53 5.88 39.95 20.47
CA ILE D 53 6.63 39.54 21.65
C ILE D 53 6.24 40.39 22.86
N MET D 54 6.24 41.70 22.66
CA MET D 54 5.96 42.66 23.75
C MET D 54 4.56 42.49 24.32
N THR D 55 3.61 42.13 23.46
CA THR D 55 2.22 41.97 23.89
C THR D 55 1.92 40.54 24.32
N GLY D 56 2.94 39.68 24.28
CA GLY D 56 2.77 38.30 24.71
C GLY D 56 1.95 37.46 23.77
N ASN D 57 1.85 37.89 22.52
CA ASN D 57 1.10 37.14 21.51
C ASN D 57 1.97 36.12 20.77
N ALA D 58 3.28 36.31 20.84
CA ALA D 58 4.21 35.42 20.16
C ALA D 58 4.40 34.13 20.95
N ARG D 59 4.38 33.01 20.24
CA ARG D 59 4.65 31.71 20.84
C ARG D 59 6.16 31.49 20.89
N PRO D 60 6.65 30.79 21.94
CA PRO D 60 8.10 30.53 22.05
C PRO D 60 8.68 29.95 20.76
N ALA D 61 7.93 29.05 20.13
CA ALA D 61 8.36 28.43 18.88
C ALA D 61 8.54 29.49 17.79
N GLN D 62 7.65 30.47 17.77
CA GLN D 62 7.71 31.53 16.76
C GLN D 62 8.86 32.50 17.03
N ILE D 63 9.07 32.82 18.30
CA ILE D 63 10.19 33.66 18.69
C ILE D 63 11.50 33.00 18.28
N ALA D 64 11.63 31.72 18.62
CA ALA D 64 12.85 30.97 18.31
C ALA D 64 13.10 30.93 16.81
N ALA D 65 12.06 30.59 16.04
CA ALA D 65 12.19 30.49 14.59
C ALA D 65 12.61 31.82 13.99
N PHE D 66 12.05 32.91 14.51
CA PHE D 66 12.37 34.25 14.04
C PHE D 66 13.82 34.59 14.36
N ALA D 67 14.23 34.34 15.61
CA ALA D 67 15.58 34.65 16.05
C ALA D 67 16.61 33.90 15.23
N VAL D 68 16.40 32.59 15.06
CA VAL D 68 17.34 31.76 14.32
C VAL D 68 17.35 32.13 12.84
N ALA D 69 16.17 32.28 12.25
CA ALA D 69 16.06 32.58 10.83
C ALA D 69 16.70 33.92 10.50
N MET D 70 16.47 34.93 11.34
CA MET D 70 17.02 36.25 11.07
C MET D 70 18.55 36.24 11.22
N THR D 71 19.04 35.46 12.18
CA THR D 71 20.48 35.30 12.36
C THR D 71 21.13 34.69 11.13
N MET D 72 20.58 33.57 10.65
CA MET D 72 21.20 32.85 9.55
C MET D 72 21.02 33.60 8.24
N LYS D 73 19.99 34.43 8.18
CA LYS D 73 19.75 35.23 6.98
C LYS D 73 20.81 36.31 6.83
N ALA D 74 21.21 36.88 7.97
CA ALA D 74 22.10 38.04 8.10
C ALA D 74 21.22 39.28 8.37
N PRO D 75 21.10 39.68 9.64
CA PRO D 75 20.26 40.85 9.96
C PRO D 75 20.79 42.12 9.32
N THR D 76 19.90 43.08 9.12
CA THR D 76 20.29 44.41 8.67
C THR D 76 20.11 45.39 9.80
N ALA D 77 20.65 46.59 9.61
CA ALA D 77 20.51 47.66 10.60
C ALA D 77 19.06 48.06 10.75
N ASP D 78 18.33 48.12 9.64
CA ASP D 78 16.92 48.50 9.66
C ASP D 78 16.09 47.51 10.46
N GLU D 79 16.38 46.23 10.30
CA GLU D 79 15.66 45.17 10.99
C GLU D 79 15.92 45.24 12.50
N VAL D 80 17.20 45.26 12.88
CA VAL D 80 17.58 45.32 14.28
C VAL D 80 17.05 46.60 14.92
N GLY D 81 17.13 47.70 14.18
CA GLY D 81 16.63 48.98 14.66
C GLY D 81 15.15 48.94 14.97
N GLU D 82 14.37 48.26 14.14
CA GLU D 82 12.94 48.08 14.37
C GLU D 82 12.70 47.26 15.64
N LEU D 83 13.47 46.18 15.78
CA LEU D 83 13.34 45.31 16.94
C LEU D 83 13.65 46.09 18.22
N ALA D 84 14.81 46.75 18.23
CA ALA D 84 15.25 47.51 19.40
C ALA D 84 14.33 48.69 19.65
N GLY D 85 13.90 49.33 18.57
CA GLY D 85 13.01 50.48 18.68
C GLY D 85 11.73 50.17 19.42
N VAL D 86 11.09 49.06 19.08
CA VAL D 86 9.83 48.67 19.71
C VAL D 86 10.07 48.29 21.16
N MET D 87 11.09 47.47 21.39
CA MET D 87 11.39 46.96 22.72
C MET D 87 11.75 48.09 23.68
N LEU D 88 12.53 49.05 23.20
CA LEU D 88 12.91 50.19 24.02
C LEU D 88 11.69 51.03 24.36
N SER D 89 10.76 51.13 23.42
CA SER D 89 9.58 51.97 23.60
C SER D 89 8.69 51.45 24.72
N HIS D 90 8.77 50.16 25.02
CA HIS D 90 7.98 49.55 26.09
C HIS D 90 8.72 49.52 27.41
N ALA D 91 10.00 49.87 27.39
CA ALA D 91 10.83 49.82 28.59
C ALA D 91 10.32 50.78 29.66
N HIS D 92 10.45 50.39 30.91
CA HIS D 92 10.21 51.30 32.01
C HIS D 92 11.24 52.44 31.91
N PRO D 93 10.77 53.70 31.83
CA PRO D 93 11.72 54.80 31.73
C PRO D 93 12.22 55.29 33.09
N LEU D 94 13.34 55.98 33.10
CA LEU D 94 13.76 56.71 34.28
C LEU D 94 12.97 58.02 34.33
N PRO D 95 12.87 58.63 35.52
CA PRO D 95 12.17 59.92 35.61
C PRO D 95 12.80 60.95 34.70
N ALA D 96 12.01 61.93 34.26
CA ALA D 96 12.48 62.96 33.34
C ALA D 96 13.61 63.78 33.95
N ASP D 97 14.62 64.08 33.14
CA ASP D 97 15.76 64.90 33.56
C ASP D 97 16.46 64.32 34.80
N THR D 98 16.80 63.04 34.72
CA THR D 98 17.59 62.40 35.77
C THR D 98 18.82 61.72 35.15
N VAL D 99 18.78 61.51 33.84
CA VAL D 99 19.91 60.97 33.11
C VAL D 99 20.64 62.13 32.42
N PRO D 100 21.89 62.40 32.81
CA PRO D 100 22.66 63.46 32.15
C PRO D 100 22.76 63.27 30.64
N ASP D 101 22.78 64.37 29.90
CA ASP D 101 22.79 64.31 28.44
C ASP D 101 24.04 63.60 27.91
N ASP D 102 25.10 63.63 28.70
CA ASP D 102 26.38 63.06 28.28
C ASP D 102 26.66 61.72 28.96
N ALA D 103 25.62 61.06 29.45
CA ALA D 103 25.78 59.75 30.08
C ALA D 103 26.19 58.71 29.04
N VAL D 104 26.98 57.72 29.45
CA VAL D 104 27.50 56.73 28.52
C VAL D 104 27.24 55.32 29.01
N ASP D 105 27.29 54.37 28.07
CA ASP D 105 27.19 52.95 28.38
C ASP D 105 28.52 52.29 28.10
N VAL D 106 28.82 51.23 28.84
CA VAL D 106 30.02 50.44 28.61
C VAL D 106 29.62 48.98 28.78
N VAL D 107 29.69 48.20 27.71
CA VAL D 107 29.12 46.87 27.72
C VAL D 107 29.55 46.06 26.51
N GLY D 108 29.49 44.74 26.64
CA GLY D 108 29.70 43.83 25.53
C GLY D 108 28.46 42.97 25.33
N THR D 109 28.25 42.50 24.11
CA THR D 109 27.06 41.73 23.78
C THR D 109 27.22 40.24 24.07
N GLY D 110 28.38 39.86 24.60
CA GLY D 110 28.67 38.47 24.93
C GLY D 110 29.56 37.80 23.91
N GLY D 111 30.30 36.78 24.36
CA GLY D 111 31.19 36.04 23.49
C GLY D 111 30.44 35.13 22.54
N ASN D 118 33.88 41.03 32.92
CA ASN D 118 34.90 41.46 33.87
C ASN D 118 35.51 42.80 33.47
N LEU D 119 35.91 42.90 32.22
CA LEU D 119 36.55 44.11 31.73
C LEU D 119 35.58 45.28 31.68
N SER D 120 34.37 45.02 31.22
CA SER D 120 33.36 46.06 31.04
C SER D 120 32.93 46.64 32.38
N THR D 121 32.76 45.78 33.38
CA THR D 121 32.34 46.23 34.70
C THR D 121 33.38 47.17 35.31
N MET D 122 34.65 46.81 35.17
CA MET D 122 35.73 47.62 35.67
C MET D 122 35.86 48.90 34.87
N ALA D 123 35.73 48.79 33.54
CA ALA D 123 35.83 49.94 32.68
C ALA D 123 34.75 50.96 33.04
N ALA D 124 33.54 50.47 33.27
CA ALA D 124 32.42 51.32 33.64
C ALA D 124 32.73 52.14 34.89
N ILE D 125 33.23 51.48 35.93
CA ILE D 125 33.59 52.14 37.18
C ILE D 125 34.70 53.18 36.94
N VAL D 126 35.69 52.82 36.13
CA VAL D 126 36.82 53.70 35.84
C VAL D 126 36.34 54.94 35.07
N VAL D 127 35.50 54.73 34.06
CA VAL D 127 34.92 55.85 33.29
C VAL D 127 34.12 56.77 34.20
N ALA D 128 33.29 56.19 35.06
CA ALA D 128 32.53 56.98 36.02
C ALA D 128 33.48 57.76 36.92
N ALA D 129 34.58 57.13 37.30
CA ALA D 129 35.58 57.75 38.17
C ALA D 129 36.35 58.85 37.45
N ALA D 130 36.26 58.86 36.12
CA ALA D 130 36.90 59.89 35.30
C ALA D 130 35.98 61.09 35.10
N GLY D 131 34.81 61.05 35.72
CA GLY D 131 33.89 62.17 35.66
C GLY D 131 32.86 62.09 34.54
N VAL D 132 32.75 60.94 33.88
CA VAL D 132 31.76 60.72 32.84
C VAL D 132 30.60 59.87 33.39
N PRO D 133 29.37 60.39 33.33
CA PRO D 133 28.27 59.57 33.90
C PRO D 133 28.09 58.26 33.15
N VAL D 134 28.02 57.16 33.90
CA VAL D 134 27.81 55.84 33.32
C VAL D 134 26.47 55.28 33.75
N VAL D 135 25.69 54.78 32.79
CA VAL D 135 24.49 54.04 33.13
C VAL D 135 24.42 52.76 32.30
N LYS D 136 24.48 51.63 33.00
CA LYS D 136 24.56 50.33 32.36
C LYS D 136 23.19 49.64 32.32
N HIS D 137 23.14 48.56 31.55
CA HIS D 137 21.94 47.78 31.36
C HIS D 137 22.37 46.32 31.32
N GLY D 138 22.17 45.62 32.44
CA GLY D 138 22.68 44.28 32.57
C GLY D 138 21.74 43.29 33.22
N ASN D 139 22.22 42.06 33.37
CA ASN D 139 21.40 40.95 33.81
C ASN D 139 22.26 39.88 34.47
N ARG D 140 21.63 38.96 35.18
CA ARG D 140 22.33 37.81 35.74
C ARG D 140 22.46 36.70 34.69
N ALA D 141 23.44 35.82 34.89
CA ALA D 141 23.63 34.68 34.00
C ALA D 141 23.51 33.38 34.78
N GLY D 148 26.70 40.58 33.83
CA GLY D 148 27.43 41.61 34.55
C GLY D 148 26.83 41.88 35.92
N ALA D 149 25.55 41.54 36.06
CA ALA D 149 24.84 41.73 37.32
C ALA D 149 25.50 40.95 38.45
N ASP D 150 25.94 39.74 38.14
CA ASP D 150 26.52 38.85 39.15
C ASP D 150 27.80 39.41 39.74
N THR D 151 28.62 40.02 38.89
CA THR D 151 29.92 40.54 39.33
C THR D 151 29.74 41.72 40.27
N LEU D 152 28.75 42.57 39.99
CA LEU D 152 28.49 43.74 40.82
C LEU D 152 27.97 43.33 42.18
N GLU D 153 27.09 42.33 42.19
CA GLU D 153 26.53 41.83 43.45
C GLU D 153 27.63 41.25 44.33
N ALA D 154 28.58 40.55 43.71
CA ALA D 154 29.72 40.00 44.42
C ALA D 154 30.50 41.09 45.13
N LEU D 155 30.54 42.27 44.52
CA LEU D 155 31.23 43.42 45.10
C LEU D 155 30.41 44.08 46.20
N GLY D 156 29.12 43.73 46.28
CA GLY D 156 28.24 44.26 47.32
C GLY D 156 27.39 45.43 46.84
N VAL D 157 27.29 45.59 45.53
CA VAL D 157 26.44 46.62 44.94
C VAL D 157 25.02 46.08 44.75
N ARG D 158 24.04 46.90 45.12
CA ARG D 158 22.64 46.55 44.94
C ARG D 158 22.20 46.78 43.50
N ILE D 159 21.99 45.70 42.76
CA ILE D 159 21.73 45.77 41.32
C ILE D 159 20.24 45.87 40.96
N ASP D 160 19.39 45.24 41.76
CA ASP D 160 17.97 45.17 41.46
C ASP D 160 17.21 46.33 42.08
N LEU D 161 17.27 47.48 41.39
CA LEU D 161 16.68 48.72 41.89
C LEU D 161 15.73 49.31 40.87
N GLY D 162 14.69 49.99 41.36
CA GLY D 162 13.71 50.62 40.49
C GLY D 162 14.29 51.88 39.86
N PRO D 163 13.59 52.43 38.85
CA PRO D 163 14.05 53.61 38.10
C PRO D 163 14.43 54.80 38.98
N ASP D 164 13.64 55.05 40.02
CA ASP D 164 13.86 56.20 40.89
C ASP D 164 15.20 56.11 41.63
N LEU D 165 15.59 54.88 42.00
CA LEU D 165 16.82 54.69 42.75
C LEU D 165 18.03 54.61 41.81
N VAL D 166 17.83 54.05 40.62
CA VAL D 166 18.85 54.08 39.58
C VAL D 166 19.19 55.55 39.31
N ALA D 167 18.16 56.38 39.21
CA ALA D 167 18.34 57.80 38.95
C ALA D 167 19.14 58.49 40.07
N ARG D 168 18.80 58.19 41.32
CA ARG D 168 19.51 58.78 42.45
C ARG D 168 20.95 58.28 42.50
N SER D 169 21.16 57.04 42.08
CA SER D 169 22.50 56.48 42.03
C SER D 169 23.37 57.28 41.06
N LEU D 170 22.79 57.65 39.92
CA LEU D 170 23.51 58.42 38.91
C LEU D 170 23.94 59.78 39.44
N ALA D 171 23.00 60.51 40.05
CA ALA D 171 23.27 61.87 40.48
C ALA D 171 24.18 61.92 41.70
N GLU D 172 24.22 60.84 42.46
CA GLU D 172 24.95 60.80 43.72
C GLU D 172 26.28 60.05 43.60
N VAL D 173 26.26 58.90 42.92
CA VAL D 173 27.45 58.08 42.77
C VAL D 173 28.15 58.35 41.43
N GLY D 174 27.38 58.83 40.45
CA GLY D 174 27.93 59.07 39.13
C GLY D 174 27.85 57.83 38.26
N ILE D 175 27.21 56.80 38.77
CA ILE D 175 26.99 55.57 38.01
C ILE D 175 25.67 54.91 38.41
N GLY D 176 25.00 54.32 37.44
CA GLY D 176 23.73 53.64 37.67
C GLY D 176 23.68 52.32 36.94
N PHE D 177 22.83 51.41 37.42
CA PHE D 177 22.67 50.10 36.80
C PHE D 177 21.20 49.73 36.65
N CYS D 178 20.79 49.46 35.41
CA CYS D 178 19.43 49.06 35.10
C CYS D 178 19.32 47.54 35.01
N PHE D 179 18.67 46.93 35.99
CA PHE D 179 18.48 45.48 35.97
C PHE D 179 17.43 45.12 34.92
N ALA D 180 17.90 44.54 33.81
CA ALA D 180 17.09 44.35 32.61
C ALA D 180 15.71 43.73 32.85
N PRO D 181 15.63 42.64 33.65
CA PRO D 181 14.33 41.99 33.83
C PRO D 181 13.29 42.93 34.43
N ARG D 182 13.75 43.85 35.26
CA ARG D 182 12.87 44.82 35.93
C ARG D 182 12.40 45.93 34.98
N PHE D 183 13.16 46.17 33.92
CA PHE D 183 12.85 47.25 32.99
C PHE D 183 12.21 46.72 31.71
N HIS D 184 12.41 45.44 31.42
CA HIS D 184 11.87 44.80 30.22
C HIS D 184 11.07 43.54 30.52
N PRO D 185 10.05 43.65 31.39
CA PRO D 185 9.23 42.48 31.72
C PRO D 185 8.58 41.85 30.50
N SER D 186 8.25 42.65 29.50
CA SER D 186 7.57 42.16 28.31
C SER D 186 8.46 41.29 27.43
N TYR D 187 9.76 41.35 27.68
CA TYR D 187 10.75 40.62 26.89
C TYR D 187 11.02 39.22 27.47
N ARG D 188 10.37 38.90 28.57
CA ARG D 188 10.74 37.71 29.35
C ARG D 188 10.65 36.40 28.56
N HIS D 189 9.63 36.28 27.71
CA HIS D 189 9.45 35.03 26.97
C HIS D 189 10.54 34.85 25.92
N ALA D 190 10.95 35.96 25.31
CA ALA D 190 12.09 35.95 24.41
C ALA D 190 13.40 35.64 25.15
N ALA D 191 13.51 36.12 26.39
CA ALA D 191 14.67 35.82 27.20
C ALA D 191 14.72 34.32 27.51
N ALA D 192 13.55 33.74 27.79
CA ALA D 192 13.46 32.30 28.02
C ALA D 192 13.91 31.54 26.77
N VAL D 193 13.49 32.01 25.61
CA VAL D 193 13.85 31.35 24.34
C VAL D 193 15.36 31.38 24.12
N ARG D 194 15.98 32.54 24.36
CA ARG D 194 17.44 32.66 24.24
C ARG D 194 18.17 31.65 25.11
N ARG D 195 17.71 31.46 26.35
CA ARG D 195 18.33 30.49 27.25
C ARG D 195 18.14 29.07 26.74
N GLU D 196 16.93 28.77 26.28
CA GLU D 196 16.57 27.42 25.85
C GLU D 196 17.38 26.94 24.65
N ILE D 197 17.61 27.82 23.68
CA ILE D 197 18.36 27.43 22.49
C ILE D 197 19.86 27.68 22.71
N GLY D 198 20.16 28.58 23.64
CA GLY D 198 21.50 28.74 24.18
C GLY D 198 22.61 29.03 23.18
N VAL D 199 22.25 29.59 22.03
CA VAL D 199 23.23 30.03 21.04
C VAL D 199 23.03 31.51 20.73
N PRO D 200 24.12 32.21 20.37
CA PRO D 200 23.97 33.63 20.07
C PRO D 200 23.10 33.86 18.82
N THR D 201 22.15 34.78 18.94
CA THR D 201 21.32 35.19 17.80
C THR D 201 21.36 36.70 17.70
N VAL D 202 20.56 37.24 16.79
CA VAL D 202 20.45 38.68 16.61
C VAL D 202 19.97 39.35 17.89
N PHE D 203 19.21 38.61 18.69
CA PHE D 203 18.67 39.15 19.93
C PHE D 203 19.78 39.52 20.92
N ASN D 204 20.97 38.96 20.73
CA ASN D 204 22.10 39.30 21.60
C ASN D 204 22.49 40.77 21.47
N LEU D 205 22.06 41.41 20.38
CA LEU D 205 22.39 42.81 20.15
C LEU D 205 21.46 43.76 20.90
N LEU D 206 20.36 43.24 21.43
CA LEU D 206 19.30 44.10 21.96
C LEU D 206 19.65 44.80 23.27
N GLY D 207 20.53 44.20 24.06
CA GLY D 207 20.90 44.75 25.35
C GLY D 207 21.39 46.20 25.26
N PRO D 208 22.51 46.41 24.55
CA PRO D 208 23.05 47.76 24.40
C PRO D 208 22.14 48.71 23.63
N LEU D 209 21.20 48.15 22.87
CA LEU D 209 20.30 48.93 22.04
C LEU D 209 18.96 49.23 22.71
N THR D 210 18.73 48.62 23.87
CA THR D 210 17.50 48.87 24.63
C THR D 210 17.80 49.30 26.06
N ASN D 211 18.92 49.99 26.24
CA ASN D 211 19.25 50.59 27.53
C ASN D 211 18.16 51.60 27.88
N PRO D 212 17.39 51.33 28.95
CA PRO D 212 16.22 52.18 29.21
C PRO D 212 16.57 53.60 29.63
N ALA D 213 17.80 53.82 30.07
CA ALA D 213 18.26 55.15 30.44
C ALA D 213 18.61 55.97 29.18
N ARG D 214 18.68 55.28 28.05
CA ARG D 214 18.93 55.91 26.75
C ARG D 214 20.17 56.80 26.70
N PRO D 215 21.34 56.27 27.11
CA PRO D 215 22.55 57.06 26.93
C PRO D 215 22.82 57.29 25.44
N ARG D 216 23.34 58.46 25.10
CA ARG D 216 23.56 58.81 23.70
C ARG D 216 24.97 58.48 23.25
N ALA D 217 25.75 57.88 24.15
CA ALA D 217 27.12 57.54 23.82
C ALA D 217 27.52 56.27 24.55
N GLY D 218 28.64 55.68 24.16
CA GLY D 218 29.15 54.54 24.86
C GLY D 218 30.14 53.70 24.09
N LEU D 219 30.73 52.75 24.80
CA LEU D 219 31.62 51.75 24.24
C LEU D 219 30.86 50.43 24.24
N ILE D 220 30.66 49.87 23.06
CA ILE D 220 29.86 48.68 22.87
C ILE D 220 30.66 47.59 22.17
N GLY D 221 30.91 46.49 22.87
CA GLY D 221 31.69 45.40 22.32
C GLY D 221 30.80 44.31 21.73
N CYS D 222 31.32 43.65 20.69
CA CYS D 222 30.58 42.58 20.01
C CYS D 222 31.53 41.50 19.53
N ALA D 223 31.14 40.24 19.74
CA ALA D 223 32.00 39.11 19.40
C ALA D 223 31.92 38.72 17.92
N PHE D 224 31.14 39.44 17.14
CA PHE D 224 30.87 39.10 15.75
C PHE D 224 30.91 40.34 14.87
N ALA D 225 31.89 40.40 13.99
CA ALA D 225 32.16 41.59 13.18
C ALA D 225 30.97 41.98 12.32
N ASP D 226 30.26 40.99 11.79
CA ASP D 226 29.11 41.23 10.93
C ASP D 226 27.98 41.88 11.74
N LEU D 227 27.74 41.37 12.94
CA LEU D 227 26.68 41.90 13.78
C LEU D 227 27.10 43.23 14.39
N ALA D 228 28.40 43.41 14.59
CA ALA D 228 28.93 44.65 15.15
C ALA D 228 28.64 45.80 14.21
N GLU D 229 28.82 45.56 12.91
CA GLU D 229 28.58 46.57 11.89
C GLU D 229 27.09 46.91 11.83
N VAL D 230 26.25 45.88 11.98
CA VAL D 230 24.81 46.09 12.04
C VAL D 230 24.46 46.99 13.23
N MET D 231 25.06 46.70 14.38
CA MET D 231 24.83 47.51 15.58
C MET D 231 25.22 48.96 15.37
N ALA D 232 26.41 49.17 14.81
CA ALA D 232 26.90 50.50 14.48
C ALA D 232 25.87 51.25 13.65
N GLY D 233 25.27 50.56 12.69
CA GLY D 233 24.24 51.13 11.85
C GLY D 233 23.05 51.61 12.65
N VAL D 234 22.69 50.84 13.67
CA VAL D 234 21.55 51.22 14.51
C VAL D 234 21.89 52.45 15.34
N PHE D 235 23.08 52.46 15.93
CA PHE D 235 23.49 53.59 16.75
C PHE D 235 23.63 54.83 15.88
N ALA D 236 24.08 54.63 14.64
CA ALA D 236 24.17 55.72 13.68
C ALA D 236 22.80 56.32 13.41
N ALA D 237 21.83 55.46 13.11
CA ALA D 237 20.45 55.91 12.88
C ALA D 237 19.93 56.71 14.07
N ARG D 238 20.35 56.34 15.28
CA ARG D 238 19.93 57.06 16.48
C ARG D 238 20.73 58.34 16.70
N ARG D 239 21.73 58.58 15.86
CA ARG D 239 22.65 59.70 16.01
C ARG D 239 23.32 59.66 17.40
N SER D 240 23.71 58.47 17.79
CA SER D 240 24.49 58.27 19.01
C SER D 240 25.97 58.51 18.71
N SER D 241 26.73 58.83 19.75
CA SER D 241 28.18 58.94 19.64
C SER D 241 28.81 57.71 20.26
N VAL D 242 29.04 56.69 19.44
CA VAL D 242 29.38 55.37 19.94
C VAL D 242 30.63 54.81 19.27
N LEU D 243 31.41 54.06 20.05
CA LEU D 243 32.43 53.19 19.50
C LEU D 243 31.97 51.75 19.66
N VAL D 244 31.61 51.13 18.54
CA VAL D 244 31.33 49.70 18.52
C VAL D 244 32.64 48.99 18.26
N VAL D 245 33.04 48.10 19.16
CA VAL D 245 34.37 47.48 19.07
C VAL D 245 34.27 45.97 18.92
N HIS D 246 35.21 45.43 18.16
CA HIS D 246 35.30 43.99 17.97
C HIS D 246 36.74 43.54 18.02
N GLY D 247 37.05 42.69 18.99
CA GLY D 247 38.38 42.09 19.05
C GLY D 247 38.59 41.20 17.84
N ASP D 248 39.67 41.44 17.11
CA ASP D 248 40.01 40.60 15.97
C ASP D 248 40.42 39.20 16.42
N ASP D 249 40.49 39.00 17.74
CA ASP D 249 40.67 37.68 18.33
C ASP D 249 39.32 37.06 18.69
N GLY D 250 38.27 37.87 18.66
CA GLY D 250 36.91 37.41 18.88
C GLY D 250 36.27 37.87 20.17
N LEU D 251 36.95 38.74 20.91
CA LEU D 251 36.43 39.21 22.19
C LEU D 251 35.41 40.33 22.00
N ASP D 252 34.40 40.36 22.87
CA ASP D 252 33.38 41.40 22.83
C ASP D 252 33.85 42.66 23.57
N GLU D 253 35.11 43.03 23.33
CA GLU D 253 35.69 44.21 23.96
C GLU D 253 37.04 44.49 23.29
N LEU D 254 37.56 45.69 23.47
CA LEU D 254 38.86 46.02 22.91
C LEU D 254 39.92 45.14 23.54
N THR D 255 40.70 44.48 22.69
CA THR D 255 41.67 43.49 23.16
C THR D 255 43.10 44.04 23.09
N THR D 256 44.00 43.44 23.87
CA THR D 256 45.41 43.79 23.87
C THR D 256 46.26 42.71 23.19
N THR D 257 45.62 41.63 22.78
CA THR D 257 46.32 40.49 22.20
C THR D 257 46.59 40.69 20.71
N THR D 258 45.66 41.39 20.05
CA THR D 258 45.81 41.71 18.64
C THR D 258 45.12 43.03 18.35
N THR D 259 44.94 43.36 17.08
CA THR D 259 44.22 44.56 16.71
C THR D 259 42.75 44.41 17.07
N SER D 260 41.99 45.48 16.87
CA SER D 260 40.54 45.45 17.04
C SER D 260 39.93 46.22 15.89
N THR D 261 38.65 45.93 15.62
CA THR D 261 37.90 46.69 14.64
C THR D 261 36.99 47.64 15.39
N ILE D 262 37.06 48.92 15.04
CA ILE D 262 36.25 49.94 15.66
C ILE D 262 35.39 50.64 14.62
N TRP D 263 34.07 50.61 14.83
CA TRP D 263 33.15 51.41 14.06
C TRP D 263 32.90 52.70 14.83
N ARG D 264 33.59 53.77 14.44
CA ARG D 264 33.39 55.07 15.07
C ARG D 264 32.08 55.67 14.57
N VAL D 265 31.10 55.74 15.47
CA VAL D 265 29.78 56.24 15.13
C VAL D 265 29.57 57.64 15.68
N ALA D 266 29.30 58.59 14.79
CA ALA D 266 29.02 59.96 15.18
C ALA D 266 28.44 60.72 14.00
N ALA D 267 27.66 61.77 14.29
CA ALA D 267 27.04 62.58 13.24
C ALA D 267 26.17 61.73 12.34
N GLY D 268 25.64 60.64 12.89
CA GLY D 268 24.75 59.76 12.16
C GLY D 268 25.45 58.94 11.08
N SER D 269 26.78 58.96 11.09
CA SER D 269 27.57 58.23 10.10
C SER D 269 28.62 57.35 10.77
N VAL D 270 29.16 56.39 10.02
CA VAL D 270 30.06 55.38 10.55
C VAL D 270 31.40 55.34 9.80
N ASP D 271 32.49 55.29 10.56
CA ASP D 271 33.82 55.10 10.00
C ASP D 271 34.44 53.81 10.54
N LYS D 272 34.72 52.88 9.64
CA LYS D 272 35.35 51.62 10.03
C LYS D 272 36.85 51.84 10.20
N LEU D 273 37.38 51.42 11.34
CA LEU D 273 38.78 51.66 11.69
C LEU D 273 39.40 50.42 12.32
N THR D 274 40.69 50.23 12.05
CA THR D 274 41.49 49.22 12.74
C THR D 274 42.23 49.91 13.88
N PHE D 275 42.32 49.22 15.01
CA PHE D 275 42.93 49.79 16.21
C PHE D 275 43.98 48.83 16.77
N ASP D 276 45.19 49.36 16.97
CA ASP D 276 46.30 48.57 17.47
C ASP D 276 46.82 49.16 18.78
N PRO D 277 46.61 48.46 19.91
CA PRO D 277 47.03 49.02 21.20
C PRO D 277 48.55 49.16 21.31
N ALA D 278 49.28 48.41 20.50
CA ALA D 278 50.74 48.49 20.46
C ALA D 278 51.18 49.92 20.15
N GLY D 279 50.40 50.60 19.32
CA GLY D 279 50.67 51.98 18.94
C GLY D 279 50.56 52.96 20.09
N PHE D 280 50.10 52.47 21.24
CA PHE D 280 50.02 53.28 22.45
C PHE D 280 50.89 52.69 23.56
N GLY D 281 51.70 51.70 23.20
CA GLY D 281 52.70 51.15 24.10
C GLY D 281 52.23 50.01 24.97
N PHE D 282 51.11 49.40 24.60
CA PHE D 282 50.56 48.28 25.38
C PHE D 282 51.19 46.96 24.95
N ALA D 283 51.83 46.29 25.90
CA ALA D 283 52.43 44.99 25.64
C ALA D 283 51.37 43.98 25.23
N ARG D 284 51.70 43.16 24.24
CA ARG D 284 50.78 42.13 23.75
C ARG D 284 50.70 40.98 24.73
N ALA D 285 49.49 40.71 25.25
CA ALA D 285 49.26 39.58 26.13
C ALA D 285 48.56 38.44 25.39
N GLN D 286 48.30 37.35 26.10
CA GLN D 286 47.68 36.17 25.50
C GLN D 286 46.16 36.22 25.62
N LEU D 287 45.49 35.23 25.06
CA LEU D 287 44.04 35.14 25.12
C LEU D 287 43.57 35.06 26.56
N ASP D 288 44.23 34.22 27.36
CA ASP D 288 43.93 34.10 28.78
C ASP D 288 44.79 35.09 29.58
N ASP D 294 34.68 33.86 36.35
CA ASP D 294 34.07 33.14 37.46
C ASP D 294 33.22 34.07 38.31
N ALA D 295 32.69 33.52 39.40
CA ALA D 295 31.87 34.28 40.35
C ALA D 295 32.64 34.42 41.67
N GLN D 296 32.65 35.64 42.21
CA GLN D 296 33.39 35.95 43.44
C GLN D 296 34.89 36.04 43.19
N ALA D 297 35.39 35.23 42.26
CA ALA D 297 36.78 35.32 41.82
C ALA D 297 36.94 36.53 40.92
N ASN D 298 35.90 36.84 40.15
CA ASN D 298 35.92 38.00 39.27
C ASN D 298 35.83 39.29 40.08
N ALA D 299 35.29 39.19 41.29
CA ALA D 299 35.21 40.34 42.19
C ALA D 299 36.58 40.67 42.75
N ALA D 300 37.41 39.65 42.95
CA ALA D 300 38.77 39.84 43.44
C ALA D 300 39.61 40.56 42.39
N ALA D 301 39.32 40.27 41.12
CA ALA D 301 40.04 40.89 40.02
C ALA D 301 39.72 42.38 39.92
N VAL D 302 38.49 42.74 40.31
CA VAL D 302 38.07 44.14 40.33
C VAL D 302 38.87 44.90 41.38
N ARG D 303 38.90 44.36 42.59
CA ARG D 303 39.62 44.98 43.70
C ARG D 303 41.09 45.15 43.35
N ALA D 304 41.67 44.11 42.75
CA ALA D 304 43.08 44.11 42.39
C ALA D 304 43.41 45.24 41.42
N VAL D 305 42.66 45.32 40.33
CA VAL D 305 42.91 46.33 39.30
C VAL D 305 42.67 47.74 39.83
N LEU D 306 41.57 47.93 40.54
CA LEU D 306 41.25 49.24 41.09
C LEU D 306 42.23 49.62 42.20
N GLY D 307 42.92 48.62 42.73
CA GLY D 307 43.94 48.83 43.74
C GLY D 307 45.25 49.30 43.13
N GLY D 308 45.39 49.14 41.81
CA GLY D 308 46.54 49.63 41.08
C GLY D 308 47.42 48.52 40.55
N ALA D 309 46.92 47.29 40.58
CA ALA D 309 47.68 46.14 40.08
C ALA D 309 47.94 46.27 38.58
N ARG D 310 49.21 46.21 38.19
CA ARG D 310 49.59 46.22 36.79
C ARG D 310 49.39 44.85 36.17
N GLY D 311 49.31 44.83 34.84
CA GLY D 311 49.07 43.59 34.12
C GLY D 311 48.23 43.77 32.88
N PRO D 312 47.97 42.66 32.15
CA PRO D 312 47.19 42.72 30.91
C PRO D 312 45.75 43.17 31.15
N VAL D 313 45.19 42.75 32.28
CA VAL D 313 43.79 43.05 32.62
C VAL D 313 43.58 44.55 32.81
N ARG D 314 44.49 45.19 33.54
CA ARG D 314 44.45 46.63 33.72
C ARG D 314 44.48 47.32 32.36
N ASP D 315 45.40 46.88 31.50
CA ASP D 315 45.57 47.48 30.18
C ASP D 315 44.28 47.39 29.37
N ALA D 316 43.57 46.28 29.51
CA ALA D 316 42.31 46.08 28.80
C ALA D 316 41.22 46.99 29.37
N VAL D 317 41.15 47.08 30.68
CA VAL D 317 40.19 47.96 31.33
C VAL D 317 40.45 49.42 30.94
N VAL D 318 41.72 49.79 30.88
CA VAL D 318 42.11 51.15 30.52
C VAL D 318 41.77 51.46 29.08
N LEU D 319 42.01 50.49 28.20
CA LEU D 319 41.73 50.68 26.78
C LEU D 319 40.24 50.82 26.52
N ASN D 320 39.43 49.97 27.16
CA ASN D 320 37.98 50.02 27.00
C ASN D 320 37.37 51.26 27.64
N ALA D 321 37.84 51.59 28.84
CA ALA D 321 37.41 52.80 29.52
C ALA D 321 37.73 54.01 28.66
N ALA D 322 38.94 54.03 28.12
CA ALA D 322 39.41 55.12 27.28
C ALA D 322 38.50 55.25 26.05
N GLY D 323 38.10 54.12 25.49
CA GLY D 323 37.20 54.11 24.35
C GLY D 323 35.87 54.77 24.68
N ALA D 324 35.32 54.43 25.85
CA ALA D 324 34.08 55.05 26.29
C ALA D 324 34.24 56.57 26.41
N ILE D 325 35.44 57.01 26.82
CA ILE D 325 35.70 58.44 27.00
C ILE D 325 35.87 59.13 25.65
N VAL D 326 36.44 58.41 24.68
CA VAL D 326 36.51 58.91 23.31
C VAL D 326 35.09 59.08 22.77
N ALA D 327 34.24 58.08 23.00
CA ALA D 327 32.85 58.12 22.55
C ALA D 327 32.13 59.30 23.20
N HIS D 328 32.37 59.49 24.50
CA HIS D 328 31.80 60.62 25.23
C HIS D 328 32.20 61.95 24.58
N ALA D 329 33.46 62.03 24.14
CA ALA D 329 33.98 63.26 23.53
C ALA D 329 33.27 63.55 22.22
N GLY D 330 32.89 62.49 21.51
CA GLY D 330 32.25 62.62 20.22
C GLY D 330 30.89 63.28 20.28
N LEU D 331 30.31 63.35 21.48
CA LEU D 331 29.03 64.01 21.67
C LEU D 331 29.12 65.52 21.42
N SER D 332 30.15 66.16 22.00
CA SER D 332 30.24 67.61 21.99
C SER D 332 31.22 68.14 20.94
N SER D 333 32.10 67.26 20.45
CA SER D 333 33.09 67.65 19.45
C SER D 333 33.33 66.53 18.45
N ALA D 335 36.31 65.88 17.82
CA ALA D 335 37.69 65.89 18.29
C ALA D 335 38.54 64.89 17.50
N GLU D 336 39.81 65.22 17.33
CA GLU D 336 40.71 64.39 16.53
C GLU D 336 40.88 63.00 17.14
N TRP D 337 41.10 62.01 16.28
CA TRP D 337 41.15 60.61 16.68
C TRP D 337 42.27 60.31 17.68
N LEU D 338 43.51 60.43 17.23
CA LEU D 338 44.67 60.10 18.05
C LEU D 338 44.71 60.91 19.35
N PRO D 339 44.52 62.24 19.27
CA PRO D 339 44.50 63.06 20.48
C PRO D 339 43.43 62.62 21.49
N ALA D 340 42.21 62.39 21.01
CA ALA D 340 41.10 62.03 21.90
C ALA D 340 41.37 60.72 22.62
N TRP D 341 42.00 59.78 21.91
CA TRP D 341 42.34 58.48 22.49
C TRP D 341 43.42 58.63 23.54
N GLU D 342 44.41 59.47 23.26
CA GLU D 342 45.48 59.70 24.19
C GLU D 342 44.91 60.31 25.48
N GLU D 343 43.96 61.22 25.32
CA GLU D 343 43.30 61.82 26.47
C GLU D 343 42.54 60.75 27.25
N GLY D 344 41.84 59.88 26.52
CA GLY D 344 41.04 58.83 27.12
C GLY D 344 41.87 57.86 27.94
N LEU D 345 43.05 57.54 27.42
CA LEU D 345 43.96 56.63 28.11
C LEU D 345 44.52 57.28 29.39
N ARG D 346 44.88 58.55 29.30
CA ARG D 346 45.39 59.28 30.45
C ARG D 346 44.35 59.37 31.55
N ARG D 347 43.11 59.69 31.17
CA ARG D 347 42.04 59.87 32.14
C ARG D 347 41.66 58.54 32.79
N ALA D 348 41.64 57.46 32.01
CA ALA D 348 41.33 56.14 32.54
C ALA D 348 42.42 55.71 33.52
N SER D 349 43.68 55.89 33.14
CA SER D 349 44.80 55.54 34.01
C SER D 349 44.74 56.34 35.30
N ALA D 350 44.55 57.63 35.18
CA ALA D 350 44.48 58.52 36.34
C ALA D 350 43.31 58.14 37.25
N ALA D 351 42.19 57.74 36.65
CA ALA D 351 41.03 57.35 37.43
C ALA D 351 41.39 56.20 38.37
N ILE D 352 42.28 55.32 37.91
CA ILE D 352 42.76 54.21 38.72
C ILE D 352 43.82 54.66 39.72
N ASP D 353 44.87 55.29 39.20
CA ASP D 353 46.07 55.56 39.98
C ASP D 353 45.87 56.61 41.06
N THR D 354 44.89 57.49 40.89
CA THR D 354 44.54 58.46 41.95
C THR D 354 43.78 57.79 43.08
N GLY D 355 43.27 56.59 42.80
CA GLY D 355 42.41 55.89 43.73
C GLY D 355 40.94 56.25 43.56
N ALA D 356 40.66 57.14 42.61
CA ALA D 356 39.29 57.63 42.41
C ALA D 356 38.33 56.51 42.03
N ALA D 357 38.82 55.55 41.25
CA ALA D 357 37.99 54.43 40.83
C ALA D 357 37.63 53.54 42.01
N GLU D 358 38.62 53.28 42.87
CA GLU D 358 38.40 52.47 44.06
C GLU D 358 37.44 53.18 45.01
N GLN D 359 37.59 54.50 45.14
CA GLN D 359 36.71 55.29 45.98
C GLN D 359 35.28 55.32 45.45
N LEU D 360 35.13 55.33 44.13
CA LEU D 360 33.80 55.39 43.53
C LEU D 360 33.06 54.08 43.77
N LEU D 361 33.77 52.95 43.64
CA LEU D 361 33.18 51.65 43.92
C LEU D 361 32.69 51.58 45.37
N ALA D 362 33.48 52.14 46.28
CA ALA D 362 33.14 52.13 47.69
C ALA D 362 31.89 52.96 47.94
N ARG D 363 31.82 54.13 47.31
CA ARG D 363 30.65 54.99 47.45
C ARG D 363 29.42 54.33 46.82
N TRP D 364 29.65 53.50 45.81
CA TRP D 364 28.56 52.81 45.14
C TRP D 364 27.96 51.73 46.03
N VAL D 365 28.83 50.98 46.71
CA VAL D 365 28.39 49.99 47.68
C VAL D 365 27.65 50.66 48.83
N ARG D 366 28.18 51.79 49.28
CA ARG D 366 27.57 52.52 50.39
C ARG D 366 26.17 53.00 50.03
N PHE D 367 25.98 53.37 48.76
CA PHE D 367 24.69 53.87 48.29
C PHE D 367 23.59 52.85 48.49
N GLY D 368 23.92 51.59 48.26
CA GLY D 368 22.95 50.51 48.44
C GLY D 368 22.58 50.33 49.89
N ARG D 369 23.60 50.27 50.75
CA ARG D 369 23.40 50.11 52.19
C ARG D 369 22.52 51.22 52.75
N GLN D 370 22.76 52.44 52.31
CA GLN D 370 21.98 53.59 52.76
C GLN D 370 20.69 53.71 51.97
#